data_1XR2
#
_entry.id   1XR2
#
_cell.length_a   164.058
_cell.length_b   159.011
_cell.length_c   64.543
_cell.angle_alpha   90.00
_cell.angle_beta   90.00
_cell.angle_gamma   90.00
#
_symmetry.space_group_name_H-M   'P 21 21 2'
#
loop_
_entity.id
_entity.type
_entity.pdbx_description
1 polymer '5-methyltetrahydropteroyltriglutamate--homocysteine methyltransferase'
2 non-polymer 'SULFATE ION'
3 non-polymer '5-METHYL-5,6,7,8-TETRAHYDROFOLIC ACID'
4 non-polymer MESO-ERYTHRITOL
5 water water
#
_entity_poly.entity_id   1
_entity_poly.type   'polypeptide(L)'
_entity_poly.pdbx_seq_one_letter_code
;MHHHHHHGKPIPNPLLGLDSTENLYFQGIDPFTKAYAFGFPKIGEKREFKKALEDFWKGKITEEQFEEEMNKLRMYMVEN
YRKNVDVIPSNELSYYDFVLDTAVMVGAVPERFGEYRGLSTYFDMARGGKALEMTKFFNTNYHYLVPEIETEEFYLLENK
PLEDYLFFKSKGIETAPWVIGPFTFLYLSKRNGEWIRRPNQMEKLLESLVSVYKEVFEKLVENGCKEILVNEPAFVCDLE
KAHWDLILNVYRELSEFPLTVFTYYDSVSDYEACVSLPVKRLHFDFVSNEENLKNLEKHGFPEDKKLVAGVINGRQPWKV
DLRKVASLVEKLGASAISNSCPLFHLPVTLELENNLPGGLKEKLAFAKEKLEELKMLKDFLEGKTFDLPNVSFEDFAVDL
QAVERVRNLPEDSFRREKEYTERDRIQRERLNLPLFPTTTIGSFPQTPEVRKMRSKYRKGEISKEEYEAFIKEQIKKAIE
LQEEIGLDVLVHGEFERTDMVEFFAEKLNGIATTQNGWVLSYGSRCYRPPIIYGTVTRPEPMTLKEITYAQSLTEKPVKG
MLTGPVTIMSWSYYREDIPEREIAYQIALAINEEVKDLEEAGIKIVQIDEPAFREKAPIKKSKWPEYFEWAINAFNLAAN
ARPETQIHAHMCYSDFNEIIEYIHQLEFDVISIEASRSKGEIISAFENFKGWIKQIGVGVWDIHSPAVPSINEMREIVER
VLRVLPKELIWINPDCGLKTRNWDEVIPSLRNMVALAKEMREKFES
;
_entity_poly.pdbx_strand_id   A,B
#
loop_
_chem_comp.id
_chem_comp.type
_chem_comp.name
_chem_comp.formula
C2F non-polymer '5-METHYL-5,6,7,8-TETRAHYDROFOLIC ACID' 'C20 H25 N7 O6'
MRY non-polymer MESO-ERYTHRITOL 'C4 H10 O4'
SO4 non-polymer 'SULFATE ION' 'O4 S -2'
#
# COMPACT_ATOMS: atom_id res chain seq x y z
N PHE A 32 6.93 -2.45 -47.74
CA PHE A 32 6.90 -1.18 -46.93
C PHE A 32 6.98 -1.40 -45.42
N THR A 33 7.91 -0.66 -44.79
CA THR A 33 8.12 -0.72 -43.35
C THR A 33 7.86 0.67 -42.80
N LYS A 34 6.77 0.81 -42.05
CA LYS A 34 6.39 2.09 -41.46
C LYS A 34 7.28 2.42 -40.28
N ALA A 35 7.94 3.57 -40.35
CA ALA A 35 8.84 4.00 -39.27
C ALA A 35 8.21 5.01 -38.36
N TYR A 36 8.46 4.86 -37.06
CA TYR A 36 7.94 5.74 -36.03
C TYR A 36 9.12 6.29 -35.20
N ALA A 37 8.86 7.36 -34.47
CA ALA A 37 9.87 7.96 -33.58
C ALA A 37 9.15 8.89 -32.63
N PHE A 38 9.68 9.03 -31.42
CA PHE A 38 9.04 9.90 -30.46
C PHE A 38 9.99 10.28 -29.35
N GLY A 39 9.69 11.39 -28.70
CA GLY A 39 10.51 11.86 -27.61
C GLY A 39 11.80 12.55 -28.02
N PHE A 40 11.89 12.99 -29.28
CA PHE A 40 13.08 13.68 -29.74
C PHE A 40 13.25 14.93 -28.86
N PRO A 41 14.46 15.18 -28.36
CA PRO A 41 14.72 16.34 -27.48
C PRO A 41 14.15 17.65 -28.02
N LYS A 42 13.60 18.44 -27.12
CA LYS A 42 13.00 19.74 -27.47
C LYS A 42 13.92 20.91 -27.13
N ILE A 43 15.01 20.65 -26.41
CA ILE A 43 15.92 21.71 -25.98
C ILE A 43 16.72 22.47 -27.03
N GLY A 44 16.96 21.87 -28.19
CA GLY A 44 17.72 22.57 -29.22
C GLY A 44 19.21 22.32 -29.10
N GLU A 45 19.92 22.36 -30.22
CA GLU A 45 21.37 22.12 -30.26
C GLU A 45 22.19 23.09 -29.44
N LYS A 46 21.65 24.28 -29.19
CA LYS A 46 22.37 25.27 -28.40
C LYS A 46 21.56 25.61 -27.16
N ARG A 47 20.70 24.68 -26.78
CA ARG A 47 19.83 24.84 -25.61
C ARG A 47 18.97 26.09 -25.72
N GLU A 48 18.48 26.35 -26.92
CA GLU A 48 17.62 27.50 -27.17
C GLU A 48 16.39 27.45 -26.27
N PHE A 49 15.93 26.25 -25.95
CA PHE A 49 14.75 26.09 -25.11
C PHE A 49 15.03 26.65 -23.71
N LYS A 50 16.20 26.33 -23.19
CA LYS A 50 16.60 26.80 -21.87
C LYS A 50 16.70 28.32 -21.85
N LYS A 51 17.37 28.89 -22.85
CA LYS A 51 17.56 30.34 -22.93
C LYS A 51 16.25 31.08 -23.05
N ALA A 52 15.32 30.57 -23.85
CA ALA A 52 14.02 31.21 -24.03
C ALA A 52 13.17 31.16 -22.76
N LEU A 53 13.28 30.07 -22.03
CA LEU A 53 12.52 29.90 -20.81
C LEU A 53 12.94 30.91 -19.75
N GLU A 54 14.23 30.94 -19.47
CA GLU A 54 14.78 31.84 -18.48
C GLU A 54 14.67 33.30 -18.92
N ASP A 55 14.83 33.57 -20.21
CA ASP A 55 14.71 34.93 -20.71
C ASP A 55 13.29 35.42 -20.43
N PHE A 56 12.31 34.55 -20.69
CA PHE A 56 10.93 34.94 -20.44
C PHE A 56 10.68 35.15 -18.96
N TRP A 57 11.18 34.24 -18.12
CA TRP A 57 10.99 34.37 -16.68
C TRP A 57 11.66 35.63 -16.15
N LYS A 58 12.81 35.97 -16.72
CA LYS A 58 13.55 37.16 -16.31
C LYS A 58 12.91 38.42 -16.90
N GLY A 59 11.98 38.22 -17.82
CA GLY A 59 11.31 39.34 -18.45
C GLY A 59 12.18 39.99 -19.51
N LYS A 60 13.15 39.25 -20.04
CA LYS A 60 14.03 39.79 -21.07
C LYS A 60 13.37 39.76 -22.45
N ILE A 61 12.43 38.84 -22.63
CA ILE A 61 11.72 38.74 -23.90
C ILE A 61 10.22 38.69 -23.66
N THR A 62 9.45 39.09 -24.66
CA THR A 62 8.00 39.10 -24.55
C THR A 62 7.44 37.68 -24.66
N GLU A 63 6.17 37.53 -24.31
CA GLU A 63 5.54 36.22 -24.38
C GLU A 63 5.40 35.83 -25.85
N GLU A 64 5.28 36.82 -26.71
CA GLU A 64 5.15 36.57 -28.14
C GLU A 64 6.50 36.07 -28.65
N GLN A 65 7.57 36.73 -28.23
CA GLN A 65 8.91 36.34 -28.64
C GLN A 65 9.20 34.94 -28.14
N PHE A 66 8.67 34.63 -26.95
CA PHE A 66 8.84 33.30 -26.36
C PHE A 66 8.18 32.29 -27.29
N GLU A 67 6.95 32.59 -27.68
CA GLU A 67 6.19 31.72 -28.58
C GLU A 67 6.94 31.51 -29.88
N GLU A 68 7.45 32.60 -30.44
CA GLU A 68 8.20 32.54 -31.69
C GLU A 68 9.40 31.62 -31.53
N GLU A 69 10.11 31.75 -30.41
CA GLU A 69 11.26 30.90 -30.17
C GLU A 69 10.82 29.44 -30.07
N MET A 70 9.69 29.21 -29.39
CA MET A 70 9.16 27.85 -29.26
C MET A 70 8.79 27.28 -30.63
N ASN A 71 8.26 28.12 -31.51
CA ASN A 71 7.87 27.65 -32.82
C ASN A 71 9.05 27.27 -33.69
N LYS A 72 10.18 27.94 -33.51
CA LYS A 72 11.38 27.61 -34.28
C LYS A 72 11.84 26.22 -33.86
N LEU A 73 11.70 25.90 -32.57
CA LEU A 73 12.07 24.60 -32.05
C LEU A 73 11.14 23.53 -32.58
N ARG A 74 9.87 23.87 -32.74
CA ARG A 74 8.88 22.94 -33.27
C ARG A 74 9.29 22.53 -34.68
N MET A 75 9.63 23.52 -35.51
CA MET A 75 10.03 23.24 -36.88
C MET A 75 11.30 22.38 -36.89
N TYR A 76 12.25 22.72 -36.02
CA TYR A 76 13.49 21.96 -35.94
C TYR A 76 13.23 20.49 -35.60
N MET A 77 12.29 20.24 -34.69
CA MET A 77 11.96 18.89 -34.30
C MET A 77 11.28 18.14 -35.45
N VAL A 78 10.31 18.78 -36.07
CA VAL A 78 9.58 18.19 -37.18
C VAL A 78 10.45 17.90 -38.40
N GLU A 79 11.43 18.75 -38.65
CA GLU A 79 12.31 18.53 -39.80
C GLU A 79 13.18 17.30 -39.53
N ASN A 80 13.60 17.12 -38.29
CA ASN A 80 14.42 15.95 -37.95
C ASN A 80 13.63 14.64 -38.12
N TYR A 81 12.35 14.67 -37.75
CA TYR A 81 11.50 13.49 -37.89
C TYR A 81 11.25 13.19 -39.36
N ARG A 82 10.80 14.21 -40.09
CA ARG A 82 10.49 14.09 -41.52
C ARG A 82 11.63 13.48 -42.30
N LYS A 83 12.86 13.87 -41.97
CA LYS A 83 14.03 13.36 -42.67
C LYS A 83 14.36 11.91 -42.35
N ASN A 84 13.69 11.32 -41.37
CA ASN A 84 14.04 9.96 -41.03
C ASN A 84 12.91 8.96 -40.88
N VAL A 85 11.73 9.42 -40.46
CA VAL A 85 10.64 8.48 -40.27
C VAL A 85 9.35 8.87 -41.00
N ASP A 86 8.39 7.96 -41.00
CA ASP A 86 7.11 8.17 -41.67
C ASP A 86 6.06 8.89 -40.83
N VAL A 87 6.03 8.61 -39.53
CA VAL A 87 5.06 9.23 -38.67
C VAL A 87 5.68 10.37 -37.87
N ILE A 88 5.16 11.58 -38.10
CA ILE A 88 5.64 12.76 -37.42
C ILE A 88 4.78 13.08 -36.20
N PRO A 89 5.40 13.10 -35.01
CA PRO A 89 4.69 13.39 -33.77
C PRO A 89 4.46 14.88 -33.58
N SER A 90 3.41 15.23 -32.84
CA SER A 90 3.11 16.61 -32.51
C SER A 90 2.73 16.65 -31.03
N ASN A 91 2.59 17.85 -30.48
CA ASN A 91 2.21 18.04 -29.09
C ASN A 91 3.34 17.54 -28.16
N GLU A 92 4.58 17.61 -28.64
CA GLU A 92 5.74 17.15 -27.87
C GLU A 92 6.51 18.28 -27.20
N LEU A 93 6.33 19.50 -27.70
CA LEU A 93 7.06 20.64 -27.15
C LEU A 93 6.36 21.31 -25.94
N SER A 94 6.49 20.67 -24.78
CA SER A 94 5.90 21.19 -23.55
C SER A 94 6.72 22.36 -23.04
N TYR A 95 6.05 23.39 -22.53
CA TYR A 95 6.77 24.54 -22.02
C TYR A 95 7.40 24.29 -20.65
N TYR A 96 7.13 23.12 -20.06
CA TYR A 96 7.73 22.76 -18.78
C TYR A 96 7.65 21.26 -18.52
N ASP A 97 6.46 20.70 -18.66
CA ASP A 97 6.29 19.26 -18.44
C ASP A 97 5.03 18.72 -19.09
N PHE A 98 5.19 17.63 -19.83
CA PHE A 98 4.06 17.03 -20.51
C PHE A 98 3.01 16.43 -19.58
N VAL A 99 3.38 16.04 -18.36
CA VAL A 99 2.37 15.49 -17.46
C VAL A 99 1.48 16.65 -16.98
N LEU A 100 2.11 17.80 -16.74
CA LEU A 100 1.38 19.00 -16.33
C LEU A 100 0.47 19.41 -17.49
N ASP A 101 0.98 19.28 -18.72
CA ASP A 101 0.18 19.65 -19.88
C ASP A 101 -1.11 18.83 -19.89
N THR A 102 -0.97 17.54 -19.57
CA THR A 102 -2.11 16.63 -19.54
C THR A 102 -3.13 17.07 -18.49
N ALA A 103 -2.62 17.51 -17.35
CA ALA A 103 -3.46 17.96 -16.26
C ALA A 103 -4.25 19.20 -16.66
N VAL A 104 -3.62 20.08 -17.44
CA VAL A 104 -4.29 21.28 -17.90
C VAL A 104 -5.37 20.90 -18.91
N MET A 105 -5.01 20.05 -19.86
CA MET A 105 -5.96 19.59 -20.86
C MET A 105 -7.27 19.11 -20.22
N VAL A 106 -7.19 18.30 -19.17
CA VAL A 106 -8.38 17.78 -18.53
C VAL A 106 -8.91 18.60 -17.34
N GLY A 107 -8.50 19.86 -17.27
CA GLY A 107 -8.96 20.74 -16.21
C GLY A 107 -8.45 20.48 -14.79
N ALA A 108 -7.45 19.63 -14.63
CA ALA A 108 -6.91 19.35 -13.29
C ALA A 108 -6.02 20.50 -12.81
N VAL A 109 -6.66 21.63 -12.47
CA VAL A 109 -5.93 22.80 -12.01
C VAL A 109 -6.35 23.09 -10.57
N PRO A 110 -5.48 22.82 -9.60
CA PRO A 110 -5.81 23.06 -8.19
C PRO A 110 -6.38 24.45 -7.91
N GLU A 111 -7.42 24.49 -7.08
CA GLU A 111 -8.11 25.71 -6.71
C GLU A 111 -7.19 26.86 -6.28
N ARG A 112 -6.07 26.54 -5.65
CA ARG A 112 -5.15 27.58 -5.18
C ARG A 112 -4.54 28.45 -6.28
N PHE A 113 -4.72 28.06 -7.53
CA PHE A 113 -4.18 28.83 -8.64
C PHE A 113 -5.24 29.76 -9.21
N GLY A 114 -6.48 29.58 -8.76
CA GLY A 114 -7.57 30.40 -9.23
C GLY A 114 -7.94 30.10 -10.68
N GLU A 115 -8.37 31.14 -11.39
CA GLU A 115 -8.76 31.03 -12.79
C GLU A 115 -7.52 30.80 -13.65
N TYR A 116 -7.56 29.81 -14.52
CA TYR A 116 -6.43 29.51 -15.39
C TYR A 116 -6.33 30.62 -16.42
N ARG A 117 -5.24 31.38 -16.37
CA ARG A 117 -5.03 32.50 -17.29
C ARG A 117 -4.06 32.21 -18.41
N GLY A 118 -3.48 31.01 -18.42
CA GLY A 118 -2.54 30.66 -19.47
C GLY A 118 -1.13 30.45 -18.93
N LEU A 119 -0.13 30.87 -19.70
CA LEU A 119 1.26 30.72 -19.28
C LEU A 119 1.55 31.22 -17.88
N SER A 120 0.94 32.33 -17.50
CA SER A 120 1.16 32.86 -16.16
C SER A 120 0.80 31.79 -15.14
N THR A 121 -0.40 31.23 -15.27
CA THR A 121 -0.86 30.18 -14.35
C THR A 121 0.00 28.92 -14.52
N TYR A 122 0.29 28.58 -15.78
CA TYR A 122 1.09 27.40 -16.11
C TYR A 122 2.38 27.41 -15.31
N PHE A 123 3.22 28.43 -15.52
CA PHE A 123 4.48 28.53 -14.81
C PHE A 123 4.34 28.58 -13.28
N ASP A 124 3.20 29.03 -12.78
CA ASP A 124 2.98 29.08 -11.34
C ASP A 124 2.79 27.67 -10.81
N MET A 125 2.17 26.81 -11.62
CA MET A 125 1.95 25.42 -11.25
C MET A 125 3.29 24.68 -11.29
N ALA A 126 4.13 25.09 -12.24
CA ALA A 126 5.44 24.49 -12.44
C ALA A 126 6.54 24.93 -11.49
N ARG A 127 6.50 26.20 -11.10
CA ARG A 127 7.51 26.74 -10.21
C ARG A 127 6.97 27.79 -9.27
N GLY A 128 7.75 28.12 -8.24
CA GLY A 128 7.33 29.11 -7.27
C GLY A 128 6.89 28.49 -5.94
N GLY A 129 6.25 29.30 -5.12
CA GLY A 129 5.82 28.84 -3.81
C GLY A 129 4.56 28.01 -3.76
N LYS A 130 3.80 27.97 -4.85
CA LYS A 130 2.56 27.21 -4.89
C LYS A 130 2.59 26.05 -5.91
N ALA A 131 3.77 25.79 -6.46
CA ALA A 131 3.97 24.75 -7.46
C ALA A 131 3.60 23.35 -7.05
N LEU A 132 3.24 22.55 -8.05
CA LEU A 132 2.90 21.15 -7.85
C LEU A 132 4.19 20.44 -7.42
N GLU A 133 4.05 19.22 -6.92
CA GLU A 133 5.20 18.45 -6.50
C GLU A 133 5.99 17.95 -7.71
N MET A 134 7.30 17.86 -7.58
CA MET A 134 8.15 17.36 -8.65
C MET A 134 8.75 16.03 -8.19
N THR A 135 8.75 15.04 -9.09
CA THR A 135 9.31 13.71 -8.77
C THR A 135 9.82 13.02 -10.03
N LYS A 136 10.58 11.95 -9.87
CA LYS A 136 11.12 11.24 -11.02
C LYS A 136 10.04 10.53 -11.86
N PHE A 137 10.20 10.64 -13.16
CA PHE A 137 9.30 10.01 -14.13
C PHE A 137 9.81 8.56 -14.24
N PHE A 138 9.08 7.63 -13.65
CA PHE A 138 9.45 6.23 -13.61
C PHE A 138 10.89 6.09 -13.11
N ASN A 139 11.70 5.27 -13.77
CA ASN A 139 13.08 5.11 -13.31
C ASN A 139 14.07 5.96 -14.10
N THR A 140 13.63 7.11 -14.60
CA THR A 140 14.52 7.91 -15.41
C THR A 140 15.15 9.14 -14.76
N ASN A 141 15.91 9.87 -15.57
CA ASN A 141 16.59 11.08 -15.16
C ASN A 141 15.63 12.27 -15.22
N TYR A 142 14.53 12.12 -15.93
CA TYR A 142 13.55 13.19 -16.07
C TYR A 142 12.57 13.27 -14.90
N HIS A 143 12.18 14.50 -14.54
CA HIS A 143 11.24 14.70 -13.45
C HIS A 143 10.00 15.40 -13.95
N TYR A 144 8.84 14.88 -13.57
CA TYR A 144 7.57 15.48 -13.98
C TYR A 144 6.89 16.13 -12.79
N LEU A 145 5.81 16.86 -13.09
CA LEU A 145 5.03 17.55 -12.06
C LEU A 145 3.81 16.71 -11.74
N VAL A 146 3.63 16.42 -10.46
CA VAL A 146 2.51 15.59 -9.99
C VAL A 146 1.17 16.30 -9.93
N PRO A 147 0.21 15.88 -10.76
CA PRO A 147 -1.12 16.48 -10.77
C PRO A 147 -1.82 16.19 -9.45
N GLU A 148 -2.62 17.14 -8.98
CA GLU A 148 -3.36 17.02 -7.75
C GLU A 148 -4.84 17.03 -8.11
N ILE A 149 -5.49 15.87 -7.97
CA ILE A 149 -6.91 15.75 -8.33
C ILE A 149 -7.83 16.17 -7.19
N GLU A 150 -8.33 17.40 -7.24
CA GLU A 150 -9.21 17.90 -6.20
C GLU A 150 -10.68 17.63 -6.46
N THR A 151 -11.05 17.41 -7.71
CA THR A 151 -12.43 17.12 -8.06
C THR A 151 -12.52 15.91 -8.97
N GLU A 152 -13.60 15.16 -8.85
CA GLU A 152 -13.80 13.97 -9.66
C GLU A 152 -14.37 14.28 -11.04
N GLU A 153 -14.52 15.56 -11.37
CA GLU A 153 -15.07 15.93 -12.66
C GLU A 153 -14.08 16.64 -13.58
N PHE A 154 -13.58 15.94 -14.58
CA PHE A 154 -12.64 16.52 -15.53
C PHE A 154 -13.45 17.12 -16.67
N TYR A 155 -12.91 18.16 -17.29
CA TYR A 155 -13.57 18.80 -18.43
C TYR A 155 -12.46 19.26 -19.37
N LEU A 156 -12.80 19.40 -20.66
CA LEU A 156 -11.80 19.82 -21.63
C LEU A 156 -11.48 21.30 -21.49
N LEU A 157 -10.51 21.60 -20.65
CA LEU A 157 -10.10 22.98 -20.43
C LEU A 157 -9.39 23.58 -21.64
N GLU A 158 -8.39 22.88 -22.14
CA GLU A 158 -7.64 23.35 -23.31
C GLU A 158 -7.18 22.17 -24.15
N ASN A 159 -7.50 22.21 -25.44
CA ASN A 159 -7.10 21.14 -26.34
C ASN A 159 -5.77 21.44 -27.02
N LYS A 160 -4.68 21.37 -26.27
CA LYS A 160 -3.36 21.63 -26.83
C LYS A 160 -3.04 20.65 -27.98
N PRO A 161 -3.55 19.41 -27.91
CA PRO A 161 -3.24 18.48 -29.01
C PRO A 161 -3.78 19.02 -30.32
N LEU A 162 -5.00 19.58 -30.28
CA LEU A 162 -5.61 20.12 -31.49
C LEU A 162 -4.88 21.36 -31.96
N GLU A 163 -4.43 22.18 -31.02
CA GLU A 163 -3.72 23.40 -31.35
C GLU A 163 -2.45 23.06 -32.12
N ASP A 164 -1.63 22.17 -31.56
CA ASP A 164 -0.38 21.80 -32.20
C ASP A 164 -0.62 21.09 -33.51
N TYR A 165 -1.66 20.26 -33.54
CA TYR A 165 -1.99 19.53 -34.76
C TYR A 165 -2.23 20.52 -35.90
N LEU A 166 -3.04 21.53 -35.62
CA LEU A 166 -3.36 22.55 -36.61
C LEU A 166 -2.17 23.42 -36.98
N PHE A 167 -1.31 23.71 -36.00
CA PHE A 167 -0.13 24.53 -36.27
C PHE A 167 0.71 23.88 -37.37
N PHE A 168 0.97 22.58 -37.26
CA PHE A 168 1.76 21.90 -38.29
C PHE A 168 0.98 21.74 -39.59
N LYS A 169 -0.33 21.53 -39.50
CA LYS A 169 -1.19 21.41 -40.68
C LYS A 169 -1.09 22.69 -41.51
N SER A 170 -1.06 23.83 -40.83
CA SER A 170 -0.97 25.14 -41.47
C SER A 170 0.32 25.26 -42.27
N LYS A 171 1.37 24.62 -41.78
CA LYS A 171 2.65 24.66 -42.47
C LYS A 171 2.68 23.50 -43.47
N GLY A 172 1.53 22.87 -43.65
CA GLY A 172 1.41 21.77 -44.59
C GLY A 172 2.01 20.44 -44.15
N ILE A 173 2.10 20.23 -42.84
CA ILE A 173 2.69 19.00 -42.31
C ILE A 173 1.68 18.21 -41.47
N GLU A 174 1.42 16.96 -41.87
CA GLU A 174 0.49 16.09 -41.16
C GLU A 174 1.22 15.47 -39.97
N THR A 175 0.60 15.46 -38.80
CA THR A 175 1.25 14.91 -37.62
C THR A 175 0.35 14.07 -36.71
N ALA A 176 0.98 13.21 -35.91
CA ALA A 176 0.29 12.33 -34.98
C ALA A 176 0.49 12.83 -33.54
N PRO A 177 -0.55 13.42 -32.95
CA PRO A 177 -0.47 13.95 -31.58
C PRO A 177 0.08 12.93 -30.56
N TRP A 178 1.00 13.40 -29.73
CA TRP A 178 1.63 12.57 -28.69
C TRP A 178 0.96 12.92 -27.36
N VAL A 179 0.23 11.98 -26.77
CA VAL A 179 -0.44 12.24 -25.51
C VAL A 179 -0.21 11.16 -24.46
N ILE A 180 -0.26 11.57 -23.19
CA ILE A 180 -0.11 10.63 -22.09
C ILE A 180 -1.49 9.98 -21.92
N GLY A 181 -1.52 8.66 -21.95
CA GLY A 181 -2.77 7.93 -21.81
C GLY A 181 -3.54 8.19 -20.53
N PRO A 182 -4.87 7.91 -20.52
CA PRO A 182 -5.68 8.14 -19.32
C PRO A 182 -5.23 7.30 -18.12
N PHE A 183 -4.85 6.05 -18.36
CA PHE A 183 -4.43 5.20 -17.25
C PHE A 183 -3.14 5.69 -16.62
N THR A 184 -2.14 5.96 -17.43
CA THR A 184 -0.86 6.44 -16.90
C THR A 184 -1.01 7.80 -16.21
N PHE A 185 -1.88 8.66 -16.74
CA PHE A 185 -2.08 9.99 -16.15
C PHE A 185 -2.51 9.92 -14.68
N LEU A 186 -3.54 9.13 -14.41
CA LEU A 186 -4.04 8.95 -13.05
C LEU A 186 -3.00 8.25 -12.18
N TYR A 187 -2.30 7.28 -12.76
CA TYR A 187 -1.29 6.52 -12.05
C TYR A 187 -0.14 7.42 -11.59
N LEU A 188 0.11 8.52 -12.31
CA LEU A 188 1.18 9.44 -11.96
C LEU A 188 0.67 10.61 -11.13
N SER A 189 -0.60 10.59 -10.78
CA SER A 189 -1.20 11.68 -10.01
C SER A 189 -1.58 11.21 -8.63
N LYS A 190 -2.00 12.15 -7.79
CA LYS A 190 -2.42 11.81 -6.44
C LYS A 190 -3.62 12.62 -6.01
N ARG A 191 -4.37 12.06 -5.06
CA ARG A 191 -5.56 12.71 -4.52
C ARG A 191 -5.45 12.63 -3.01
N ASN A 192 -5.62 13.78 -2.35
CA ASN A 192 -5.53 13.85 -0.89
C ASN A 192 -4.15 13.39 -0.43
N GLY A 193 -3.14 13.67 -1.24
CA GLY A 193 -1.77 13.31 -0.90
C GLY A 193 -1.36 11.86 -1.14
N GLU A 194 -2.26 11.04 -1.66
CA GLU A 194 -1.96 9.64 -1.92
C GLU A 194 -2.00 9.29 -3.40
N TRP A 195 -1.19 8.31 -3.82
CA TRP A 195 -1.18 7.90 -5.23
C TRP A 195 -2.53 7.32 -5.63
N ILE A 196 -2.93 7.56 -6.88
CA ILE A 196 -4.21 7.06 -7.39
C ILE A 196 -3.87 5.79 -8.19
N ARG A 197 -3.38 4.77 -7.49
CA ARG A 197 -2.96 3.56 -8.17
C ARG A 197 -3.77 2.29 -7.98
N ARG A 198 -4.65 2.27 -6.97
CA ARG A 198 -5.50 1.10 -6.73
C ARG A 198 -6.74 1.16 -7.61
N PRO A 199 -7.10 0.02 -8.22
CA PRO A 199 -8.28 -0.05 -9.10
C PRO A 199 -9.51 0.68 -8.54
N ASN A 200 -9.83 0.45 -7.26
CA ASN A 200 -10.99 1.11 -6.66
C ASN A 200 -10.81 2.62 -6.63
N GLN A 201 -9.56 3.07 -6.56
CA GLN A 201 -9.28 4.52 -6.53
C GLN A 201 -9.46 5.16 -7.91
N MET A 202 -9.14 4.41 -8.96
CA MET A 202 -9.20 4.93 -10.31
C MET A 202 -10.54 4.76 -11.03
N GLU A 203 -11.24 3.67 -10.74
CA GLU A 203 -12.51 3.36 -11.40
C GLU A 203 -13.44 4.53 -11.69
N LYS A 204 -13.93 5.19 -10.65
CA LYS A 204 -14.84 6.31 -10.81
C LYS A 204 -14.24 7.43 -11.67
N LEU A 205 -13.03 7.86 -11.31
CA LEU A 205 -12.35 8.94 -12.03
C LEU A 205 -12.17 8.63 -13.52
N LEU A 206 -11.74 7.41 -13.84
CA LEU A 206 -11.54 7.02 -15.22
C LEU A 206 -12.72 7.26 -16.16
N GLU A 207 -13.93 6.96 -15.68
CA GLU A 207 -15.12 7.17 -16.50
C GLU A 207 -15.23 8.63 -16.91
N SER A 208 -14.97 9.52 -15.98
CA SER A 208 -15.04 10.95 -16.26
C SER A 208 -13.84 11.39 -17.09
N LEU A 209 -12.67 10.83 -16.75
CA LEU A 209 -11.44 11.18 -17.46
C LEU A 209 -11.48 10.78 -18.94
N VAL A 210 -11.95 9.56 -19.19
CA VAL A 210 -12.02 9.06 -20.57
C VAL A 210 -12.92 9.91 -21.45
N SER A 211 -13.96 10.49 -20.85
CA SER A 211 -14.88 11.35 -21.57
C SER A 211 -14.16 12.53 -22.23
N VAL A 212 -13.28 13.17 -21.47
CA VAL A 212 -12.51 14.30 -22.01
C VAL A 212 -11.61 13.83 -23.14
N TYR A 213 -10.93 12.70 -22.95
CA TYR A 213 -10.06 12.15 -23.98
C TYR A 213 -10.89 11.92 -25.23
N LYS A 214 -12.14 11.51 -25.04
CA LYS A 214 -13.07 11.25 -26.13
C LYS A 214 -13.33 12.52 -26.93
N GLU A 215 -13.58 13.62 -26.23
CA GLU A 215 -13.84 14.89 -26.88
C GLU A 215 -12.59 15.33 -27.64
N VAL A 216 -11.43 15.18 -27.02
CA VAL A 216 -10.16 15.57 -27.65
C VAL A 216 -9.88 14.80 -28.94
N PHE A 217 -10.10 13.49 -28.89
CA PHE A 217 -9.88 12.64 -30.06
C PHE A 217 -10.90 12.91 -31.16
N GLU A 218 -12.14 13.20 -30.75
CA GLU A 218 -13.20 13.49 -31.72
C GLU A 218 -12.86 14.75 -32.52
N LYS A 219 -12.33 15.76 -31.82
CA LYS A 219 -11.97 17.02 -32.46
C LYS A 219 -10.79 16.89 -33.41
N LEU A 220 -9.88 15.96 -33.13
CA LEU A 220 -8.71 15.74 -33.97
C LEU A 220 -9.10 15.07 -35.28
N VAL A 221 -9.94 14.05 -35.18
CA VAL A 221 -10.37 13.31 -36.36
C VAL A 221 -11.19 14.19 -37.28
N GLU A 222 -11.99 15.07 -36.70
CA GLU A 222 -12.83 15.97 -37.49
C GLU A 222 -11.95 16.92 -38.30
N ASN A 223 -10.76 17.21 -37.79
CA ASN A 223 -9.87 18.12 -38.51
C ASN A 223 -8.89 17.37 -39.39
N GLY A 224 -9.10 16.07 -39.54
CA GLY A 224 -8.26 15.26 -40.39
C GLY A 224 -7.13 14.45 -39.76
N CYS A 225 -7.03 14.41 -38.44
CA CYS A 225 -5.95 13.63 -37.82
C CYS A 225 -6.16 12.14 -38.15
N LYS A 226 -5.11 11.51 -38.67
CA LYS A 226 -5.19 10.10 -39.04
C LYS A 226 -4.67 9.14 -37.97
N GLU A 227 -3.75 9.60 -37.11
CA GLU A 227 -3.21 8.73 -36.07
C GLU A 227 -2.88 9.51 -34.81
N ILE A 228 -3.14 8.89 -33.66
CA ILE A 228 -2.89 9.48 -32.35
C ILE A 228 -1.99 8.56 -31.54
N LEU A 229 -0.89 9.11 -31.01
CA LEU A 229 0.08 8.31 -30.23
C LEU A 229 -0.17 8.40 -28.73
N VAL A 230 -0.72 7.34 -28.17
CA VAL A 230 -1.03 7.27 -26.74
C VAL A 230 0.06 6.53 -25.96
N ASN A 231 0.59 7.19 -24.94
CA ASN A 231 1.65 6.60 -24.12
C ASN A 231 1.12 6.02 -22.82
N GLU A 232 1.28 4.72 -22.64
CA GLU A 232 0.82 4.04 -21.43
C GLU A 232 1.95 3.24 -20.79
N PRO A 233 3.04 3.91 -20.37
CA PRO A 233 4.17 3.23 -19.75
C PRO A 233 3.81 2.55 -18.42
N ALA A 234 2.78 3.06 -17.74
CA ALA A 234 2.35 2.46 -16.48
C ALA A 234 1.92 1.00 -16.67
N PHE A 235 1.72 0.59 -17.92
CA PHE A 235 1.34 -0.80 -18.19
C PHE A 235 2.49 -1.73 -17.81
N VAL A 236 3.69 -1.15 -17.63
CA VAL A 236 4.87 -1.96 -17.29
C VAL A 236 5.11 -2.08 -15.77
N CYS A 237 4.25 -1.47 -14.98
CA CYS A 237 4.38 -1.56 -13.52
C CYS A 237 3.77 -2.91 -13.13
N ASP A 238 4.08 -3.39 -11.94
CA ASP A 238 3.52 -4.65 -11.46
C ASP A 238 2.02 -4.42 -11.18
N LEU A 239 1.20 -4.52 -12.22
CA LEU A 239 -0.24 -4.31 -12.05
C LEU A 239 -1.02 -5.57 -11.64
N GLU A 240 -2.25 -5.35 -11.20
CA GLU A 240 -3.12 -6.43 -10.80
C GLU A 240 -4.01 -6.79 -11.98
N LYS A 241 -4.56 -8.00 -11.96
CA LYS A 241 -5.46 -8.40 -13.03
C LYS A 241 -6.58 -7.36 -13.05
N ALA A 242 -6.98 -6.90 -11.85
CA ALA A 242 -8.05 -5.92 -11.74
C ALA A 242 -7.74 -4.64 -12.49
N HIS A 243 -6.46 -4.27 -12.59
CA HIS A 243 -6.12 -3.07 -13.35
C HIS A 243 -6.44 -3.30 -14.82
N TRP A 244 -6.07 -4.47 -15.32
CA TRP A 244 -6.33 -4.79 -16.72
C TRP A 244 -7.81 -4.83 -17.08
N ASP A 245 -8.67 -5.20 -16.14
CA ASP A 245 -10.10 -5.22 -16.44
C ASP A 245 -10.53 -3.75 -16.65
N LEU A 246 -9.91 -2.85 -15.89
CA LEU A 246 -10.23 -1.42 -16.02
C LEU A 246 -9.71 -0.90 -17.36
N ILE A 247 -8.47 -1.25 -17.67
CA ILE A 247 -7.84 -0.83 -18.90
C ILE A 247 -8.65 -1.28 -20.13
N LEU A 248 -9.29 -2.45 -20.04
CA LEU A 248 -10.09 -2.93 -21.17
C LEU A 248 -11.33 -2.04 -21.36
N ASN A 249 -11.97 -1.66 -20.25
CA ASN A 249 -13.14 -0.80 -20.35
C ASN A 249 -12.77 0.56 -20.89
N VAL A 250 -11.68 1.12 -20.37
CA VAL A 250 -11.23 2.42 -20.85
C VAL A 250 -11.05 2.44 -22.38
N TYR A 251 -10.28 1.49 -22.90
CA TYR A 251 -10.04 1.47 -24.34
C TYR A 251 -11.19 0.98 -25.19
N ARG A 252 -12.06 0.14 -24.64
CA ARG A 252 -13.22 -0.31 -25.42
C ARG A 252 -14.00 0.96 -25.78
N GLU A 253 -13.97 1.95 -24.90
CA GLU A 253 -14.67 3.21 -25.11
C GLU A 253 -13.95 4.14 -26.09
N LEU A 254 -12.68 3.84 -26.36
CA LEU A 254 -11.92 4.68 -27.27
C LEU A 254 -11.60 3.93 -28.56
N SER A 255 -12.27 2.79 -28.77
CA SER A 255 -12.03 1.99 -29.96
C SER A 255 -12.33 2.70 -31.27
N GLU A 256 -13.29 3.62 -31.29
CA GLU A 256 -13.63 4.33 -32.54
C GLU A 256 -12.53 5.27 -33.06
N PHE A 257 -11.46 5.49 -32.28
CA PHE A 257 -10.39 6.39 -32.71
C PHE A 257 -9.10 5.68 -33.16
N PRO A 258 -8.39 6.29 -34.13
CA PRO A 258 -7.13 5.76 -34.67
C PRO A 258 -5.97 5.89 -33.70
N LEU A 259 -6.04 5.11 -32.63
CA LEU A 259 -5.01 5.16 -31.60
C LEU A 259 -3.90 4.12 -31.75
N THR A 260 -2.69 4.50 -31.36
CA THR A 260 -1.54 3.60 -31.37
C THR A 260 -0.99 3.71 -29.95
N VAL A 261 -1.04 2.61 -29.19
CA VAL A 261 -0.56 2.62 -27.82
C VAL A 261 0.89 2.19 -27.66
N PHE A 262 1.64 3.00 -26.91
CA PHE A 262 3.06 2.74 -26.64
C PHE A 262 3.34 2.38 -25.19
N THR A 263 4.25 1.44 -24.99
CA THR A 263 4.65 1.04 -23.64
C THR A 263 6.16 0.92 -23.65
N TYR A 264 6.81 1.35 -22.58
CA TYR A 264 8.26 1.29 -22.54
C TYR A 264 8.86 1.41 -21.15
N TYR A 265 10.16 1.11 -21.06
CA TYR A 265 10.97 1.13 -19.85
C TYR A 265 11.07 -0.26 -19.22
N ASP A 266 10.19 -1.16 -19.65
CA ASP A 266 10.19 -2.54 -19.16
C ASP A 266 9.08 -3.31 -19.88
N SER A 267 9.00 -4.61 -19.67
CA SER A 267 7.97 -5.41 -20.33
C SER A 267 6.58 -5.15 -19.76
N VAL A 268 5.55 -5.40 -20.58
CA VAL A 268 4.16 -5.20 -20.15
C VAL A 268 3.79 -6.27 -19.13
N SER A 269 3.22 -5.85 -18.01
CA SER A 269 2.85 -6.78 -16.92
C SER A 269 1.97 -7.97 -17.32
N ASP A 270 1.00 -7.77 -18.21
CA ASP A 270 0.12 -8.87 -18.64
C ASP A 270 -0.01 -8.85 -20.15
N TYR A 271 0.89 -9.58 -20.82
CA TYR A 271 0.92 -9.63 -22.28
C TYR A 271 -0.39 -9.97 -22.97
N GLU A 272 -1.04 -11.05 -22.57
CA GLU A 272 -2.30 -11.47 -23.19
C GLU A 272 -3.38 -10.41 -23.05
N ALA A 273 -3.53 -9.88 -21.84
CA ALA A 273 -4.55 -8.87 -21.60
C ALA A 273 -4.26 -7.64 -22.46
N CYS A 274 -2.99 -7.25 -22.56
CA CYS A 274 -2.62 -6.08 -23.34
C CYS A 274 -2.88 -6.27 -24.83
N VAL A 275 -2.48 -7.40 -25.40
CA VAL A 275 -2.70 -7.62 -26.82
C VAL A 275 -4.18 -7.88 -27.16
N SER A 276 -5.02 -8.03 -26.16
CA SER A 276 -6.44 -8.27 -26.39
C SER A 276 -7.22 -6.97 -26.37
N LEU A 277 -6.50 -5.89 -26.06
CA LEU A 277 -7.06 -4.55 -26.02
C LEU A 277 -7.58 -4.15 -27.39
N PRO A 278 -8.77 -3.53 -27.44
CA PRO A 278 -9.30 -3.12 -28.75
C PRO A 278 -8.59 -1.88 -29.31
N VAL A 279 -7.39 -2.10 -29.86
CA VAL A 279 -6.58 -1.04 -30.47
C VAL A 279 -5.96 -1.68 -31.71
N LYS A 280 -5.96 -0.97 -32.83
CA LYS A 280 -5.43 -1.54 -34.08
C LYS A 280 -3.92 -1.74 -34.10
N ARG A 281 -3.18 -0.90 -33.37
CA ARG A 281 -1.73 -1.03 -33.36
C ARG A 281 -1.08 -0.84 -31.99
N LEU A 282 -0.17 -1.75 -31.67
CA LEU A 282 0.51 -1.73 -30.39
C LEU A 282 2.02 -1.68 -30.47
N HIS A 283 2.60 -0.75 -29.71
CA HIS A 283 4.04 -0.63 -29.64
C HIS A 283 4.51 -1.28 -28.33
N PHE A 284 5.64 -1.98 -28.40
CA PHE A 284 6.25 -2.63 -27.23
C PHE A 284 7.73 -2.29 -27.22
N ASP A 285 8.31 -2.26 -26.02
CA ASP A 285 9.72 -1.97 -25.82
C ASP A 285 10.45 -3.33 -25.80
N PHE A 286 11.19 -3.63 -26.86
CA PHE A 286 11.91 -4.90 -26.94
C PHE A 286 13.39 -4.76 -26.62
N VAL A 287 13.78 -3.58 -26.12
CA VAL A 287 15.16 -3.31 -25.79
C VAL A 287 15.53 -3.41 -24.30
N SER A 288 14.69 -2.84 -23.44
CA SER A 288 14.96 -2.82 -21.99
C SER A 288 14.64 -4.10 -21.22
N ASN A 289 14.04 -5.08 -21.89
CA ASN A 289 13.67 -6.30 -21.22
C ASN A 289 13.67 -7.44 -22.22
N GLU A 290 13.52 -8.65 -21.72
CA GLU A 290 13.50 -9.84 -22.58
C GLU A 290 12.14 -10.52 -22.47
N GLU A 291 11.35 -10.16 -21.46
CA GLU A 291 10.06 -10.78 -21.27
C GLU A 291 9.05 -10.52 -22.41
N ASN A 292 9.00 -9.29 -22.94
CA ASN A 292 8.07 -9.04 -24.04
C ASN A 292 8.27 -10.01 -25.19
N LEU A 293 9.52 -10.18 -25.61
CA LEU A 293 9.82 -11.09 -26.70
C LEU A 293 9.39 -12.52 -26.36
N LYS A 294 9.82 -13.01 -25.20
CA LYS A 294 9.48 -14.37 -24.78
C LYS A 294 7.96 -14.60 -24.82
N ASN A 295 7.20 -13.62 -24.31
CA ASN A 295 5.76 -13.76 -24.31
C ASN A 295 5.18 -13.79 -25.72
N LEU A 296 5.72 -12.98 -26.60
CA LEU A 296 5.24 -12.96 -27.97
C LEU A 296 5.56 -14.30 -28.62
N GLU A 297 6.69 -14.89 -28.26
CA GLU A 297 7.08 -16.18 -28.81
C GLU A 297 6.20 -17.31 -28.30
N LYS A 298 5.72 -17.15 -27.08
CA LYS A 298 4.88 -18.18 -26.46
C LYS A 298 3.41 -18.03 -26.79
N HIS A 299 2.91 -16.80 -26.80
CA HIS A 299 1.50 -16.55 -27.06
C HIS A 299 1.21 -16.02 -28.46
N GLY A 300 2.22 -15.51 -29.14
CA GLY A 300 2.01 -14.98 -30.48
C GLY A 300 1.45 -13.56 -30.46
N PHE A 301 1.12 -13.04 -31.64
CA PHE A 301 0.57 -11.70 -31.75
C PHE A 301 -0.66 -11.78 -32.67
N PRO A 302 -1.79 -11.22 -32.23
CA PRO A 302 -3.06 -11.23 -32.96
C PRO A 302 -2.96 -10.71 -34.40
N GLU A 303 -3.39 -11.55 -35.34
CA GLU A 303 -3.38 -11.19 -36.76
C GLU A 303 -4.35 -10.04 -37.01
N ASP A 304 -5.09 -9.66 -35.98
CA ASP A 304 -6.07 -8.58 -36.07
C ASP A 304 -5.46 -7.22 -35.75
N LYS A 305 -4.17 -7.20 -35.39
CA LYS A 305 -3.50 -5.94 -35.05
C LYS A 305 -2.12 -5.88 -35.69
N LYS A 306 -1.50 -4.72 -35.61
CA LYS A 306 -0.17 -4.53 -36.15
C LYS A 306 0.82 -4.24 -35.01
N LEU A 307 1.99 -4.86 -35.08
CA LEU A 307 2.99 -4.66 -34.06
C LEU A 307 3.97 -3.55 -34.43
N VAL A 308 4.27 -2.69 -33.47
CA VAL A 308 5.25 -1.64 -33.70
C VAL A 308 6.41 -2.03 -32.78
N ALA A 309 7.52 -2.45 -33.37
CA ALA A 309 8.68 -2.88 -32.61
C ALA A 309 9.65 -1.78 -32.16
N GLY A 310 9.71 -1.56 -30.85
CA GLY A 310 10.63 -0.56 -30.30
C GLY A 310 11.95 -1.29 -30.17
N VAL A 311 12.83 -1.10 -31.15
CA VAL A 311 14.10 -1.81 -31.18
C VAL A 311 15.37 -0.94 -31.14
N ILE A 312 15.20 0.37 -31.14
CA ILE A 312 16.34 1.28 -31.08
C ILE A 312 16.32 1.93 -29.69
N ASN A 313 17.33 1.61 -28.89
CA ASN A 313 17.42 2.12 -27.52
C ASN A 313 17.32 3.62 -27.40
N GLY A 314 16.47 4.08 -26.47
CA GLY A 314 16.30 5.51 -26.27
C GLY A 314 16.97 6.03 -25.01
N ARG A 315 17.58 5.15 -24.22
CA ARG A 315 18.24 5.56 -22.98
C ARG A 315 19.74 5.31 -22.95
N GLN A 316 20.29 4.77 -24.03
CA GLN A 316 21.72 4.50 -24.08
C GLN A 316 22.21 5.05 -25.40
N PRO A 317 23.44 5.60 -25.43
CA PRO A 317 24.06 6.20 -26.61
C PRO A 317 24.90 5.33 -27.54
N TRP A 318 24.71 4.02 -27.55
CA TRP A 318 25.54 3.17 -28.41
C TRP A 318 25.01 2.83 -29.79
N LYS A 319 25.93 2.71 -30.74
CA LYS A 319 25.56 2.32 -32.10
C LYS A 319 25.24 0.84 -31.96
N VAL A 320 24.29 0.35 -32.72
CA VAL A 320 23.98 -1.08 -32.63
C VAL A 320 24.11 -1.68 -34.01
N ASP A 321 24.39 -2.98 -34.04
CA ASP A 321 24.53 -3.69 -35.32
C ASP A 321 23.14 -3.86 -35.91
N LEU A 322 22.83 -3.02 -36.89
CA LEU A 322 21.52 -3.05 -37.54
C LEU A 322 21.12 -4.35 -38.21
N ARG A 323 22.10 -5.17 -38.55
CA ARG A 323 21.80 -6.45 -39.19
C ARG A 323 21.05 -7.30 -38.17
N LYS A 324 21.50 -7.23 -36.92
CA LYS A 324 20.88 -7.99 -35.83
C LYS A 324 19.52 -7.42 -35.45
N VAL A 325 19.39 -6.09 -35.47
CA VAL A 325 18.11 -5.47 -35.15
C VAL A 325 17.11 -5.90 -36.22
N ALA A 326 17.58 -5.95 -37.46
CA ALA A 326 16.75 -6.34 -38.59
C ALA A 326 16.25 -7.78 -38.40
N SER A 327 17.12 -8.66 -37.93
CA SER A 327 16.75 -10.05 -37.69
C SER A 327 15.59 -10.10 -36.70
N LEU A 328 15.71 -9.32 -35.62
CA LEU A 328 14.68 -9.27 -34.58
C LEU A 328 13.35 -8.80 -35.14
N VAL A 329 13.37 -7.75 -35.96
CA VAL A 329 12.14 -7.24 -36.54
C VAL A 329 11.43 -8.37 -37.30
N GLU A 330 12.17 -9.01 -38.20
CA GLU A 330 11.64 -10.12 -38.98
C GLU A 330 11.07 -11.20 -38.08
N LYS A 331 11.82 -11.52 -37.02
CA LYS A 331 11.40 -12.53 -36.07
C LYS A 331 10.08 -12.10 -35.41
N LEU A 332 10.02 -10.83 -35.01
CA LEU A 332 8.83 -10.29 -34.38
C LEU A 332 7.63 -10.32 -35.32
N GLY A 333 7.90 -10.43 -36.62
CA GLY A 333 6.82 -10.47 -37.59
C GLY A 333 6.21 -9.10 -37.80
N ALA A 334 6.78 -8.09 -37.14
CA ALA A 334 6.28 -6.72 -37.24
C ALA A 334 6.67 -6.03 -38.53
N SER A 335 5.79 -5.17 -39.02
CA SER A 335 6.04 -4.42 -40.24
C SER A 335 6.16 -2.92 -39.92
N ALA A 336 6.43 -2.61 -38.65
CA ALA A 336 6.59 -1.23 -38.20
C ALA A 336 7.68 -1.19 -37.13
N ILE A 337 8.47 -0.13 -37.12
CA ILE A 337 9.55 -0.01 -36.16
C ILE A 337 9.56 1.37 -35.51
N SER A 338 10.36 1.52 -34.46
CA SER A 338 10.51 2.78 -33.75
C SER A 338 11.53 2.62 -32.64
N ASN A 339 11.82 3.71 -31.92
CA ASN A 339 12.75 3.63 -30.79
C ASN A 339 12.02 2.92 -29.64
N SER A 340 12.77 2.31 -28.74
CA SER A 340 12.19 1.57 -27.62
C SER A 340 11.45 2.43 -26.59
N CYS A 341 12.12 3.51 -26.15
CA CYS A 341 11.53 4.42 -25.18
C CYS A 341 11.82 5.83 -25.67
N PRO A 342 11.24 6.87 -25.05
CA PRO A 342 11.48 8.26 -25.45
C PRO A 342 12.93 8.60 -25.73
N LEU A 343 13.19 9.35 -26.78
CA LEU A 343 14.56 9.73 -27.11
C LEU A 343 15.08 10.90 -26.25
N PHE A 344 14.19 11.56 -25.51
CA PHE A 344 14.65 12.69 -24.73
C PHE A 344 15.56 12.37 -23.56
N HIS A 345 15.91 11.10 -23.40
CA HIS A 345 16.83 10.67 -22.34
C HIS A 345 18.26 10.72 -22.91
N LEU A 346 18.38 11.10 -24.18
CA LEU A 346 19.68 11.19 -24.84
C LEU A 346 19.96 12.64 -25.29
N PRO A 347 21.24 12.96 -25.56
CA PRO A 347 21.59 14.32 -26.01
C PRO A 347 21.04 14.52 -27.42
N VAL A 348 21.00 15.76 -27.90
CA VAL A 348 20.47 16.03 -29.22
C VAL A 348 21.28 15.43 -30.36
N THR A 349 22.58 15.67 -30.39
CA THR A 349 23.40 15.12 -31.47
C THR A 349 24.88 14.97 -31.16
N LEU A 350 25.48 13.96 -31.78
CA LEU A 350 26.90 13.62 -31.61
C LEU A 350 27.83 14.43 -32.53
N GLU A 351 27.25 14.97 -33.59
CA GLU A 351 27.94 15.75 -34.61
C GLU A 351 29.19 16.54 -34.21
N LEU A 352 29.08 17.39 -33.21
CA LEU A 352 30.20 18.22 -32.80
C LEU A 352 30.99 17.75 -31.59
N GLU A 353 30.91 16.47 -31.27
CA GLU A 353 31.67 15.92 -30.15
C GLU A 353 32.98 15.39 -30.74
N ASN A 354 33.94 16.30 -30.94
CA ASN A 354 35.21 15.92 -31.53
C ASN A 354 36.43 15.96 -30.59
N ASN A 355 36.16 16.02 -29.28
CA ASN A 355 37.27 16.04 -28.34
C ASN A 355 37.15 14.84 -27.39
N LEU A 356 36.33 13.86 -27.80
CA LEU A 356 36.10 12.64 -27.03
C LEU A 356 37.33 11.74 -27.13
N PRO A 357 37.52 10.83 -26.15
CA PRO A 357 38.68 9.94 -26.20
C PRO A 357 38.76 9.27 -27.58
N GLY A 358 39.93 8.71 -27.92
CA GLY A 358 40.11 8.07 -29.21
C GLY A 358 39.35 6.77 -29.47
N GLY A 359 38.54 6.76 -30.52
CA GLY A 359 37.77 5.59 -30.87
C GLY A 359 36.35 5.55 -30.30
N LEU A 360 36.05 6.48 -29.39
CA LEU A 360 34.73 6.51 -28.76
C LEU A 360 33.60 7.05 -29.63
N LYS A 361 33.82 8.20 -30.26
CA LYS A 361 32.78 8.81 -31.09
C LYS A 361 32.20 7.85 -32.11
N GLU A 362 33.06 7.05 -32.73
CA GLU A 362 32.63 6.10 -33.75
C GLU A 362 31.72 5.00 -33.21
N LYS A 363 31.61 4.90 -31.90
CA LYS A 363 30.77 3.87 -31.31
C LYS A 363 29.52 4.45 -30.68
N LEU A 364 29.41 5.78 -30.72
CA LEU A 364 28.29 6.50 -30.14
C LEU A 364 27.19 6.86 -31.13
N ALA A 365 26.06 7.28 -30.56
CA ALA A 365 24.89 7.68 -31.32
C ALA A 365 23.92 8.39 -30.38
N PHE A 366 23.64 9.66 -30.65
CA PHE A 366 22.70 10.39 -29.81
C PHE A 366 21.32 10.46 -30.47
N ALA A 367 20.43 11.28 -29.92
CA ALA A 367 19.08 11.39 -30.44
C ALA A 367 18.99 11.43 -31.96
N LYS A 368 19.60 12.43 -32.59
CA LYS A 368 19.57 12.57 -34.04
C LYS A 368 20.15 11.35 -34.77
N GLU A 369 21.24 10.79 -34.25
CA GLU A 369 21.84 9.63 -34.88
C GLU A 369 20.89 8.42 -34.76
N LYS A 370 20.10 8.39 -33.68
CA LYS A 370 19.15 7.29 -33.47
C LYS A 370 18.09 7.37 -34.57
N LEU A 371 17.55 8.56 -34.76
CA LEU A 371 16.55 8.80 -35.79
C LEU A 371 17.08 8.26 -37.11
N GLU A 372 18.34 8.59 -37.40
CA GLU A 372 18.96 8.14 -38.64
C GLU A 372 19.12 6.62 -38.65
N GLU A 373 19.30 6.02 -37.48
CA GLU A 373 19.44 4.57 -37.41
C GLU A 373 18.11 3.91 -37.81
N LEU A 374 17.01 4.56 -37.51
CA LEU A 374 15.69 4.01 -37.87
C LEU A 374 15.46 4.09 -39.37
N LYS A 375 16.05 5.09 -40.01
CA LYS A 375 15.90 5.24 -41.46
C LYS A 375 16.67 4.15 -42.19
N MET A 376 17.90 3.90 -41.75
CA MET A 376 18.73 2.87 -42.35
C MET A 376 18.03 1.53 -42.17
N LEU A 377 17.47 1.32 -40.98
CA LEU A 377 16.76 0.08 -40.71
C LEU A 377 15.55 -0.01 -41.64
N LYS A 378 14.91 1.13 -41.89
CA LYS A 378 13.76 1.17 -42.78
C LYS A 378 14.19 0.78 -44.20
N ASP A 379 15.24 1.43 -44.68
CA ASP A 379 15.74 1.16 -46.02
C ASP A 379 16.15 -0.31 -46.19
N PHE A 380 16.95 -0.81 -45.27
CA PHE A 380 17.41 -2.18 -45.33
C PHE A 380 16.23 -3.13 -45.43
N LEU A 381 15.31 -3.03 -44.48
CA LEU A 381 14.14 -3.88 -44.47
C LEU A 381 13.34 -3.81 -45.77
N GLU A 382 13.19 -2.62 -46.33
CA GLU A 382 12.45 -2.47 -47.58
C GLU A 382 13.27 -2.89 -48.79
N GLY A 383 14.52 -3.26 -48.55
CA GLY A 383 15.36 -3.68 -49.65
C GLY A 383 15.94 -2.52 -50.44
N LYS A 384 15.62 -1.29 -50.05
CA LYS A 384 16.15 -0.13 -50.75
C LYS A 384 17.67 -0.10 -50.63
N THR A 385 18.18 -0.79 -49.60
CA THR A 385 19.61 -0.89 -49.36
C THR A 385 19.95 -2.32 -48.93
N ASP A 395 36.11 -5.33 -27.57
CA ASP A 395 37.28 -5.27 -26.71
C ASP A 395 37.75 -3.82 -26.54
N PHE A 396 36.94 -2.89 -27.03
CA PHE A 396 37.25 -1.47 -26.95
C PHE A 396 37.50 -1.00 -25.51
N ALA A 397 38.58 -0.26 -25.31
CA ALA A 397 38.95 0.28 -24.01
C ALA A 397 38.68 -0.68 -22.84
N VAL A 398 39.31 -1.85 -22.88
CA VAL A 398 39.14 -2.83 -21.82
C VAL A 398 40.46 -3.01 -21.07
N ASP A 399 40.39 -2.96 -19.74
CA ASP A 399 41.60 -3.15 -18.93
C ASP A 399 41.57 -4.54 -18.31
N LEU A 400 42.24 -5.48 -18.97
CA LEU A 400 42.30 -6.87 -18.53
C LEU A 400 42.66 -7.06 -17.06
N GLN A 401 43.74 -6.41 -16.62
CA GLN A 401 44.16 -6.53 -15.23
C GLN A 401 43.03 -6.11 -14.28
N ALA A 402 42.49 -4.92 -14.49
CA ALA A 402 41.41 -4.39 -13.66
C ALA A 402 40.14 -5.24 -13.68
N VAL A 403 39.75 -5.71 -14.86
CA VAL A 403 38.54 -6.52 -15.00
C VAL A 403 38.68 -7.83 -14.23
N GLU A 404 39.83 -8.47 -14.40
CA GLU A 404 40.11 -9.73 -13.72
C GLU A 404 40.23 -9.43 -12.23
N ARG A 405 40.88 -8.31 -11.91
CA ARG A 405 41.06 -7.90 -10.52
C ARG A 405 39.72 -7.80 -9.79
N VAL A 406 38.72 -7.26 -10.46
CA VAL A 406 37.40 -7.13 -9.86
C VAL A 406 36.71 -8.49 -9.83
N ARG A 407 36.94 -9.28 -10.87
CA ARG A 407 36.33 -10.60 -10.98
C ARG A 407 36.73 -11.55 -9.85
N ASN A 408 38.00 -11.53 -9.47
CA ASN A 408 38.48 -12.41 -8.41
C ASN A 408 38.49 -11.72 -7.05
N PRO A 410 37.26 -11.82 -3.55
CA PRO A 410 37.14 -12.35 -2.19
C PRO A 410 35.94 -11.78 -1.45
N GLU A 411 35.08 -12.67 -0.94
CA GLU A 411 33.88 -12.28 -0.21
C GLU A 411 34.16 -11.19 0.82
N ASP A 412 35.28 -11.33 1.53
CA ASP A 412 35.67 -10.36 2.55
C ASP A 412 35.76 -8.93 2.02
N SER A 413 35.76 -8.79 0.69
CA SER A 413 35.82 -7.46 0.09
C SER A 413 34.47 -6.77 0.26
N PHE A 414 33.43 -7.56 0.46
CA PHE A 414 32.08 -7.04 0.64
C PHE A 414 31.66 -7.01 2.11
N ARG A 415 32.55 -7.42 3.00
CA ARG A 415 32.21 -7.42 4.43
C ARG A 415 33.31 -6.84 5.31
N ARG A 416 32.95 -5.85 6.11
CA ARG A 416 33.92 -5.21 6.99
C ARG A 416 34.40 -6.19 8.08
N GLU A 417 35.69 -6.10 8.40
CA GLU A 417 36.32 -6.99 9.37
C GLU A 417 35.51 -7.27 10.65
N LYS A 418 34.94 -6.24 11.25
CA LYS A 418 34.18 -6.42 12.49
C LYS A 418 32.74 -5.94 12.37
N GLU A 419 31.85 -6.54 13.16
CA GLU A 419 30.46 -6.16 13.15
C GLU A 419 30.27 -4.78 13.79
N TYR A 420 29.12 -4.17 13.56
CA TYR A 420 28.82 -2.85 14.08
C TYR A 420 29.11 -2.61 15.56
N THR A 421 28.54 -3.44 16.44
CA THR A 421 28.75 -3.26 17.88
C THR A 421 30.23 -3.11 18.22
N GLU A 422 31.08 -3.89 17.57
CA GLU A 422 32.51 -3.81 17.81
C GLU A 422 33.09 -2.51 17.24
N ARG A 423 32.67 -2.17 16.03
CA ARG A 423 33.14 -0.95 15.37
C ARG A 423 32.66 0.29 16.14
N ASP A 424 31.41 0.26 16.59
CA ASP A 424 30.82 1.38 17.31
C ASP A 424 31.71 1.78 18.49
N ARG A 425 32.08 0.80 19.31
CA ARG A 425 32.92 1.04 20.47
C ARG A 425 34.25 1.68 20.07
N ILE A 426 34.95 1.08 19.12
CA ILE A 426 36.23 1.61 18.64
C ILE A 426 36.07 3.07 18.17
N GLN A 427 35.11 3.29 17.28
CA GLN A 427 34.85 4.61 16.74
C GLN A 427 34.49 5.64 17.79
N ARG A 428 33.62 5.28 18.73
CA ARG A 428 33.22 6.23 19.76
C ARG A 428 34.38 6.60 20.68
N GLU A 429 35.27 5.65 20.93
CA GLU A 429 36.42 5.90 21.79
C GLU A 429 37.44 6.76 21.05
N ARG A 430 37.46 6.65 19.73
CA ARG A 430 38.41 7.40 18.91
C ARG A 430 37.92 8.82 18.58
N LEU A 431 36.61 9.02 18.58
CA LEU A 431 36.04 10.31 18.25
C LEU A 431 35.66 11.13 19.48
N ASN A 432 35.25 10.45 20.54
CA ASN A 432 34.84 11.14 21.76
C ASN A 432 33.88 12.27 21.45
N LEU A 433 32.68 11.90 21.01
CA LEU A 433 31.65 12.86 20.65
C LEU A 433 30.60 12.96 21.74
N PRO A 434 30.04 14.16 21.95
CA PRO A 434 29.01 14.39 22.96
C PRO A 434 27.65 13.85 22.54
N LEU A 435 26.75 13.69 23.51
CA LEU A 435 25.41 13.21 23.23
C LEU A 435 24.83 14.17 22.20
N PHE A 436 24.02 13.65 21.28
CA PHE A 436 23.39 14.45 20.24
C PHE A 436 24.38 15.34 19.51
N PRO A 437 25.36 14.74 18.83
CA PRO A 437 26.34 15.53 18.09
C PRO A 437 25.68 16.18 16.88
N THR A 438 26.24 17.30 16.42
CA THR A 438 25.70 18.01 15.28
C THR A 438 26.65 17.98 14.10
N THR A 439 26.09 18.06 12.89
CA THR A 439 26.91 18.04 11.69
C THR A 439 26.04 18.49 10.51
N THR A 440 26.65 18.50 9.33
CA THR A 440 25.94 18.85 8.10
C THR A 440 26.27 17.69 7.16
N ILE A 441 25.43 17.46 6.17
CA ILE A 441 25.66 16.34 5.26
C ILE A 441 25.63 16.69 3.78
N GLY A 442 26.27 17.81 3.44
CA GLY A 442 26.30 18.22 2.06
C GLY A 442 27.18 19.43 1.77
N SER A 443 26.97 20.00 0.59
CA SER A 443 27.73 21.15 0.15
C SER A 443 27.15 22.43 0.74
N PHE A 444 28.02 23.42 0.94
CA PHE A 444 27.60 24.70 1.47
C PHE A 444 27.23 25.60 0.31
N PRO A 445 26.52 26.71 0.59
CA PRO A 445 26.13 27.62 -0.48
C PRO A 445 27.36 28.08 -1.27
N GLN A 446 27.15 28.42 -2.53
CA GLN A 446 28.22 28.90 -3.39
C GLN A 446 27.92 30.31 -3.88
N THR A 447 28.59 31.29 -3.27
CA THR A 447 28.42 32.71 -3.64
C THR A 447 28.80 32.97 -5.09
N PRO A 448 28.33 34.09 -5.66
CA PRO A 448 28.63 34.44 -7.06
C PRO A 448 30.15 34.44 -7.33
N GLU A 449 30.93 34.94 -6.38
CA GLU A 449 32.38 34.99 -6.52
C GLU A 449 32.91 33.56 -6.67
N VAL A 450 32.30 32.63 -5.95
CA VAL A 450 32.70 31.23 -6.01
C VAL A 450 32.34 30.68 -7.39
N ARG A 451 31.08 30.87 -7.79
CA ARG A 451 30.59 30.40 -9.08
C ARG A 451 31.41 31.01 -10.21
N LYS A 452 31.65 32.32 -10.12
CA LYS A 452 32.43 33.03 -11.13
C LYS A 452 33.87 32.51 -11.17
N MET A 453 34.47 32.34 -9.99
CA MET A 453 35.83 31.85 -9.90
C MET A 453 35.98 30.50 -10.61
N ARG A 454 34.93 29.69 -10.57
CA ARG A 454 34.93 28.37 -11.21
C ARG A 454 35.07 28.47 -12.73
N SER A 455 34.27 29.35 -13.34
CA SER A 455 34.29 29.52 -14.79
C SER A 455 35.55 30.26 -15.24
N LYS A 456 35.82 31.41 -14.61
CA LYS A 456 36.99 32.22 -14.94
C LYS A 456 38.27 31.41 -14.81
N ILE A 462 42.32 32.39 -13.43
CA ILE A 462 42.39 31.45 -14.54
C ILE A 462 43.61 30.55 -14.39
N SER A 463 44.39 30.80 -13.34
CA SER A 463 45.60 30.02 -13.07
C SER A 463 45.26 28.82 -12.18
N LYS A 464 45.64 27.63 -12.62
CA LYS A 464 45.39 26.41 -11.87
C LYS A 464 45.84 26.53 -10.42
N GLU A 465 46.69 27.52 -10.14
CA GLU A 465 47.20 27.75 -8.80
C GLU A 465 46.35 28.79 -8.08
N GLU A 466 45.87 29.77 -8.85
CA GLU A 466 45.04 30.84 -8.28
C GLU A 466 43.69 30.26 -7.86
N TYR A 467 43.21 29.26 -8.60
CA TYR A 467 41.93 28.62 -8.30
C TYR A 467 42.12 27.72 -7.08
N GLU A 468 43.06 26.80 -7.16
CA GLU A 468 43.34 25.88 -6.06
C GLU A 468 43.59 26.68 -4.79
N ALA A 469 44.07 27.91 -4.96
CA ALA A 469 44.35 28.79 -3.84
C ALA A 469 43.05 29.44 -3.37
N PHE A 470 42.17 29.71 -4.31
CA PHE A 470 40.88 30.32 -4.00
C PHE A 470 39.99 29.35 -3.25
N ILE A 471 40.09 28.07 -3.61
CA ILE A 471 39.30 27.05 -2.94
C ILE A 471 39.74 26.97 -1.48
N LYS A 472 41.03 26.77 -1.25
CA LYS A 472 41.56 26.67 0.11
C LYS A 472 41.21 27.85 1.00
N GLU A 473 41.09 29.04 0.40
CA GLU A 473 40.71 30.22 1.18
C GLU A 473 39.24 30.06 1.56
N GLN A 474 38.46 29.50 0.64
CA GLN A 474 37.04 29.26 0.88
C GLN A 474 36.88 28.21 1.97
N ILE A 475 37.62 27.11 1.83
CA ILE A 475 37.57 26.03 2.80
C ILE A 475 37.98 26.56 4.17
N LYS A 476 39.06 27.34 4.21
CA LYS A 476 39.54 27.91 5.47
C LYS A 476 38.43 28.66 6.19
N LYS A 477 37.72 29.52 5.46
CA LYS A 477 36.64 30.29 6.03
C LYS A 477 35.50 29.39 6.49
N ALA A 478 35.25 28.32 5.72
CA ALA A 478 34.20 27.37 6.04
C ALA A 478 34.43 26.74 7.41
N ILE A 479 35.64 26.23 7.63
CA ILE A 479 35.97 25.62 8.91
C ILE A 479 35.74 26.59 10.07
N GLU A 480 36.26 27.81 9.94
CA GLU A 480 36.13 28.82 10.99
C GLU A 480 34.66 29.13 11.33
N LEU A 481 33.81 29.19 10.31
CA LEU A 481 32.40 29.46 10.54
C LEU A 481 31.72 28.33 11.31
N GLN A 482 32.10 27.09 11.00
CA GLN A 482 31.52 25.93 11.66
C GLN A 482 31.96 25.89 13.12
N GLU A 483 33.22 26.21 13.36
CA GLU A 483 33.72 26.21 14.72
C GLU A 483 32.98 27.27 15.55
N GLU A 484 32.80 28.45 14.95
CA GLU A 484 32.12 29.55 15.64
C GLU A 484 30.67 29.22 16.00
N ILE A 485 29.95 28.54 15.12
CA ILE A 485 28.56 28.21 15.40
C ILE A 485 28.46 27.07 16.43
N GLY A 486 29.46 26.20 16.44
CA GLY A 486 29.47 25.10 17.40
C GLY A 486 29.15 23.71 16.85
N LEU A 487 29.46 23.46 15.58
CA LEU A 487 29.21 22.15 15.00
C LEU A 487 30.23 21.17 15.55
N ASP A 488 29.86 19.90 15.61
CA ASP A 488 30.77 18.89 16.15
C ASP A 488 31.60 18.16 15.10
N VAL A 489 30.98 17.86 13.96
CA VAL A 489 31.68 17.20 12.86
C VAL A 489 31.60 18.15 11.67
N LEU A 490 32.71 18.33 10.97
CA LEU A 490 32.73 19.28 9.88
C LEU A 490 32.88 18.74 8.46
N VAL A 491 32.56 19.60 7.51
CA VAL A 491 32.67 19.31 6.08
C VAL A 491 33.47 20.45 5.47
N HIS A 492 34.21 20.15 4.40
CA HIS A 492 35.02 21.18 3.74
C HIS A 492 34.24 22.08 2.79
N GLY A 493 32.92 21.94 2.75
CA GLY A 493 32.11 22.80 1.88
C GLY A 493 31.84 22.35 0.45
N GLU A 494 32.79 21.66 -0.18
CA GLU A 494 32.64 21.16 -1.54
C GLU A 494 32.50 22.27 -2.58
N PHE A 495 33.19 23.39 -2.33
CA PHE A 495 33.14 24.54 -3.23
C PHE A 495 33.80 24.25 -4.56
N GLU A 496 34.59 23.19 -4.61
CA GLU A 496 35.29 22.79 -5.82
C GLU A 496 34.48 21.82 -6.67
N ARG A 497 33.27 21.50 -6.22
CA ARG A 497 32.41 20.57 -6.95
C ARG A 497 31.12 21.23 -7.44
N THR A 498 30.75 20.91 -8.68
CA THR A 498 29.53 21.47 -9.29
C THR A 498 28.43 20.41 -9.34
N ASP A 499 28.85 19.15 -9.35
CA ASP A 499 27.92 18.02 -9.42
C ASP A 499 28.55 16.86 -8.68
N MET A 500 27.77 16.14 -7.87
CA MET A 500 28.36 15.04 -7.12
C MET A 500 28.77 13.82 -7.95
N VAL A 501 28.55 13.87 -9.26
CA VAL A 501 28.95 12.75 -10.12
C VAL A 501 29.97 13.14 -11.18
N GLU A 502 29.83 14.33 -11.74
CA GLU A 502 30.76 14.80 -12.77
C GLU A 502 32.16 14.99 -12.19
N PHE A 503 32.20 15.45 -10.94
CA PHE A 503 33.46 15.69 -10.24
C PHE A 503 34.34 14.44 -10.28
N PHE A 504 33.76 13.29 -9.93
CA PHE A 504 34.49 12.04 -9.92
C PHE A 504 34.68 11.39 -11.29
N ALA A 505 33.71 11.62 -12.18
CA ALA A 505 33.78 11.06 -13.53
C ALA A 505 35.00 11.60 -14.27
N GLU A 506 35.28 12.88 -14.07
CA GLU A 506 36.41 13.55 -14.70
C GLU A 506 37.73 12.97 -14.21
N LYS A 507 37.72 12.42 -12.98
CA LYS A 507 38.92 11.86 -12.38
C LYS A 507 38.99 10.33 -12.52
N LEU A 508 38.01 9.74 -13.19
CA LEU A 508 38.00 8.30 -13.36
C LEU A 508 38.35 7.84 -14.78
N ASN A 509 39.17 6.80 -14.87
CA ASN A 509 39.54 6.25 -16.17
C ASN A 509 38.43 5.33 -16.65
N GLY A 510 38.19 5.31 -17.95
CA GLY A 510 37.14 4.49 -18.50
C GLY A 510 35.85 5.29 -18.64
N ILE A 511 35.88 6.52 -18.15
CA ILE A 511 34.71 7.40 -18.23
C ILE A 511 35.07 8.68 -18.98
N ALA A 512 34.17 9.09 -19.87
CA ALA A 512 34.41 10.31 -20.64
C ALA A 512 33.29 11.32 -20.41
N THR A 513 33.61 12.59 -20.65
CA THR A 513 32.62 13.64 -20.48
C THR A 513 32.50 14.31 -21.85
N THR A 514 31.32 14.84 -22.15
CA THR A 514 31.06 15.48 -23.45
C THR A 514 31.12 17.01 -23.33
N GLN A 515 31.01 17.69 -24.47
CA GLN A 515 31.01 19.15 -24.50
C GLN A 515 29.60 19.72 -24.69
N ASN A 516 28.75 19.02 -25.43
CA ASN A 516 27.37 19.51 -25.67
C ASN A 516 26.29 18.45 -25.41
N GLY A 517 26.66 17.36 -24.73
CA GLY A 517 25.71 16.30 -24.45
C GLY A 517 24.67 16.60 -23.38
N TRP A 518 23.97 17.73 -23.53
CA TRP A 518 22.95 18.11 -22.55
C TRP A 518 21.67 17.30 -22.62
N VAL A 519 21.13 16.96 -21.46
CA VAL A 519 19.89 16.20 -21.37
C VAL A 519 18.94 16.90 -20.39
N LEU A 520 17.69 17.06 -20.79
CA LEU A 520 16.71 17.74 -19.96
C LEU A 520 16.47 16.99 -18.66
N SER A 521 16.58 17.69 -17.54
CA SER A 521 16.33 17.09 -16.24
C SER A 521 14.91 17.47 -15.84
N TYR A 522 14.61 18.77 -15.88
CA TYR A 522 13.28 19.30 -15.56
C TYR A 522 13.26 20.81 -15.84
N GLY A 523 12.09 21.35 -16.15
CA GLY A 523 12.00 22.77 -16.44
C GLY A 523 13.04 23.22 -17.46
N SER A 524 13.97 24.05 -17.00
CA SER A 524 15.04 24.55 -17.85
C SER A 524 16.41 24.01 -17.42
N ARG A 525 16.42 23.05 -16.49
CA ARG A 525 17.67 22.47 -16.00
C ARG A 525 18.13 21.27 -16.84
N CYS A 526 19.36 21.34 -17.32
CA CYS A 526 19.91 20.27 -18.12
C CYS A 526 21.15 19.70 -17.47
N TYR A 527 21.36 18.40 -17.67
CA TYR A 527 22.48 17.71 -17.11
C TYR A 527 23.31 17.13 -18.26
N ARG A 528 24.61 16.98 -18.03
CA ARG A 528 25.51 16.43 -19.05
C ARG A 528 26.03 15.10 -18.50
N PRO A 529 25.31 14.00 -18.80
CA PRO A 529 25.70 12.66 -18.33
C PRO A 529 27.06 12.18 -18.80
N PRO A 530 27.88 11.64 -17.87
CA PRO A 530 29.19 11.15 -18.28
C PRO A 530 28.95 9.90 -19.12
N ILE A 531 30.00 9.36 -19.72
CA ILE A 531 29.86 8.17 -20.55
C ILE A 531 30.92 7.13 -20.16
N ILE A 532 30.47 6.06 -19.48
CA ILE A 532 31.35 4.98 -19.05
C ILE A 532 31.55 4.08 -20.26
N TYR A 533 32.68 4.23 -20.93
CA TYR A 533 32.96 3.46 -22.14
C TYR A 533 33.95 2.33 -22.00
N GLY A 534 34.64 2.25 -20.86
CA GLY A 534 35.59 1.18 -20.66
C GLY A 534 35.78 0.80 -19.20
N THR A 535 36.73 -0.09 -18.94
CA THR A 535 37.01 -0.54 -17.58
C THR A 535 37.29 0.67 -16.69
N VAL A 536 36.57 0.79 -15.59
CA VAL A 536 36.75 1.93 -14.69
C VAL A 536 37.85 1.68 -13.65
N THR A 537 38.70 2.67 -13.48
CA THR A 537 39.80 2.62 -12.53
C THR A 537 40.15 4.03 -12.05
N ARG A 538 40.72 4.13 -10.86
CA ARG A 538 41.13 5.40 -10.29
C ARG A 538 42.66 5.49 -10.32
N PRO A 539 43.22 6.27 -11.24
CA PRO A 539 44.67 6.45 -11.40
C PRO A 539 45.37 7.32 -10.35
N GLU A 540 44.61 8.03 -9.53
CA GLU A 540 45.20 8.89 -8.52
C GLU A 540 44.15 9.44 -7.55
N PRO A 541 44.54 9.74 -6.30
CA PRO A 541 43.61 10.28 -5.31
C PRO A 541 42.75 11.41 -5.89
N MET A 542 41.48 11.44 -5.48
CA MET A 542 40.54 12.42 -5.99
C MET A 542 40.15 13.55 -5.05
N THR A 543 40.18 13.31 -3.75
CA THR A 543 39.77 14.35 -2.82
C THR A 543 40.74 14.60 -1.67
N LEU A 544 41.81 13.81 -1.62
CA LEU A 544 42.80 13.98 -0.55
C LEU A 544 43.22 15.43 -0.32
N LYS A 545 43.72 16.09 -1.35
CA LYS A 545 44.15 17.48 -1.22
C LYS A 545 43.14 18.36 -0.47
N GLU A 546 41.88 18.33 -0.91
CA GLU A 546 40.84 19.13 -0.27
C GLU A 546 40.53 18.67 1.17
N ILE A 547 40.36 17.37 1.35
CA ILE A 547 40.03 16.82 2.66
C ILE A 547 41.16 17.02 3.67
N THR A 548 42.37 16.68 3.26
CA THR A 548 43.56 16.81 4.09
C THR A 548 43.77 18.26 4.55
N TYR A 549 43.69 19.19 3.61
CA TYR A 549 43.88 20.59 3.94
C TYR A 549 42.83 21.07 4.94
N ALA A 550 41.60 20.59 4.79
CA ALA A 550 40.53 20.99 5.67
C ALA A 550 40.77 20.49 7.09
N GLN A 551 41.26 19.25 7.20
CA GLN A 551 41.52 18.65 8.50
C GLN A 551 42.70 19.28 9.24
N SER A 552 43.66 19.81 8.49
CA SER A 552 44.83 20.42 9.12
C SER A 552 44.50 21.78 9.74
N LEU A 553 43.29 22.28 9.50
CA LEU A 553 42.88 23.57 10.03
C LEU A 553 42.07 23.46 11.32
N THR A 554 41.73 22.24 11.72
CA THR A 554 40.93 22.05 12.92
C THR A 554 41.28 20.78 13.68
N GLU A 555 40.86 20.74 14.94
CA GLU A 555 41.10 19.60 15.80
C GLU A 555 39.91 18.65 15.66
N LYS A 556 38.77 19.21 15.28
CA LYS A 556 37.55 18.42 15.12
C LYS A 556 37.61 17.55 13.87
N PRO A 557 36.84 16.45 13.85
CA PRO A 557 36.84 15.54 12.71
C PRO A 557 36.15 16.14 11.49
N VAL A 558 36.80 15.99 10.35
CA VAL A 558 36.28 16.46 9.08
C VAL A 558 36.02 15.20 8.27
N LYS A 559 34.79 15.04 7.80
CA LYS A 559 34.43 13.84 7.05
C LYS A 559 34.83 13.88 5.58
N GLY A 560 35.16 12.72 5.03
CA GLY A 560 35.48 12.63 3.63
C GLY A 560 34.11 12.67 2.98
N MET A 561 34.02 13.12 1.73
CA MET A 561 32.72 13.20 1.07
C MET A 561 32.79 12.50 -0.28
N LEU A 562 32.13 11.36 -0.39
CA LEU A 562 32.15 10.58 -1.62
C LEU A 562 30.77 10.24 -2.15
N THR A 563 30.72 9.88 -3.43
CA THR A 563 29.48 9.51 -4.09
C THR A 563 29.53 8.00 -4.35
N GLY A 564 28.48 7.29 -3.97
CA GLY A 564 28.43 5.85 -4.16
C GLY A 564 28.52 5.41 -5.61
N PRO A 565 28.92 4.15 -5.87
CA PRO A 565 29.06 3.62 -7.23
C PRO A 565 27.75 3.49 -8.03
N VAL A 566 26.65 3.16 -7.35
CA VAL A 566 25.40 3.03 -8.08
C VAL A 566 24.95 4.40 -8.61
N THR A 567 25.23 5.45 -7.84
CA THR A 567 24.86 6.80 -8.24
C THR A 567 25.72 7.28 -9.41
N ILE A 568 27.02 6.99 -9.37
CA ILE A 568 27.90 7.39 -10.47
C ILE A 568 27.46 6.70 -11.76
N MET A 569 27.10 5.42 -11.65
CA MET A 569 26.66 4.64 -12.80
C MET A 569 25.32 5.10 -13.35
N SER A 570 24.35 5.37 -12.48
CA SER A 570 23.02 5.77 -12.91
C SER A 570 22.86 7.17 -13.50
N TRP A 571 23.74 8.10 -13.17
CA TRP A 571 23.64 9.44 -13.73
C TRP A 571 24.37 9.50 -15.07
N SER A 572 25.09 8.43 -15.39
CA SER A 572 25.87 8.36 -16.62
C SER A 572 25.39 7.26 -17.55
N TYR A 573 25.80 7.33 -18.81
CA TYR A 573 25.44 6.29 -19.76
C TYR A 573 26.53 5.23 -19.53
N TYR A 574 26.27 4.00 -19.95
CA TYR A 574 27.25 2.94 -19.76
C TYR A 574 27.09 1.76 -20.72
N ARG A 575 28.21 1.06 -20.93
CA ARG A 575 28.27 -0.09 -21.81
C ARG A 575 27.18 -1.11 -21.52
N GLU A 576 26.65 -1.72 -22.57
CA GLU A 576 25.63 -2.73 -22.39
C GLU A 576 26.23 -4.12 -22.63
N ASP A 577 27.50 -4.14 -23.01
CA ASP A 577 28.22 -5.39 -23.29
C ASP A 577 28.47 -6.22 -22.04
N ILE A 578 28.68 -5.54 -20.92
CA ILE A 578 28.91 -6.23 -19.67
C ILE A 578 27.80 -5.96 -18.68
N PRO A 579 27.59 -6.89 -17.73
CA PRO A 579 26.54 -6.73 -16.72
C PRO A 579 26.69 -5.47 -15.88
N GLU A 580 25.56 -4.89 -15.48
CA GLU A 580 25.57 -3.70 -14.66
C GLU A 580 26.38 -3.96 -13.40
N ARG A 581 26.13 -5.11 -12.77
CA ARG A 581 26.84 -5.48 -11.54
C ARG A 581 28.34 -5.22 -11.64
N GLU A 582 28.93 -5.72 -12.73
CA GLU A 582 30.35 -5.59 -12.97
C GLU A 582 30.79 -4.12 -12.98
N ILE A 583 30.11 -3.32 -13.78
CA ILE A 583 30.46 -1.91 -13.87
C ILE A 583 30.35 -1.28 -12.49
N ALA A 584 29.27 -1.59 -11.79
CA ALA A 584 29.06 -1.06 -10.44
C ALA A 584 30.21 -1.46 -9.53
N TYR A 585 30.62 -2.72 -9.59
CA TYR A 585 31.71 -3.20 -8.75
C TYR A 585 33.03 -2.50 -9.06
N GLN A 586 33.32 -2.32 -10.35
CA GLN A 586 34.55 -1.65 -10.79
C GLN A 586 34.61 -0.25 -10.20
N ILE A 587 33.50 0.47 -10.29
CA ILE A 587 33.46 1.83 -9.76
C ILE A 587 33.61 1.77 -8.22
N ALA A 588 32.98 0.77 -7.61
CA ALA A 588 33.05 0.60 -6.15
C ALA A 588 34.49 0.32 -5.73
N LEU A 589 35.19 -0.48 -6.52
CA LEU A 589 36.59 -0.77 -6.22
C LEU A 589 37.31 0.57 -6.19
N ALA A 590 37.18 1.31 -7.29
CA ALA A 590 37.81 2.62 -7.42
C ALA A 590 37.49 3.53 -6.25
N ILE A 591 36.22 3.57 -5.85
CA ILE A 591 35.81 4.41 -4.73
C ILE A 591 36.43 3.93 -3.41
N ASN A 592 36.64 2.62 -3.29
CA ASN A 592 37.21 2.08 -2.06
C ASN A 592 38.69 2.43 -1.92
N GLU A 593 39.40 2.49 -3.03
CA GLU A 593 40.82 2.83 -3.00
C GLU A 593 40.95 4.24 -2.43
N GLU A 594 39.96 5.08 -2.74
CA GLU A 594 39.92 6.45 -2.26
C GLU A 594 39.66 6.44 -0.76
N VAL A 595 38.71 5.61 -0.34
CA VAL A 595 38.37 5.49 1.08
C VAL A 595 39.62 5.15 1.89
N LYS A 596 40.46 4.26 1.36
CA LYS A 596 41.68 3.86 2.06
C LYS A 596 42.72 4.98 2.13
N ASP A 597 42.86 5.77 1.06
CA ASP A 597 43.82 6.87 1.08
C ASP A 597 43.41 7.88 2.15
N LEU A 598 42.11 8.11 2.27
CA LEU A 598 41.60 9.02 3.27
C LEU A 598 41.95 8.49 4.66
N GLU A 599 41.84 7.18 4.83
CA GLU A 599 42.15 6.56 6.12
C GLU A 599 43.63 6.72 6.46
N GLU A 600 44.50 6.40 5.50
CA GLU A 600 45.93 6.52 5.71
C GLU A 600 46.31 7.97 6.00
N ALA A 601 45.57 8.91 5.41
CA ALA A 601 45.84 10.32 5.63
C ALA A 601 45.35 10.77 6.99
N GLY A 602 44.52 9.95 7.63
CA GLY A 602 44.01 10.31 8.95
C GLY A 602 42.56 10.77 9.05
N ILE A 603 41.77 10.60 7.99
CA ILE A 603 40.38 11.01 8.06
C ILE A 603 39.63 9.92 8.82
N LYS A 604 38.97 10.31 9.90
CA LYS A 604 38.25 9.38 10.78
C LYS A 604 36.79 9.10 10.41
N ILE A 605 36.26 9.88 9.48
CA ILE A 605 34.88 9.73 9.07
C ILE A 605 34.75 9.96 7.57
N VAL A 606 34.01 9.08 6.90
CA VAL A 606 33.80 9.20 5.47
C VAL A 606 32.33 9.03 5.16
N GLN A 607 31.79 9.98 4.41
CA GLN A 607 30.39 9.91 4.03
C GLN A 607 30.26 9.45 2.58
N ILE A 608 29.34 8.55 2.32
CA ILE A 608 29.11 8.04 0.97
C ILE A 608 27.65 8.21 0.55
N ASP A 609 27.39 9.22 -0.28
CA ASP A 609 26.05 9.52 -0.79
C ASP A 609 25.65 8.59 -1.93
N GLU A 610 24.56 7.86 -1.74
CA GLU A 610 24.08 6.93 -2.75
C GLU A 610 22.60 7.16 -3.02
N PRO A 611 22.25 8.33 -3.59
CA PRO A 611 20.84 8.61 -3.87
C PRO A 611 20.21 7.60 -4.84
N ALA A 612 21.04 6.97 -5.65
CA ALA A 612 20.55 6.00 -6.64
C ALA A 612 20.14 4.66 -6.03
N PHE A 613 20.47 4.44 -4.76
CA PHE A 613 20.12 3.19 -4.10
C PHE A 613 18.70 2.79 -4.47
N ARG A 614 17.76 3.68 -4.21
CA ARG A 614 16.38 3.38 -4.56
C ARG A 614 16.00 3.94 -5.93
N GLU A 615 16.57 5.07 -6.31
CA GLU A 615 16.24 5.69 -7.59
C GLU A 615 16.53 4.84 -8.82
N LYS A 616 17.57 4.02 -8.78
CA LYS A 616 17.87 3.18 -9.93
C LYS A 616 17.17 1.82 -9.82
N ALA A 617 16.38 1.66 -8.76
CA ALA A 617 15.64 0.41 -8.58
C ALA A 617 14.67 0.25 -9.75
N PRO A 618 14.46 -1.00 -10.19
CA PRO A 618 13.56 -1.33 -11.31
C PRO A 618 12.14 -0.81 -11.07
N ILE A 619 11.45 -0.48 -12.16
CA ILE A 619 10.07 0.01 -12.10
C ILE A 619 9.22 -1.07 -11.46
N LYS A 620 9.53 -2.33 -11.78
CA LYS A 620 8.81 -3.45 -11.21
C LYS A 620 9.43 -3.82 -9.86
N LYS A 621 8.65 -3.70 -8.80
CA LYS A 621 9.16 -4.05 -7.48
C LYS A 621 9.44 -5.54 -7.46
N SER A 622 8.78 -6.29 -8.33
CA SER A 622 8.98 -7.73 -8.40
C SER A 622 10.41 -8.08 -8.81
N LYS A 623 11.12 -7.13 -9.41
CA LYS A 623 12.51 -7.36 -9.83
C LYS A 623 13.49 -6.76 -8.83
N TRP A 624 12.99 -6.23 -7.72
CA TRP A 624 13.85 -5.61 -6.71
C TRP A 624 14.86 -6.55 -6.05
N PRO A 625 14.46 -7.79 -5.73
CA PRO A 625 15.39 -8.73 -5.10
C PRO A 625 16.71 -8.87 -5.85
N GLU A 626 16.62 -9.12 -7.16
CA GLU A 626 17.82 -9.26 -7.98
C GLU A 626 18.65 -7.98 -7.94
N TYR A 627 18.00 -6.85 -8.19
CA TYR A 627 18.69 -5.56 -8.21
C TYR A 627 19.38 -5.20 -6.88
N PHE A 628 18.63 -5.19 -5.79
CA PHE A 628 19.23 -4.86 -4.50
C PHE A 628 20.38 -5.78 -4.09
N GLU A 629 20.42 -6.98 -4.65
CA GLU A 629 21.49 -7.92 -4.33
C GLU A 629 22.85 -7.33 -4.73
N TRP A 630 22.95 -6.76 -5.92
CA TRP A 630 24.22 -6.20 -6.34
C TRP A 630 24.39 -4.73 -5.91
N ALA A 631 23.28 -4.02 -5.72
CA ALA A 631 23.35 -2.62 -5.27
C ALA A 631 23.98 -2.64 -3.86
N ILE A 632 23.46 -3.50 -3.00
CA ILE A 632 23.99 -3.65 -1.65
C ILE A 632 25.45 -4.06 -1.71
N ASN A 633 25.78 -5.03 -2.56
CA ASN A 633 27.17 -5.46 -2.68
C ASN A 633 28.04 -4.32 -3.16
N ALA A 634 27.55 -3.55 -4.13
CA ALA A 634 28.32 -2.44 -4.67
C ALA A 634 28.63 -1.42 -3.58
N PHE A 635 27.61 -1.00 -2.83
CA PHE A 635 27.83 -0.03 -1.77
C PHE A 635 28.83 -0.55 -0.74
N ASN A 636 28.62 -1.78 -0.28
CA ASN A 636 29.50 -2.36 0.73
C ASN A 636 30.95 -2.52 0.28
N LEU A 637 31.15 -2.75 -1.00
CA LEU A 637 32.51 -2.90 -1.51
C LEU A 637 33.19 -1.53 -1.39
N ALA A 638 32.46 -0.49 -1.75
CA ALA A 638 33.01 0.86 -1.67
C ALA A 638 33.22 1.30 -0.22
N ALA A 639 32.31 0.88 0.66
CA ALA A 639 32.38 1.27 2.06
C ALA A 639 33.19 0.29 2.93
N ASN A 640 33.82 -0.68 2.29
CA ASN A 640 34.61 -1.67 3.01
C ASN A 640 35.84 -1.04 3.66
N ALA A 641 35.61 -0.29 4.73
CA ALA A 641 36.68 0.40 5.45
C ALA A 641 37.04 -0.27 6.79
N ARG A 642 38.14 0.21 7.38
CA ARG A 642 38.63 -0.30 8.66
C ARG A 642 37.68 -0.04 9.81
N PRO A 643 37.63 -0.94 10.79
CA PRO A 643 36.74 -0.80 11.95
C PRO A 643 36.72 0.60 12.58
N GLU A 644 37.87 1.23 12.72
CA GLU A 644 37.95 2.56 13.32
C GLU A 644 37.43 3.72 12.45
N THR A 645 37.09 3.44 11.20
CA THR A 645 36.58 4.47 10.30
C THR A 645 35.05 4.50 10.30
N GLN A 646 34.46 5.61 10.74
CA GLN A 646 33.02 5.74 10.80
C GLN A 646 32.47 6.08 9.42
N ILE A 647 31.64 5.18 8.89
CA ILE A 647 31.06 5.36 7.58
C ILE A 647 29.65 5.94 7.72
N HIS A 648 29.39 7.02 6.99
CA HIS A 648 28.09 7.68 6.99
C HIS A 648 27.41 7.49 5.64
N ALA A 649 26.15 7.11 5.67
CA ALA A 649 25.39 6.92 4.45
C ALA A 649 24.35 8.02 4.42
N HIS A 650 24.19 8.65 3.27
CA HIS A 650 23.21 9.72 3.15
C HIS A 650 22.20 9.48 2.04
N MET A 651 20.93 9.60 2.39
CA MET A 651 19.84 9.42 1.44
C MET A 651 18.69 10.37 1.76
N CYS A 652 18.27 11.14 0.76
CA CYS A 652 17.20 12.12 0.94
C CYS A 652 15.83 11.55 0.59
N TYR A 653 15.57 10.30 0.98
CA TYR A 653 14.27 9.68 0.69
C TYR A 653 13.23 10.10 1.73
N SER A 654 11.99 10.30 1.27
CA SER A 654 10.89 10.71 2.14
C SER A 654 10.26 9.57 2.92
N ASP A 655 10.68 8.34 2.64
CA ASP A 655 10.16 7.17 3.34
C ASP A 655 11.06 5.97 3.14
N PHE A 656 11.23 5.17 4.19
CA PHE A 656 12.09 4.01 4.11
C PHE A 656 11.32 2.70 4.30
N ASN A 657 10.02 2.80 4.50
CA ASN A 657 9.16 1.63 4.69
C ASN A 657 9.34 0.53 3.66
N GLU A 658 9.47 0.91 2.40
CA GLU A 658 9.63 -0.08 1.33
C GLU A 658 11.04 -0.59 1.08
N ILE A 659 12.04 0.05 1.70
CA ILE A 659 13.42 -0.39 1.49
C ILE A 659 14.23 -0.66 2.77
N ILE A 660 13.62 -0.46 3.94
CA ILE A 660 14.32 -0.66 5.21
C ILE A 660 15.06 -1.99 5.29
N GLU A 661 14.46 -3.05 4.75
CA GLU A 661 15.09 -4.36 4.76
C GLU A 661 16.39 -4.35 3.96
N TYR A 662 16.47 -3.53 2.92
CA TYR A 662 17.68 -3.47 2.09
C TYR A 662 18.71 -2.54 2.72
N ILE A 663 18.22 -1.44 3.29
CA ILE A 663 19.06 -0.46 3.97
C ILE A 663 19.82 -1.18 5.08
N HIS A 664 19.13 -2.09 5.76
CA HIS A 664 19.73 -2.84 6.85
C HIS A 664 20.96 -3.66 6.47
N GLN A 665 21.07 -4.00 5.19
CA GLN A 665 22.22 -4.80 4.75
C GLN A 665 23.43 -3.94 4.38
N LEU A 666 23.26 -2.62 4.39
CA LEU A 666 24.37 -1.73 4.05
C LEU A 666 25.25 -1.60 5.28
N GLU A 667 26.56 -1.72 5.09
CA GLU A 667 27.49 -1.66 6.21
C GLU A 667 27.99 -0.29 6.68
N PHE A 668 27.08 0.65 6.85
CA PHE A 668 27.47 1.97 7.33
C PHE A 668 27.39 1.91 8.85
N ASP A 669 27.82 2.97 9.51
CA ASP A 669 27.77 3.02 10.97
C ASP A 669 26.71 4.05 11.38
N VAL A 670 26.43 4.99 10.50
CA VAL A 670 25.39 5.99 10.74
C VAL A 670 24.71 6.37 9.43
N ILE A 671 23.41 6.60 9.48
CA ILE A 671 22.69 6.99 8.29
C ILE A 671 21.85 8.23 8.56
N SER A 672 22.01 9.25 7.72
CA SER A 672 21.28 10.50 7.84
C SER A 672 20.02 10.45 6.99
N ILE A 673 18.91 10.93 7.57
CA ILE A 673 17.62 10.97 6.87
C ILE A 673 16.97 12.35 6.99
N GLU A 674 15.95 12.58 6.16
CA GLU A 674 15.24 13.86 6.18
C GLU A 674 13.99 13.70 7.02
N ALA A 675 13.98 14.29 8.22
CA ALA A 675 12.84 14.15 9.11
C ALA A 675 11.99 15.39 9.37
N SER A 676 12.38 16.53 8.84
CA SER A 676 11.64 17.77 9.08
C SER A 676 10.21 17.78 8.55
N ARG A 677 10.01 17.36 7.30
CA ARG A 677 8.70 17.35 6.68
C ARG A 677 7.67 16.51 7.44
N SER A 678 8.09 15.34 7.89
CA SER A 678 7.18 14.45 8.62
C SER A 678 7.22 14.72 10.11
N LYS A 679 7.97 15.75 10.50
CA LYS A 679 8.10 16.10 11.91
C LYS A 679 8.62 14.87 12.65
N GLY A 680 9.50 14.12 11.99
CA GLY A 680 10.09 12.92 12.58
C GLY A 680 9.28 11.64 12.48
N GLU A 681 8.05 11.73 11.95
CA GLU A 681 7.23 10.53 11.84
C GLU A 681 7.88 9.53 10.90
N ILE A 682 8.80 10.01 10.07
CA ILE A 682 9.51 9.15 9.13
C ILE A 682 10.38 8.15 9.90
N ILE A 683 10.51 8.36 11.20
CA ILE A 683 11.33 7.47 12.03
C ILE A 683 10.65 6.13 12.29
N SER A 684 9.36 6.05 12.00
CA SER A 684 8.60 4.83 12.24
C SER A 684 9.20 3.61 11.57
N ALA A 685 9.64 3.74 10.32
CA ALA A 685 10.21 2.59 9.63
C ALA A 685 11.34 1.96 10.47
N PHE A 686 12.11 2.81 11.12
CA PHE A 686 13.24 2.37 11.94
C PHE A 686 12.81 1.86 13.32
N GLU A 687 11.76 2.45 13.89
CA GLU A 687 11.27 2.01 15.20
C GLU A 687 10.70 0.61 15.11
N ASN A 688 10.07 0.30 13.98
CA ASN A 688 9.45 -0.99 13.81
C ASN A 688 10.37 -2.07 13.24
N PHE A 689 11.64 -1.72 13.03
CA PHE A 689 12.57 -2.70 12.51
C PHE A 689 13.25 -3.36 13.72
N LYS A 690 12.74 -4.52 14.10
CA LYS A 690 13.28 -5.24 15.24
C LYS A 690 14.78 -5.42 15.11
N GLY A 691 15.51 -5.00 16.14
CA GLY A 691 16.96 -5.15 16.13
C GLY A 691 17.74 -3.98 15.54
N TRP A 692 17.08 -2.87 15.22
CA TRP A 692 17.81 -1.74 14.66
C TRP A 692 18.71 -1.21 15.76
N ILE A 693 19.97 -0.96 15.43
CA ILE A 693 20.93 -0.46 16.42
C ILE A 693 21.94 0.56 15.92
N LYS A 694 21.87 0.94 14.65
CA LYS A 694 22.84 1.91 14.15
C LYS A 694 22.37 3.34 14.33
N GLN A 695 23.31 4.27 14.27
CA GLN A 695 23.02 5.69 14.45
C GLN A 695 22.26 6.32 13.28
N ILE A 696 21.44 7.32 13.62
CA ILE A 696 20.60 8.02 12.67
C ILE A 696 20.78 9.55 12.72
N GLY A 697 21.16 10.13 11.58
CA GLY A 697 21.33 11.57 11.51
C GLY A 697 19.97 12.17 11.20
N VAL A 698 19.30 12.71 12.22
CA VAL A 698 17.96 13.27 12.06
C VAL A 698 17.92 14.69 11.50
N GLY A 699 17.49 14.81 10.25
CA GLY A 699 17.39 16.13 9.62
C GLY A 699 16.23 16.86 10.25
N VAL A 700 16.50 18.00 10.89
CA VAL A 700 15.46 18.77 11.57
C VAL A 700 15.10 20.08 10.89
N TRP A 701 15.68 20.31 9.72
CA TRP A 701 15.44 21.55 9.00
C TRP A 701 15.30 21.36 7.49
N ASP A 702 14.14 21.75 6.97
CA ASP A 702 13.84 21.65 5.54
C ASP A 702 14.79 22.54 4.73
N ILE A 703 15.82 21.94 4.16
CA ILE A 703 16.81 22.67 3.37
C ILE A 703 16.24 23.27 2.07
N HIS A 704 14.96 23.06 1.81
CA HIS A 704 14.34 23.61 0.60
C HIS A 704 13.55 24.88 0.88
N SER A 705 13.46 25.26 2.15
CA SER A 705 12.75 26.46 2.54
C SER A 705 13.74 27.47 3.10
N PRO A 706 13.60 28.75 2.72
CA PRO A 706 14.50 29.81 3.20
C PRO A 706 14.22 30.21 4.65
N ALA A 707 13.01 29.92 5.12
CA ALA A 707 12.60 30.27 6.49
C ALA A 707 13.34 29.48 7.57
N VAL A 708 14.10 30.20 8.39
CA VAL A 708 14.86 29.60 9.48
C VAL A 708 13.88 28.94 10.47
N PRO A 709 14.17 27.70 10.87
CA PRO A 709 13.30 26.99 11.82
C PRO A 709 13.57 27.41 13.26
N SER A 710 12.55 27.33 14.10
CA SER A 710 12.68 27.70 15.51
C SER A 710 13.16 26.50 16.31
N ILE A 711 14.00 26.75 17.31
CA ILE A 711 14.53 25.69 18.17
C ILE A 711 13.37 24.82 18.65
N ASN A 712 12.23 25.44 18.90
CA ASN A 712 11.06 24.72 19.38
C ASN A 712 10.54 23.72 18.34
N GLU A 713 10.64 24.09 17.06
CA GLU A 713 10.18 23.24 15.97
C GLU A 713 11.10 22.03 15.77
N MET A 714 12.40 22.26 15.88
CA MET A 714 13.38 21.18 15.73
C MET A 714 13.27 20.24 16.94
N ARG A 715 12.95 20.80 18.10
CA ARG A 715 12.82 20.01 19.32
C ARG A 715 11.69 19.01 19.17
N GLU A 716 10.62 19.41 18.49
CA GLU A 716 9.49 18.52 18.28
C GLU A 716 9.95 17.29 17.50
N ILE A 717 10.77 17.52 16.48
CA ILE A 717 11.26 16.44 15.64
C ILE A 717 12.13 15.46 16.43
N VAL A 718 13.07 15.99 17.22
CA VAL A 718 13.95 15.14 18.01
C VAL A 718 13.20 14.40 19.11
N GLU A 719 12.20 15.05 19.70
CA GLU A 719 11.44 14.41 20.76
C GLU A 719 10.69 13.22 20.16
N ARG A 720 10.23 13.39 18.92
CA ARG A 720 9.52 12.33 18.23
C ARG A 720 10.41 11.10 17.96
N VAL A 721 11.60 11.33 17.44
CA VAL A 721 12.49 10.22 17.12
C VAL A 721 13.00 9.47 18.33
N LEU A 722 13.10 10.14 19.48
CA LEU A 722 13.58 9.43 20.64
C LEU A 722 12.51 8.93 21.60
N ARG A 723 11.33 8.64 21.07
CA ARG A 723 10.27 8.11 21.93
C ARG A 723 10.49 6.61 22.10
N VAL A 724 11.24 6.00 21.18
CA VAL A 724 11.52 4.56 21.26
C VAL A 724 13.01 4.24 21.13
N LEU A 725 13.67 4.80 20.12
CA LEU A 725 15.08 4.55 19.89
C LEU A 725 16.01 5.16 20.96
N PRO A 726 17.07 4.44 21.32
CA PRO A 726 18.03 4.92 22.33
C PRO A 726 18.58 6.30 21.99
N LYS A 727 18.76 7.14 23.00
CA LYS A 727 19.23 8.48 22.74
C LYS A 727 20.64 8.52 22.16
N GLU A 728 21.44 7.48 22.39
CA GLU A 728 22.80 7.47 21.88
C GLU A 728 22.93 7.26 20.36
N LEU A 729 21.83 6.92 19.71
CA LEU A 729 21.86 6.70 18.26
C LEU A 729 21.63 7.97 17.45
N ILE A 730 21.08 8.98 18.09
CA ILE A 730 20.72 10.24 17.43
C ILE A 730 21.74 11.35 17.19
N TRP A 731 21.85 11.77 15.93
CA TRP A 731 22.71 12.88 15.54
C TRP A 731 21.73 13.98 15.14
N ILE A 732 22.17 15.23 15.15
CA ILE A 732 21.31 16.33 14.74
C ILE A 732 21.92 16.99 13.52
N ASN A 733 21.11 17.19 12.49
CA ASN A 733 21.61 17.82 11.26
C ASN A 733 20.48 18.30 10.35
N PRO A 734 20.83 19.02 9.27
CA PRO A 734 19.81 19.50 8.35
C PRO A 734 19.36 18.34 7.47
N ASP A 735 18.22 18.49 6.80
CA ASP A 735 17.68 17.43 5.94
C ASP A 735 18.68 16.96 4.88
N CYS A 736 19.11 17.86 4.01
CA CYS A 736 20.05 17.48 2.97
C CYS A 736 21.03 18.58 2.56
N GLY A 737 21.41 18.63 1.28
CA GLY A 737 22.37 19.63 0.82
C GLY A 737 22.00 21.07 1.13
N LEU A 738 23.01 21.95 1.15
CA LEU A 738 22.79 23.35 1.44
C LEU A 738 23.16 24.33 0.32
N LYS A 739 23.54 23.81 -0.84
CA LYS A 739 23.95 24.66 -1.96
C LYS A 739 22.85 25.55 -2.55
N THR A 740 21.59 25.17 -2.40
CA THR A 740 20.50 25.93 -2.94
C THR A 740 20.00 27.02 -1.99
N ARG A 741 20.68 27.14 -0.85
CA ARG A 741 20.30 28.10 0.17
C ARG A 741 21.28 29.29 0.21
N ASN A 742 20.91 30.32 0.95
CA ASN A 742 21.78 31.49 1.09
C ASN A 742 22.46 31.49 2.45
N TRP A 743 23.65 32.06 2.52
CA TRP A 743 24.40 32.11 3.77
C TRP A 743 23.66 32.74 4.94
N ASP A 744 22.86 33.77 4.68
CA ASP A 744 22.12 34.44 5.75
C ASP A 744 20.93 33.64 6.26
N GLU A 745 20.61 32.55 5.56
CA GLU A 745 19.51 31.68 5.98
C GLU A 745 20.12 30.47 6.68
N VAL A 746 21.33 30.11 6.26
CA VAL A 746 22.05 28.96 6.83
C VAL A 746 22.60 29.26 8.22
N ILE A 747 23.42 30.31 8.32
CA ILE A 747 24.02 30.70 9.59
C ILE A 747 23.04 30.59 10.75
N PRO A 748 21.94 31.35 10.72
CA PRO A 748 20.99 31.25 11.83
C PRO A 748 20.42 29.86 12.03
N SER A 749 20.07 29.19 10.94
CA SER A 749 19.51 27.83 11.04
C SER A 749 20.48 26.88 11.74
N LEU A 750 21.75 26.93 11.34
CA LEU A 750 22.77 26.06 11.93
C LEU A 750 22.96 26.40 13.41
N ARG A 751 22.86 27.70 13.73
CA ARG A 751 23.01 28.18 15.10
C ARG A 751 21.87 27.60 15.94
N ASN A 752 20.65 27.73 15.44
CA ASN A 752 19.49 27.21 16.16
C ASN A 752 19.59 25.71 16.35
N MET A 753 20.26 25.06 15.40
CA MET A 753 20.43 23.61 15.45
C MET A 753 21.39 23.25 16.57
N VAL A 754 22.50 23.98 16.65
CA VAL A 754 23.49 23.75 17.68
C VAL A 754 22.94 24.03 19.07
N ALA A 755 22.13 25.08 19.19
CA ALA A 755 21.53 25.45 20.46
C ALA A 755 20.64 24.33 20.97
N LEU A 756 19.73 23.87 20.12
CA LEU A 756 18.83 22.79 20.47
C LEU A 756 19.62 21.57 20.91
N ALA A 757 20.76 21.35 20.27
CA ALA A 757 21.59 20.20 20.63
C ALA A 757 21.96 20.31 22.11
N LYS A 758 22.45 21.47 22.53
CA LYS A 758 22.83 21.70 23.92
C LYS A 758 21.64 21.55 24.88
N GLU A 759 20.51 22.13 24.52
CA GLU A 759 19.32 22.04 25.35
C GLU A 759 18.98 20.56 25.58
N MET A 760 19.12 19.78 24.52
CA MET A 760 18.82 18.36 24.57
C MET A 760 19.67 17.63 25.61
N ARG A 761 20.89 18.10 25.82
CA ARG A 761 21.81 17.50 26.78
C ARG A 761 21.45 17.79 28.24
N PHE B 32 -19.27 -43.08 -9.70
CA PHE B 32 -18.94 -42.54 -8.38
C PHE B 32 -18.60 -41.06 -8.39
N THR B 33 -19.16 -40.33 -7.44
CA THR B 33 -18.89 -38.90 -7.31
C THR B 33 -18.20 -38.71 -5.96
N LYS B 34 -16.92 -38.37 -6.01
CA LYS B 34 -16.12 -38.15 -4.81
C LYS B 34 -16.62 -36.89 -4.08
N ALA B 35 -17.04 -37.04 -2.83
CA ALA B 35 -17.54 -35.90 -2.05
C ALA B 35 -16.52 -35.47 -0.98
N TYR B 36 -16.28 -34.16 -0.89
CA TYR B 36 -15.35 -33.58 0.08
C TYR B 36 -16.15 -32.65 0.99
N ALA B 37 -15.56 -32.34 2.14
CA ALA B 37 -16.15 -31.42 3.10
C ALA B 37 -14.99 -30.96 3.99
N PHE B 38 -15.05 -29.73 4.46
CA PHE B 38 -13.98 -29.23 5.31
C PHE B 38 -14.48 -28.09 6.18
N GLY B 39 -13.76 -27.84 7.27
CA GLY B 39 -14.12 -26.79 8.20
C GLY B 39 -15.29 -27.06 9.11
N PHE B 40 -15.69 -28.32 9.26
CA PHE B 40 -16.79 -28.65 10.16
C PHE B 40 -16.43 -28.09 11.53
N PRO B 41 -17.38 -27.41 12.19
CA PRO B 41 -17.21 -26.81 13.52
C PRO B 41 -16.47 -27.72 14.49
N LYS B 42 -15.61 -27.14 15.31
CA LYS B 42 -14.86 -27.94 16.27
C LYS B 42 -15.39 -27.76 17.69
N ILE B 43 -16.21 -26.73 17.89
CA ILE B 43 -16.72 -26.44 19.23
C ILE B 43 -17.56 -27.52 19.90
N GLY B 44 -18.15 -28.39 19.11
CA GLY B 44 -18.96 -29.45 19.68
C GLY B 44 -20.39 -28.99 19.94
N GLU B 45 -21.30 -29.94 19.98
CA GLU B 45 -22.71 -29.65 20.21
C GLU B 45 -23.05 -29.05 21.57
N LYS B 46 -22.24 -29.36 22.58
CA LYS B 46 -22.49 -28.84 23.93
C LYS B 46 -21.40 -27.85 24.31
N ARG B 47 -20.71 -27.33 23.29
CA ARG B 47 -19.64 -26.38 23.48
C ARG B 47 -18.56 -26.98 24.37
N GLU B 48 -18.31 -28.28 24.19
CA GLU B 48 -17.29 -28.98 24.96
C GLU B 48 -15.93 -28.33 24.74
N PHE B 49 -15.73 -27.74 23.56
CA PHE B 49 -14.46 -27.08 23.27
C PHE B 49 -14.26 -25.85 24.13
N LYS B 50 -15.30 -25.03 24.25
CA LYS B 50 -15.22 -23.82 25.07
C LYS B 50 -14.91 -24.16 26.53
N LYS B 51 -15.66 -25.13 27.08
CA LYS B 51 -15.49 -25.55 28.47
C LYS B 51 -14.09 -26.11 28.77
N ALA B 52 -13.60 -27.01 27.92
CA ALA B 52 -12.30 -27.60 28.15
C ALA B 52 -11.19 -26.54 28.16
N LEU B 53 -11.24 -25.63 27.20
CA LEU B 53 -10.26 -24.56 27.07
C LEU B 53 -10.27 -23.66 28.32
N GLU B 54 -11.45 -23.21 28.71
CA GLU B 54 -11.58 -22.35 29.88
C GLU B 54 -11.28 -23.07 31.19
N ASP B 55 -11.67 -24.33 31.30
CA ASP B 55 -11.37 -25.08 32.53
C ASP B 55 -9.86 -25.22 32.64
N PHE B 56 -9.20 -25.53 31.53
CA PHE B 56 -7.75 -25.71 31.53
C PHE B 56 -7.02 -24.43 31.95
N TRP B 57 -7.50 -23.28 31.47
CA TRP B 57 -6.88 -22.00 31.83
C TRP B 57 -7.10 -21.71 33.30
N LYS B 58 -8.32 -21.94 33.77
CA LYS B 58 -8.67 -21.70 35.16
C LYS B 58 -7.97 -22.68 36.11
N GLY B 59 -7.42 -23.75 35.56
CA GLY B 59 -6.72 -24.73 36.38
C GLY B 59 -7.58 -25.86 36.88
N LYS B 60 -8.86 -25.89 36.49
CA LYS B 60 -9.78 -26.94 36.92
C LYS B 60 -9.46 -28.33 36.37
N ILE B 61 -8.80 -28.40 35.21
CA ILE B 61 -8.45 -29.70 34.61
C ILE B 61 -6.99 -29.71 34.18
N THR B 62 -6.39 -30.89 34.09
CA THR B 62 -4.98 -30.99 33.70
C THR B 62 -4.81 -30.99 32.19
N GLU B 63 -3.55 -30.97 31.74
CA GLU B 63 -3.25 -31.00 30.31
C GLU B 63 -3.70 -32.32 29.73
N GLU B 64 -3.46 -33.40 30.48
CA GLU B 64 -3.84 -34.74 30.05
C GLU B 64 -5.36 -34.82 29.91
N GLN B 65 -6.08 -34.07 30.73
CA GLN B 65 -7.53 -34.06 30.66
C GLN B 65 -7.97 -33.18 29.49
N PHE B 66 -7.28 -32.06 29.31
CA PHE B 66 -7.58 -31.15 28.22
C PHE B 66 -7.51 -31.92 26.89
N GLU B 67 -6.45 -32.71 26.74
CA GLU B 67 -6.26 -33.51 25.53
C GLU B 67 -7.32 -34.60 25.35
N GLU B 68 -7.72 -35.24 26.45
CA GLU B 68 -8.73 -36.28 26.38
C GLU B 68 -10.02 -35.73 25.78
N GLU B 69 -10.41 -34.53 26.21
CA GLU B 69 -11.62 -33.89 25.70
C GLU B 69 -11.43 -33.56 24.22
N MET B 70 -10.25 -33.04 23.87
CA MET B 70 -9.94 -32.69 22.49
C MET B 70 -10.04 -33.93 21.60
N ASN B 71 -9.46 -35.05 22.05
CA ASN B 71 -9.51 -36.26 21.24
C ASN B 71 -10.95 -36.68 21.00
N LYS B 72 -11.80 -36.53 22.00
CA LYS B 72 -13.20 -36.89 21.84
C LYS B 72 -13.79 -36.01 20.73
N LEU B 73 -13.39 -34.75 20.73
CA LEU B 73 -13.87 -33.82 19.71
C LEU B 73 -13.40 -34.25 18.32
N ARG B 74 -12.15 -34.71 18.23
CA ARG B 74 -11.61 -35.17 16.94
C ARG B 74 -12.47 -36.30 16.40
N MET B 75 -12.82 -37.25 17.27
CA MET B 75 -13.64 -38.39 16.85
C MET B 75 -15.05 -37.95 16.44
N TYR B 76 -15.61 -37.03 17.22
CA TYR B 76 -16.94 -36.51 16.94
C TYR B 76 -16.96 -35.92 15.52
N MET B 77 -15.91 -35.15 15.20
CA MET B 77 -15.80 -34.50 13.90
C MET B 77 -15.66 -35.50 12.75
N VAL B 78 -14.69 -36.42 12.85
CA VAL B 78 -14.49 -37.39 11.79
C VAL B 78 -15.65 -38.35 11.62
N GLU B 79 -16.46 -38.52 12.66
CA GLU B 79 -17.57 -39.42 12.51
C GLU B 79 -18.66 -38.70 11.72
N ASN B 80 -18.83 -37.41 11.98
CA ASN B 80 -19.80 -36.61 11.25
C ASN B 80 -19.45 -36.67 9.77
N TYR B 81 -18.16 -36.49 9.45
CA TYR B 81 -17.68 -36.56 8.08
C TYR B 81 -17.94 -37.93 7.42
N ARG B 82 -17.45 -39.00 8.05
CA ARG B 82 -17.60 -40.35 7.52
C ARG B 82 -19.03 -40.67 7.09
N LYS B 83 -19.99 -40.33 7.95
CA LYS B 83 -21.40 -40.59 7.65
C LYS B 83 -21.88 -39.89 6.39
N ASN B 84 -21.15 -38.88 5.93
CA ASN B 84 -21.61 -38.14 4.77
C ASN B 84 -20.74 -37.98 3.54
N VAL B 85 -19.43 -37.92 3.72
CA VAL B 85 -18.56 -37.72 2.56
C VAL B 85 -17.47 -38.77 2.48
N ASP B 86 -16.72 -38.75 1.38
CA ASP B 86 -15.66 -39.72 1.15
C ASP B 86 -14.28 -39.34 1.68
N VAL B 87 -13.97 -38.04 1.68
CA VAL B 87 -12.67 -37.61 2.17
C VAL B 87 -12.78 -37.08 3.58
N ILE B 88 -12.02 -37.68 4.49
CA ILE B 88 -12.03 -37.29 5.90
C ILE B 88 -10.81 -36.44 6.25
N PRO B 89 -11.04 -35.15 6.52
CA PRO B 89 -9.95 -34.23 6.88
C PRO B 89 -9.41 -34.46 8.29
N SER B 90 -8.17 -34.07 8.51
CA SER B 90 -7.55 -34.15 9.84
C SER B 90 -6.78 -32.84 10.00
N ASN B 91 -6.17 -32.62 11.15
CA ASN B 91 -5.41 -31.39 11.39
C ASN B 91 -6.32 -30.14 11.44
N GLU B 92 -7.58 -30.35 11.82
CA GLU B 92 -8.55 -29.26 11.90
C GLU B 92 -8.81 -28.78 13.31
N LEU B 93 -8.71 -29.67 14.29
CA LEU B 93 -8.94 -29.27 15.66
C LEU B 93 -7.79 -28.48 16.28
N SER B 94 -7.80 -27.17 16.04
CA SER B 94 -6.79 -26.27 16.58
C SER B 94 -7.17 -25.87 17.99
N TYR B 95 -6.20 -25.83 18.90
CA TYR B 95 -6.49 -25.45 20.27
C TYR B 95 -6.71 -23.95 20.48
N TYR B 96 -6.61 -23.17 19.40
CA TYR B 96 -6.86 -21.73 19.48
C TYR B 96 -7.04 -21.11 18.09
N ASP B 97 -6.02 -21.28 17.25
CA ASP B 97 -6.07 -20.74 15.89
C ASP B 97 -5.22 -21.54 14.94
N PHE B 98 -5.79 -21.87 13.79
CA PHE B 98 -5.09 -22.65 12.78
C PHE B 98 -3.97 -21.89 12.06
N VAL B 99 -4.03 -20.55 12.07
CA VAL B 99 -2.94 -19.84 11.43
C VAL B 99 -1.78 -19.83 12.43
N LEU B 100 -2.09 -19.76 13.71
CA LEU B 100 -1.04 -19.80 14.73
C LEU B 100 -0.39 -21.17 14.65
N ASP B 101 -1.21 -22.21 14.46
CA ASP B 101 -0.68 -23.56 14.36
C ASP B 101 0.33 -23.61 13.22
N THR B 102 -0.03 -23.01 12.09
CA THR B 102 0.86 -23.02 10.94
C THR B 102 2.20 -22.36 11.27
N ALA B 103 2.15 -21.28 12.05
CA ALA B 103 3.36 -20.56 12.45
C ALA B 103 4.22 -21.47 13.32
N VAL B 104 3.60 -22.13 14.29
CA VAL B 104 4.32 -23.06 15.17
C VAL B 104 4.99 -24.15 14.33
N MET B 105 4.24 -24.72 13.39
CA MET B 105 4.78 -25.76 12.53
C MET B 105 6.10 -25.35 11.86
N VAL B 106 6.13 -24.16 11.25
CA VAL B 106 7.33 -23.71 10.57
C VAL B 106 8.29 -22.90 11.45
N GLY B 107 8.16 -23.06 12.76
CA GLY B 107 9.05 -22.39 13.69
C GLY B 107 8.94 -20.89 13.86
N ALA B 108 7.89 -20.28 13.34
CA ALA B 108 7.73 -18.84 13.48
C ALA B 108 7.28 -18.45 14.89
N VAL B 109 8.21 -18.52 15.83
CA VAL B 109 7.93 -18.16 17.23
C VAL B 109 8.78 -16.96 17.61
N PRO B 110 8.15 -15.79 17.80
CA PRO B 110 8.89 -14.58 18.18
C PRO B 110 9.79 -14.80 19.40
N GLU B 111 10.96 -14.16 19.38
CA GLU B 111 11.93 -14.28 20.47
C GLU B 111 11.34 -14.01 21.85
N ARG B 112 10.41 -13.06 21.95
CA ARG B 112 9.84 -12.73 23.25
C ARG B 112 9.21 -13.91 24.00
N PHE B 113 9.10 -15.05 23.33
CA PHE B 113 8.49 -16.21 23.96
C PHE B 113 9.47 -17.25 24.47
N GLY B 114 10.75 -17.07 24.16
CA GLY B 114 11.75 -18.03 24.60
C GLY B 114 11.59 -19.32 23.81
N GLU B 115 12.20 -20.40 24.28
CA GLU B 115 12.10 -21.69 23.60
C GLU B 115 10.65 -22.15 23.60
N TYR B 116 10.19 -22.68 22.47
CA TYR B 116 8.82 -23.17 22.38
C TYR B 116 8.76 -24.39 23.28
N ARG B 117 7.87 -24.38 24.26
CA ARG B 117 7.76 -25.49 25.19
C ARG B 117 6.58 -26.41 24.87
N GLY B 118 5.47 -25.81 24.44
CA GLY B 118 4.28 -26.57 24.12
C GLY B 118 3.06 -25.72 24.40
N LEU B 119 2.00 -26.37 24.89
CA LEU B 119 0.76 -25.66 25.20
C LEU B 119 0.96 -24.32 25.92
N SER B 120 1.77 -24.33 26.98
CA SER B 120 2.05 -23.12 27.75
C SER B 120 2.52 -21.97 26.87
N THR B 121 3.44 -22.29 25.96
CA THR B 121 3.99 -21.29 25.03
C THR B 121 2.92 -20.92 23.99
N TYR B 122 2.21 -21.93 23.50
CA TYR B 122 1.16 -21.74 22.50
C TYR B 122 0.11 -20.76 22.99
N PHE B 123 -0.37 -20.96 24.22
CA PHE B 123 -1.38 -20.06 24.77
C PHE B 123 -0.82 -18.69 25.10
N ASP B 124 0.48 -18.59 25.35
CA ASP B 124 1.06 -17.29 25.64
C ASP B 124 1.11 -16.46 24.36
N MET B 125 1.19 -17.16 23.23
CA MET B 125 1.21 -16.49 21.94
C MET B 125 -0.23 -16.10 21.57
N ALA B 126 -1.18 -16.86 22.10
CA ALA B 126 -2.61 -16.64 21.81
C ALA B 126 -3.27 -15.58 22.69
N ARG B 127 -3.04 -15.66 23.99
CA ARG B 127 -3.65 -14.74 24.94
C ARG B 127 -2.62 -14.18 25.92
N GLY B 128 -2.86 -12.97 26.41
CA GLY B 128 -1.91 -12.39 27.34
C GLY B 128 -1.21 -11.15 26.83
N GLY B 129 -0.38 -10.55 27.69
CA GLY B 129 0.34 -9.34 27.34
C GLY B 129 1.37 -9.41 26.23
N LYS B 130 1.87 -10.61 25.94
CA LYS B 130 2.86 -10.76 24.87
C LYS B 130 2.26 -11.37 23.61
N ALA B 131 0.97 -11.69 23.68
CA ALA B 131 0.24 -12.33 22.59
C ALA B 131 0.36 -11.68 21.21
N LEU B 132 0.17 -12.49 20.18
CA LEU B 132 0.22 -12.03 18.80
C LEU B 132 -1.01 -11.15 18.56
N GLU B 133 -0.93 -10.32 17.53
CA GLU B 133 -2.03 -9.45 17.16
C GLU B 133 -3.20 -10.33 16.68
N MET B 134 -4.42 -9.91 17.00
CA MET B 134 -5.61 -10.64 16.56
C MET B 134 -6.36 -9.79 15.52
N THR B 135 -6.69 -10.39 14.38
CA THR B 135 -7.37 -9.66 13.32
C THR B 135 -8.37 -10.58 12.59
N LYS B 136 -9.21 -9.98 11.75
CA LYS B 136 -10.21 -10.74 10.99
C LYS B 136 -9.62 -11.63 9.90
N PHE B 137 -10.15 -12.84 9.80
CA PHE B 137 -9.74 -13.81 8.79
C PHE B 137 -10.53 -13.42 7.54
N PHE B 138 -9.90 -12.68 6.63
CA PHE B 138 -10.58 -12.21 5.44
C PHE B 138 -11.81 -11.39 5.87
N ASN B 139 -12.93 -11.51 5.18
CA ASN B 139 -14.09 -10.72 5.58
C ASN B 139 -15.08 -11.51 6.42
N THR B 140 -14.60 -12.48 7.20
CA THR B 140 -15.52 -13.28 7.99
C THR B 140 -15.59 -12.94 9.47
N ASN B 141 -16.42 -13.69 10.17
CA ASN B 141 -16.68 -13.57 11.60
C ASN B 141 -15.55 -14.17 12.45
N TYR B 142 -14.62 -14.86 11.80
CA TYR B 142 -13.53 -15.51 12.51
C TYR B 142 -12.27 -14.66 12.62
N HIS B 143 -11.62 -14.68 13.78
CA HIS B 143 -10.41 -13.91 14.00
C HIS B 143 -9.24 -14.86 14.21
N TYR B 144 -8.15 -14.61 13.49
CA TYR B 144 -6.96 -15.45 13.61
C TYR B 144 -5.85 -14.61 14.26
N LEU B 145 -4.70 -15.23 14.45
CA LEU B 145 -3.56 -14.56 15.06
C LEU B 145 -2.49 -14.28 14.01
N VAL B 146 -2.08 -13.03 13.89
CA VAL B 146 -1.08 -12.63 12.92
C VAL B 146 0.33 -13.07 13.26
N PRO B 147 0.92 -13.93 12.41
CA PRO B 147 2.29 -14.39 12.68
C PRO B 147 3.29 -13.25 12.48
N GLU B 148 4.30 -13.18 13.33
CA GLU B 148 5.34 -12.17 13.23
C GLU B 148 6.60 -12.90 12.76
N ILE B 149 7.10 -12.54 11.59
CA ILE B 149 8.28 -13.19 11.03
C ILE B 149 9.57 -12.45 11.36
N GLU B 150 10.24 -12.88 12.42
CA GLU B 150 11.48 -12.25 12.85
C GLU B 150 12.73 -12.76 12.14
N THR B 151 12.68 -13.97 11.59
CA THR B 151 13.84 -14.53 10.89
C THR B 151 13.47 -14.97 9.48
N GLU B 152 14.46 -14.94 8.59
CA GLU B 152 14.26 -15.32 7.21
C GLU B 152 14.39 -16.83 7.00
N GLU B 153 14.61 -17.59 8.06
CA GLU B 153 14.77 -19.03 7.92
C GLU B 153 13.77 -19.85 8.71
N PHE B 154 12.94 -20.60 8.00
CA PHE B 154 11.93 -21.44 8.62
C PHE B 154 12.53 -22.84 8.81
N TYR B 155 11.95 -23.62 9.72
CA TYR B 155 12.40 -24.98 9.98
C TYR B 155 11.26 -25.75 10.63
N LEU B 156 11.22 -27.06 10.39
CA LEU B 156 10.17 -27.91 10.94
C LEU B 156 10.28 -28.00 12.46
N LEU B 157 9.52 -27.17 13.16
CA LEU B 157 9.53 -27.19 14.61
C LEU B 157 8.66 -28.32 15.13
N GLU B 158 7.46 -28.43 14.58
CA GLU B 158 6.53 -29.46 14.99
C GLU B 158 5.64 -29.87 13.83
N ASN B 159 5.52 -31.18 13.62
CA ASN B 159 4.71 -31.70 12.53
C ASN B 159 3.33 -32.15 13.01
N LYS B 160 2.49 -31.18 13.38
CA LYS B 160 1.14 -31.45 13.86
C LYS B 160 0.32 -32.20 12.82
N PRO B 161 0.52 -31.88 11.53
CA PRO B 161 -0.25 -32.59 10.51
C PRO B 161 0.03 -34.10 10.56
N LEU B 162 1.29 -34.45 10.79
CA LEU B 162 1.66 -35.87 10.86
C LEU B 162 1.10 -36.51 12.13
N GLU B 163 1.27 -35.82 13.25
CA GLU B 163 0.79 -36.30 14.55
C GLU B 163 -0.69 -36.63 14.44
N ASP B 164 -1.45 -35.73 13.85
CA ASP B 164 -2.88 -35.94 13.71
C ASP B 164 -3.21 -37.03 12.69
N TYR B 165 -2.41 -37.13 11.64
CA TYR B 165 -2.65 -38.16 10.63
C TYR B 165 -2.46 -39.53 11.28
N LEU B 166 -1.36 -39.69 12.01
CA LEU B 166 -1.09 -40.96 12.68
C LEU B 166 -2.10 -41.26 13.79
N PHE B 167 -2.65 -40.22 14.40
CA PHE B 167 -3.63 -40.43 15.45
C PHE B 167 -4.86 -41.15 14.91
N PHE B 168 -5.40 -40.68 13.79
CA PHE B 168 -6.57 -41.29 13.21
C PHE B 168 -6.24 -42.64 12.57
N LYS B 169 -5.01 -42.79 12.11
CA LYS B 169 -4.60 -44.05 11.51
C LYS B 169 -4.71 -45.15 12.55
N SER B 170 -4.25 -44.86 13.77
CA SER B 170 -4.28 -45.82 14.85
C SER B 170 -5.73 -46.16 15.24
N LYS B 171 -6.68 -45.44 14.66
CA LYS B 171 -8.09 -45.69 14.94
C LYS B 171 -8.72 -46.32 13.69
N GLY B 172 -7.87 -46.64 12.71
CA GLY B 172 -8.32 -47.25 11.47
C GLY B 172 -8.98 -46.27 10.50
N ILE B 173 -8.66 -44.99 10.63
CA ILE B 173 -9.25 -43.97 9.75
C ILE B 173 -8.21 -43.20 8.93
N GLU B 174 -8.35 -43.27 7.61
CA GLU B 174 -7.48 -42.57 6.67
C GLU B 174 -8.01 -41.15 6.51
N THR B 175 -7.17 -40.16 6.82
CA THR B 175 -7.55 -38.77 6.72
C THR B 175 -6.66 -37.97 5.78
N ALA B 176 -7.17 -36.84 5.31
CA ALA B 176 -6.44 -35.95 4.41
C ALA B 176 -6.14 -34.69 5.23
N PRO B 177 -4.89 -34.55 5.70
CA PRO B 177 -4.51 -33.37 6.50
C PRO B 177 -4.93 -32.04 5.86
N TRP B 178 -5.55 -31.18 6.66
CA TRP B 178 -6.02 -29.87 6.23
C TRP B 178 -4.99 -28.82 6.64
N VAL B 179 -4.43 -28.08 5.69
CA VAL B 179 -3.41 -27.08 6.02
C VAL B 179 -3.49 -25.80 5.21
N ILE B 180 -2.96 -24.72 5.78
CA ILE B 180 -2.93 -23.43 5.10
C ILE B 180 -1.70 -23.47 4.19
N GLY B 181 -1.91 -23.14 2.93
CA GLY B 181 -0.82 -23.13 1.96
C GLY B 181 0.24 -22.10 2.27
N PRO B 182 1.46 -22.26 1.75
CA PRO B 182 2.56 -21.32 1.99
C PRO B 182 2.31 -19.90 1.52
N PHE B 183 1.59 -19.73 0.42
CA PHE B 183 1.33 -18.39 -0.06
C PHE B 183 0.39 -17.63 0.87
N THR B 184 -0.74 -18.24 1.21
CA THR B 184 -1.69 -17.61 2.10
C THR B 184 -1.08 -17.35 3.47
N PHE B 185 -0.26 -18.26 3.95
CA PHE B 185 0.37 -18.08 5.27
C PHE B 185 1.16 -16.77 5.33
N LEU B 186 2.03 -16.56 4.35
CA LEU B 186 2.85 -15.34 4.32
C LEU B 186 1.95 -14.13 4.14
N TYR B 187 0.94 -14.27 3.30
CA TYR B 187 0.02 -13.19 3.02
C TYR B 187 -0.76 -12.73 4.24
N LEU B 188 -0.92 -13.61 5.23
CA LEU B 188 -1.63 -13.26 6.47
C LEU B 188 -0.67 -12.84 7.59
N SER B 189 0.62 -12.88 7.31
CA SER B 189 1.62 -12.53 8.32
C SER B 189 2.25 -11.15 8.15
N LYS B 190 2.96 -10.72 9.19
CA LYS B 190 3.62 -9.43 9.17
C LYS B 190 5.10 -9.56 9.50
N ARG B 191 5.86 -8.57 9.04
CA ARG B 191 7.27 -8.52 9.30
C ARG B 191 7.59 -7.05 9.60
N ASN B 192 8.19 -6.82 10.76
CA ASN B 192 8.51 -5.47 11.20
C ASN B 192 7.32 -4.54 11.12
N GLY B 193 6.17 -5.03 11.58
CA GLY B 193 4.96 -4.23 11.59
C GLY B 193 4.19 -4.11 10.29
N GLU B 194 4.72 -4.65 9.19
CA GLU B 194 4.04 -4.55 7.90
C GLU B 194 3.64 -5.90 7.31
N TRP B 195 2.60 -5.90 6.47
CA TRP B 195 2.12 -7.12 5.84
C TRP B 195 3.15 -7.61 4.84
N ILE B 196 3.25 -8.91 4.68
CA ILE B 196 4.17 -9.50 3.72
C ILE B 196 3.30 -9.84 2.51
N ARG B 197 2.94 -8.83 1.73
CA ARG B 197 2.07 -9.03 0.58
C ARG B 197 2.62 -8.69 -0.80
N ARG B 198 3.71 -7.94 -0.85
CA ARG B 198 4.35 -7.60 -2.12
C ARG B 198 5.22 -8.77 -2.58
N PRO B 199 5.25 -9.04 -3.89
CA PRO B 199 6.06 -10.16 -4.40
C PRO B 199 7.51 -10.13 -3.93
N ASN B 200 8.14 -8.95 -3.98
CA ASN B 200 9.54 -8.85 -3.56
C ASN B 200 9.66 -9.13 -2.06
N GLN B 201 8.59 -8.93 -1.31
CA GLN B 201 8.61 -9.20 0.14
C GLN B 201 8.52 -10.69 0.42
N MET B 202 7.76 -11.40 -0.42
CA MET B 202 7.54 -12.83 -0.25
C MET B 202 8.57 -13.78 -0.87
N GLU B 203 9.05 -13.43 -2.06
CA GLU B 203 9.99 -14.26 -2.80
C GLU B 203 11.04 -15.06 -2.02
N LYS B 204 11.95 -14.36 -1.36
CA LYS B 204 13.00 -15.04 -0.61
C LYS B 204 12.44 -15.90 0.52
N LEU B 205 11.58 -15.30 1.34
CA LEU B 205 10.97 -16.02 2.44
C LEU B 205 10.32 -17.31 1.94
N LEU B 206 9.72 -17.27 0.75
CA LEU B 206 9.06 -18.43 0.17
C LEU B 206 9.94 -19.65 -0.05
N GLU B 207 11.16 -19.45 -0.55
CA GLU B 207 12.07 -20.56 -0.80
C GLU B 207 12.23 -21.39 0.47
N SER B 208 12.58 -20.72 1.57
CA SER B 208 12.77 -21.39 2.84
C SER B 208 11.49 -22.04 3.37
N LEU B 209 10.38 -21.30 3.30
CA LEU B 209 9.09 -21.79 3.78
C LEU B 209 8.61 -23.05 3.08
N VAL B 210 8.77 -23.11 1.76
CA VAL B 210 8.32 -24.29 1.03
C VAL B 210 9.11 -25.52 1.41
N SER B 211 10.41 -25.35 1.68
CA SER B 211 11.27 -26.47 2.06
C SER B 211 10.67 -27.20 3.26
N VAL B 212 10.13 -26.44 4.21
CA VAL B 212 9.54 -27.04 5.39
C VAL B 212 8.24 -27.74 5.02
N TYR B 213 7.46 -27.14 4.11
CA TYR B 213 6.22 -27.74 3.67
C TYR B 213 6.56 -29.05 2.98
N LYS B 214 7.63 -29.02 2.19
CA LYS B 214 8.07 -30.21 1.48
C LYS B 214 8.44 -31.32 2.48
N GLU B 215 9.10 -30.96 3.58
CA GLU B 215 9.46 -31.95 4.59
C GLU B 215 8.22 -32.57 5.23
N VAL B 216 7.25 -31.72 5.59
CA VAL B 216 6.00 -32.19 6.18
C VAL B 216 5.27 -33.14 5.24
N PHE B 217 5.13 -32.73 3.99
CA PHE B 217 4.46 -33.53 2.99
C PHE B 217 5.17 -34.87 2.74
N GLU B 218 6.50 -34.84 2.73
CA GLU B 218 7.26 -36.06 2.49
C GLU B 218 7.01 -37.08 3.61
N LYS B 219 7.00 -36.62 4.85
CA LYS B 219 6.77 -37.48 5.99
C LYS B 219 5.35 -38.06 6.00
N LEU B 220 4.38 -37.24 5.58
CA LEU B 220 3.00 -37.72 5.52
C LEU B 220 2.91 -38.85 4.52
N VAL B 221 3.46 -38.65 3.32
CA VAL B 221 3.43 -39.68 2.29
C VAL B 221 4.16 -40.95 2.73
N GLU B 222 5.32 -40.79 3.37
CA GLU B 222 6.08 -41.94 3.83
C GLU B 222 5.22 -42.80 4.75
N ASN B 223 4.29 -42.15 5.46
CA ASN B 223 3.42 -42.83 6.39
C ASN B 223 2.09 -43.32 5.83
N GLY B 224 1.96 -43.26 4.51
CA GLY B 224 0.74 -43.75 3.87
C GLY B 224 -0.30 -42.72 3.48
N CYS B 225 -0.07 -41.45 3.79
CA CYS B 225 -1.05 -40.40 3.46
C CYS B 225 -1.24 -40.36 1.95
N LYS B 226 -2.50 -40.38 1.51
CA LYS B 226 -2.80 -40.38 0.07
C LYS B 226 -3.34 -39.06 -0.48
N GLU B 227 -3.73 -38.14 0.39
CA GLU B 227 -4.25 -36.85 -0.07
C GLU B 227 -4.05 -35.79 1.01
N ILE B 228 -3.69 -34.59 0.57
CA ILE B 228 -3.45 -33.47 1.47
C ILE B 228 -4.29 -32.29 1.00
N LEU B 229 -5.01 -31.68 1.94
CA LEU B 229 -5.87 -30.54 1.61
C LEU B 229 -5.14 -29.22 1.88
N VAL B 230 -4.80 -28.50 0.81
CA VAL B 230 -4.06 -27.23 0.93
C VAL B 230 -4.96 -26.01 0.68
N ASN B 231 -5.14 -25.21 1.73
CA ASN B 231 -5.99 -24.02 1.67
C ASN B 231 -5.27 -22.74 1.24
N GLU B 232 -5.67 -22.20 0.08
CA GLU B 232 -5.06 -20.97 -0.45
C GLU B 232 -6.06 -19.88 -0.77
N PRO B 233 -6.85 -19.45 0.22
CA PRO B 233 -7.85 -18.38 -0.01
C PRO B 233 -7.26 -17.04 -0.44
N ALA B 234 -5.98 -16.81 -0.17
CA ALA B 234 -5.36 -15.56 -0.57
C ALA B 234 -5.37 -15.45 -2.10
N PHE B 235 -5.62 -16.57 -2.78
CA PHE B 235 -5.69 -16.57 -4.24
C PHE B 235 -6.86 -15.70 -4.73
N VAL B 236 -7.82 -15.42 -3.86
CA VAL B 236 -8.97 -14.62 -4.28
C VAL B 236 -8.80 -13.13 -4.02
N CYS B 237 -7.65 -12.73 -3.49
CA CYS B 237 -7.38 -11.31 -3.26
C CYS B 237 -6.98 -10.73 -4.64
N ASP B 238 -6.99 -9.40 -4.77
CA ASP B 238 -6.60 -8.73 -6.02
C ASP B 238 -5.10 -8.95 -6.17
N LEU B 239 -4.70 -10.02 -6.83
CA LEU B 239 -3.27 -10.29 -6.95
C LEU B 239 -2.62 -9.71 -8.21
N GLU B 240 -1.31 -9.57 -8.17
CA GLU B 240 -0.55 -9.07 -9.31
C GLU B 240 -0.14 -10.29 -10.12
N LYS B 241 0.11 -10.10 -11.42
CA LYS B 241 0.55 -11.22 -12.22
C LYS B 241 1.85 -11.71 -11.57
N ALA B 242 2.58 -10.79 -10.94
CA ALA B 242 3.85 -11.13 -10.30
C ALA B 242 3.65 -12.10 -9.13
N HIS B 243 2.49 -12.05 -8.49
CA HIS B 243 2.21 -12.97 -7.39
C HIS B 243 2.10 -14.38 -7.97
N TRP B 244 1.34 -14.50 -9.06
CA TRP B 244 1.14 -15.79 -9.71
C TRP B 244 2.41 -16.45 -10.26
N ASP B 245 3.39 -15.65 -10.67
CA ASP B 245 4.63 -16.26 -11.15
C ASP B 245 5.27 -16.92 -9.93
N LEU B 246 5.17 -16.24 -8.80
CA LEU B 246 5.74 -16.74 -7.55
C LEU B 246 5.00 -18.00 -7.09
N ILE B 247 3.69 -17.96 -7.19
CA ILE B 247 2.83 -19.08 -6.79
C ILE B 247 3.07 -20.32 -7.66
N LEU B 248 3.37 -20.08 -8.94
CA LEU B 248 3.64 -21.17 -9.88
C LEU B 248 4.93 -21.89 -9.51
N ASN B 249 5.96 -21.15 -9.12
CA ASN B 249 7.22 -21.79 -8.76
C ASN B 249 7.09 -22.54 -7.44
N VAL B 250 6.24 -22.04 -6.55
CA VAL B 250 6.03 -22.68 -5.27
C VAL B 250 5.42 -24.07 -5.48
N TYR B 251 4.34 -24.14 -6.25
CA TYR B 251 3.69 -25.40 -6.50
C TYR B 251 4.42 -26.36 -7.42
N ARG B 252 5.38 -25.83 -8.20
CA ARG B 252 6.15 -26.69 -9.08
C ARG B 252 7.12 -27.47 -8.19
N GLU B 253 7.53 -26.84 -7.09
CA GLU B 253 8.45 -27.46 -6.14
C GLU B 253 7.74 -28.49 -5.25
N LEU B 254 6.41 -28.40 -5.21
CA LEU B 254 5.61 -29.32 -4.40
C LEU B 254 4.82 -30.28 -5.29
N SER B 255 5.17 -30.34 -6.57
CA SER B 255 4.45 -31.18 -7.52
C SER B 255 4.42 -32.69 -7.27
N GLU B 256 5.41 -33.23 -6.57
CA GLU B 256 5.44 -34.68 -6.33
C GLU B 256 4.50 -35.12 -5.21
N PHE B 257 3.78 -34.18 -4.61
CA PHE B 257 2.88 -34.53 -3.53
C PHE B 257 1.42 -34.53 -3.96
N PRO B 258 0.59 -35.39 -3.34
CA PRO B 258 -0.84 -35.53 -3.63
C PRO B 258 -1.66 -34.41 -3.00
N LEU B 259 -1.51 -33.21 -3.54
CA LEU B 259 -2.19 -32.03 -3.05
C LEU B 259 -3.48 -31.70 -3.78
N THR B 260 -4.40 -31.08 -3.04
CA THR B 260 -5.67 -30.63 -3.58
C THR B 260 -5.81 -29.24 -2.99
N VAL B 261 -5.66 -28.22 -3.83
CA VAL B 261 -5.74 -26.83 -3.40
C VAL B 261 -7.16 -26.28 -3.41
N PHE B 262 -7.55 -25.63 -2.30
CA PHE B 262 -8.87 -25.04 -2.17
C PHE B 262 -8.80 -23.52 -2.17
N THR B 263 -9.80 -22.88 -2.78
CA THR B 263 -9.89 -21.43 -2.83
C THR B 263 -11.34 -21.07 -2.53
N TYR B 264 -11.56 -19.99 -1.78
CA TYR B 264 -12.92 -19.62 -1.42
C TYR B 264 -13.04 -18.22 -0.87
N TYR B 265 -14.30 -17.78 -0.73
CA TYR B 265 -14.69 -16.47 -0.24
C TYR B 265 -14.90 -15.52 -1.41
N ASP B 266 -14.40 -15.91 -2.58
CA ASP B 266 -14.58 -15.13 -3.81
C ASP B 266 -13.91 -15.87 -4.97
N SER B 267 -13.92 -15.26 -6.16
CA SER B 267 -13.31 -15.86 -7.34
C SER B 267 -11.79 -15.67 -7.34
N VAL B 268 -11.05 -16.64 -7.90
CA VAL B 268 -9.59 -16.54 -7.97
C VAL B 268 -9.24 -15.37 -8.89
N SER B 269 -8.24 -14.58 -8.49
CA SER B 269 -7.79 -13.40 -9.24
C SER B 269 -7.27 -13.63 -10.66
N ASP B 270 -6.73 -14.79 -10.95
CA ASP B 270 -6.25 -15.04 -12.32
C ASP B 270 -6.59 -16.48 -12.66
N TYR B 271 -7.77 -16.69 -13.23
CA TYR B 271 -8.22 -18.03 -13.60
C TYR B 271 -7.22 -18.84 -14.41
N GLU B 272 -6.77 -18.28 -15.54
CA GLU B 272 -5.83 -18.99 -16.39
C GLU B 272 -4.58 -19.45 -15.64
N ALA B 273 -3.97 -18.56 -14.87
CA ALA B 273 -2.77 -18.92 -14.12
C ALA B 273 -3.08 -19.96 -13.04
N CYS B 274 -4.26 -19.89 -12.47
CA CYS B 274 -4.65 -20.82 -11.41
C CYS B 274 -4.82 -22.25 -11.90
N VAL B 275 -5.54 -22.44 -13.01
CA VAL B 275 -5.75 -23.79 -13.53
C VAL B 275 -4.51 -24.35 -14.21
N SER B 276 -3.52 -23.50 -14.47
CA SER B 276 -2.28 -23.95 -15.11
C SER B 276 -1.27 -24.34 -14.03
N LEU B 277 -1.73 -24.38 -12.79
CA LEU B 277 -0.89 -24.76 -11.66
C LEU B 277 -0.69 -26.28 -11.68
N PRO B 278 0.53 -26.73 -11.36
CA PRO B 278 0.86 -28.15 -11.33
C PRO B 278 0.32 -28.95 -10.16
N VAL B 279 -1.00 -29.00 -10.02
CA VAL B 279 -1.62 -29.78 -8.97
C VAL B 279 -2.66 -30.65 -9.67
N LYS B 280 -2.90 -31.83 -9.12
CA LYS B 280 -3.84 -32.78 -9.71
C LYS B 280 -5.31 -32.43 -9.44
N ARG B 281 -5.59 -31.93 -8.24
CA ARG B 281 -6.95 -31.56 -7.87
C ARG B 281 -7.04 -30.10 -7.45
N LEU B 282 -8.03 -29.41 -7.99
CA LEU B 282 -8.23 -28.00 -7.70
C LEU B 282 -9.70 -27.78 -7.39
N HIS B 283 -9.98 -27.04 -6.32
CA HIS B 283 -11.34 -26.75 -5.87
C HIS B 283 -11.63 -25.28 -6.14
N PHE B 284 -12.91 -24.96 -6.34
CA PHE B 284 -13.35 -23.60 -6.60
C PHE B 284 -14.65 -23.32 -5.85
N ASP B 285 -14.76 -22.12 -5.34
CA ASP B 285 -15.96 -21.67 -4.64
C ASP B 285 -16.89 -21.14 -5.73
N PHE B 286 -17.98 -21.85 -6.00
CA PHE B 286 -18.92 -21.40 -7.01
C PHE B 286 -20.18 -20.75 -6.42
N VAL B 287 -20.15 -20.48 -5.11
CA VAL B 287 -21.31 -19.88 -4.45
C VAL B 287 -21.23 -18.39 -4.16
N SER B 288 -20.09 -17.93 -3.64
CA SER B 288 -19.91 -16.54 -3.27
C SER B 288 -19.61 -15.61 -4.44
N ASN B 289 -19.51 -16.16 -5.63
CA ASN B 289 -19.19 -15.33 -6.78
C ASN B 289 -19.67 -16.02 -8.04
N GLU B 290 -19.73 -15.27 -9.12
CA GLU B 290 -20.16 -15.78 -10.40
C GLU B 290 -18.99 -15.85 -11.37
N GLU B 291 -17.93 -15.11 -11.06
CA GLU B 291 -16.75 -15.04 -11.93
C GLU B 291 -16.01 -16.36 -12.17
N ASN B 292 -15.92 -17.22 -11.16
CA ASN B 292 -15.22 -18.49 -11.38
C ASN B 292 -15.94 -19.27 -12.49
N LEU B 293 -17.27 -19.36 -12.41
CA LEU B 293 -18.02 -20.09 -13.41
C LEU B 293 -17.90 -19.48 -14.80
N LYS B 294 -18.06 -18.18 -14.91
CA LYS B 294 -17.95 -17.54 -16.21
C LYS B 294 -16.59 -17.88 -16.81
N ASN B 295 -15.53 -17.63 -16.03
CA ASN B 295 -14.18 -17.92 -16.48
C ASN B 295 -13.98 -19.37 -16.95
N LEU B 296 -14.51 -20.32 -16.17
CA LEU B 296 -14.38 -21.72 -16.54
C LEU B 296 -15.13 -22.02 -17.83
N GLU B 297 -16.26 -21.35 -18.04
CA GLU B 297 -17.04 -21.57 -19.25
C GLU B 297 -16.34 -20.99 -20.47
N LYS B 298 -15.67 -19.86 -20.30
CA LYS B 298 -14.95 -19.20 -21.38
C LYS B 298 -13.43 -19.41 -21.32
N GLY B 300 -11.42 -22.87 -20.62
CA GLY B 300 -12.19 -23.99 -20.07
C GLY B 300 -11.55 -24.52 -18.79
N PHE B 301 -11.33 -25.83 -18.71
CA PHE B 301 -10.70 -26.42 -17.53
C PHE B 301 -9.75 -27.56 -17.92
N PRO B 302 -8.47 -27.43 -17.59
CA PRO B 302 -7.46 -28.43 -17.92
C PRO B 302 -7.94 -29.88 -17.83
N GLU B 303 -7.53 -30.68 -18.80
CA GLU B 303 -7.89 -32.10 -18.83
C GLU B 303 -6.89 -32.90 -18.00
N ASP B 304 -5.78 -32.27 -17.63
CA ASP B 304 -4.74 -32.93 -16.84
C ASP B 304 -5.06 -32.93 -15.34
N LYS B 305 -6.10 -32.21 -14.94
CA LYS B 305 -6.47 -32.16 -13.53
C LYS B 305 -7.97 -32.39 -13.32
N LYS B 306 -8.34 -32.76 -12.09
CA LYS B 306 -9.74 -33.01 -11.75
C LYS B 306 -10.31 -31.85 -10.97
N LEU B 307 -11.54 -31.48 -11.27
CA LEU B 307 -12.21 -30.37 -10.59
C LEU B 307 -13.12 -30.84 -9.45
N VAL B 308 -13.06 -30.14 -8.33
CA VAL B 308 -13.94 -30.44 -7.20
C VAL B 308 -14.76 -29.17 -6.99
N ALA B 309 -16.06 -29.28 -7.23
CA ALA B 309 -16.96 -28.14 -7.14
C ALA B 309 -17.49 -27.76 -5.76
N GLY B 310 -17.08 -26.58 -5.29
CA GLY B 310 -17.58 -26.09 -4.01
C GLY B 310 -18.96 -25.55 -4.34
N VAL B 311 -19.99 -26.35 -4.08
CA VAL B 311 -21.34 -25.92 -4.42
C VAL B 311 -22.35 -25.75 -3.29
N ILE B 312 -21.95 -26.11 -2.07
CA ILE B 312 -22.82 -25.98 -0.90
C ILE B 312 -22.25 -24.87 -0.02
N ASN B 313 -23.01 -23.79 0.09
CA ASN B 313 -22.60 -22.62 0.87
C ASN B 313 -22.20 -22.91 2.33
N GLY B 314 -21.12 -22.28 2.76
CA GLY B 314 -20.66 -22.45 4.13
C GLY B 314 -20.83 -21.21 4.99
N ARG B 315 -21.31 -20.11 4.39
CA ARG B 315 -21.50 -18.83 5.07
C ARG B 315 -22.97 -18.54 5.40
N GLN B 316 -23.90 -19.26 4.77
CA GLN B 316 -25.32 -19.03 5.01
C GLN B 316 -26.00 -20.34 5.41
N PRO B 317 -27.06 -20.27 6.21
CA PRO B 317 -27.82 -21.43 6.70
C PRO B 317 -29.09 -21.80 5.93
N TRP B 318 -29.14 -21.53 4.63
CA TRP B 318 -30.35 -21.84 3.89
C TRP B 318 -30.30 -23.16 3.16
N LYS B 319 -31.43 -23.85 3.17
CA LYS B 319 -31.57 -25.12 2.47
C LYS B 319 -31.58 -24.71 1.02
N VAL B 320 -30.99 -25.52 0.15
CA VAL B 320 -30.93 -25.19 -1.27
C VAL B 320 -31.60 -26.28 -2.10
N ASP B 321 -32.05 -25.91 -3.31
CA ASP B 321 -32.69 -26.87 -4.21
C ASP B 321 -31.56 -27.71 -4.76
N LEU B 322 -31.41 -28.92 -4.25
CA LEU B 322 -30.33 -29.80 -4.68
C LEU B 322 -30.37 -30.20 -6.15
N ARG B 323 -31.54 -30.13 -6.78
CA ARG B 323 -31.65 -30.49 -8.18
C ARG B 323 -30.96 -29.43 -9.03
N LYS B 324 -30.97 -28.18 -8.55
CA LYS B 324 -30.32 -27.10 -9.28
C LYS B 324 -28.80 -27.19 -9.09
N VAL B 325 -28.37 -27.63 -7.91
CA VAL B 325 -26.94 -27.77 -7.66
C VAL B 325 -26.44 -28.93 -8.49
N ALA B 326 -27.21 -30.00 -8.50
CA ALA B 326 -26.87 -31.20 -9.27
C ALA B 326 -26.66 -30.80 -10.73
N SER B 327 -27.54 -29.94 -11.22
CA SER B 327 -27.48 -29.47 -12.59
C SER B 327 -26.16 -28.73 -12.87
N LEU B 328 -25.72 -27.90 -11.93
CA LEU B 328 -24.48 -27.16 -12.12
C LEU B 328 -23.32 -28.14 -12.14
N VAL B 329 -23.36 -29.11 -11.24
CA VAL B 329 -22.31 -30.10 -11.14
C VAL B 329 -22.19 -30.88 -12.43
N GLU B 330 -23.34 -31.25 -13.01
CA GLU B 330 -23.37 -32.02 -14.24
C GLU B 330 -22.91 -31.22 -15.45
N LYS B 331 -23.34 -29.96 -15.54
CA LYS B 331 -22.94 -29.12 -16.66
C LYS B 331 -21.42 -28.99 -16.65
N LEU B 332 -20.85 -28.91 -15.45
CA LEU B 332 -19.41 -28.78 -15.27
C LEU B 332 -18.66 -30.10 -15.48
N GLY B 333 -19.37 -31.21 -15.39
CA GLY B 333 -18.73 -32.50 -15.55
C GLY B 333 -17.73 -32.75 -14.44
N ALA B 334 -17.90 -32.02 -13.33
CA ALA B 334 -17.02 -32.14 -12.18
C ALA B 334 -16.98 -33.55 -11.65
N SER B 335 -15.81 -33.98 -11.19
CA SER B 335 -15.65 -35.34 -10.66
C SER B 335 -15.95 -35.39 -9.15
N ALA B 336 -15.86 -34.24 -8.50
CA ALA B 336 -16.10 -34.18 -7.06
C ALA B 336 -16.88 -32.95 -6.64
N ILE B 337 -17.38 -32.99 -5.41
CA ILE B 337 -18.16 -31.90 -4.85
C ILE B 337 -17.72 -31.63 -3.41
N SER B 338 -18.17 -30.50 -2.86
CA SER B 338 -17.85 -30.10 -1.49
C SER B 338 -18.53 -28.79 -1.15
N ASN B 339 -18.33 -28.32 0.08
CA ASN B 339 -18.86 -27.05 0.50
C ASN B 339 -18.01 -25.98 -0.19
N SER B 340 -18.56 -24.79 -0.35
CA SER B 340 -17.86 -23.71 -1.01
C SER B 340 -16.74 -23.11 -0.14
N CYS B 341 -17.02 -22.95 1.15
CA CYS B 341 -16.05 -22.40 2.08
C CYS B 341 -16.16 -23.14 3.41
N PRO B 342 -15.19 -22.95 4.32
CA PRO B 342 -15.21 -23.61 5.62
C PRO B 342 -16.58 -23.58 6.29
N LEU B 343 -17.00 -24.73 6.81
CA LEU B 343 -18.29 -24.84 7.49
C LEU B 343 -18.29 -24.26 8.90
N PHE B 344 -17.13 -23.84 9.41
CA PHE B 344 -17.11 -23.32 10.77
C PHE B 344 -17.70 -21.92 10.94
N HIS B 345 -18.23 -21.37 9.85
CA HIS B 345 -18.90 -20.07 9.90
C HIS B 345 -20.38 -20.32 10.24
N LEU B 346 -20.71 -21.59 10.45
CA LEU B 346 -22.09 -21.98 10.76
C LEU B 346 -22.21 -22.71 12.11
N PRO B 347 -23.41 -22.70 12.71
CA PRO B 347 -23.60 -23.38 13.99
C PRO B 347 -23.43 -24.88 13.72
N VAL B 348 -23.38 -25.69 14.78
CA VAL B 348 -23.23 -27.13 14.61
C VAL B 348 -24.49 -27.87 14.13
N THR B 349 -25.60 -27.72 14.86
CA THR B 349 -26.82 -28.41 14.45
C THR B 349 -28.08 -27.60 14.62
N LEU B 350 -29.03 -27.83 13.74
CA LEU B 350 -30.33 -27.16 13.75
C LEU B 350 -31.33 -28.01 14.53
N GLU B 351 -30.98 -29.28 14.73
CA GLU B 351 -31.82 -30.25 15.43
C GLU B 351 -32.69 -29.75 16.59
N LEU B 352 -32.07 -29.10 17.57
CA LEU B 352 -32.81 -28.63 18.75
C LEU B 352 -33.46 -27.25 18.67
N GLU B 353 -33.35 -26.57 17.53
CA GLU B 353 -33.96 -25.25 17.39
C GLU B 353 -35.45 -25.38 17.17
N ASN B 354 -36.19 -25.61 18.25
CA ASN B 354 -37.64 -25.78 18.17
C ASN B 354 -38.44 -24.58 18.67
N ASN B 355 -37.81 -23.41 18.77
CA ASN B 355 -38.50 -22.21 19.22
C ASN B 355 -38.38 -21.07 18.21
N LEU B 356 -38.08 -21.39 16.96
CA LEU B 356 -37.95 -20.40 15.89
C LEU B 356 -39.33 -20.05 15.32
N PRO B 357 -39.46 -18.86 14.69
CA PRO B 357 -40.77 -18.51 14.14
C PRO B 357 -41.29 -19.62 13.22
N GLY B 358 -42.60 -19.85 13.25
CA GLY B 358 -43.19 -20.89 12.43
C GLY B 358 -42.77 -20.88 10.97
N GLY B 359 -42.34 -22.04 10.49
CA GLY B 359 -41.92 -22.17 9.10
C GLY B 359 -40.44 -21.99 8.81
N LEU B 360 -39.69 -21.39 9.73
CA LEU B 360 -38.27 -21.15 9.49
C LEU B 360 -37.36 -22.38 9.58
N LYS B 361 -37.55 -23.20 10.60
CA LYS B 361 -36.71 -24.37 10.77
C LYS B 361 -36.65 -25.27 9.53
N GLU B 362 -37.76 -25.37 8.82
CA GLU B 362 -37.84 -26.22 7.63
C GLU B 362 -37.10 -25.62 6.43
N LYS B 363 -36.61 -24.40 6.56
CA LYS B 363 -35.90 -23.75 5.47
C LYS B 363 -34.42 -23.57 5.77
N LEU B 364 -34.01 -24.05 6.95
CA LEU B 364 -32.64 -23.94 7.42
C LEU B 364 -31.81 -25.23 7.37
N ALA B 365 -30.50 -25.04 7.42
CA ALA B 365 -29.55 -26.14 7.41
C ALA B 365 -28.26 -25.63 8.01
N PHE B 366 -27.81 -26.24 9.12
CA PHE B 366 -26.55 -25.81 9.73
C PHE B 366 -25.45 -26.74 9.26
N ALA B 367 -24.30 -26.66 9.92
CA ALA B 367 -23.16 -27.48 9.53
C ALA B 367 -23.46 -28.96 9.35
N LYS B 368 -24.07 -29.59 10.34
CA LYS B 368 -24.38 -31.01 10.22
C LYS B 368 -25.27 -31.23 9.00
N GLU B 369 -26.29 -30.39 8.88
CA GLU B 369 -27.22 -30.49 7.76
C GLU B 369 -26.56 -30.21 6.41
N LYS B 370 -25.52 -29.39 6.39
CA LYS B 370 -24.82 -29.09 5.13
C LYS B 370 -24.10 -30.34 4.66
N LEU B 371 -23.55 -31.07 5.63
CA LEU B 371 -22.83 -32.31 5.36
C LEU B 371 -23.80 -33.33 4.76
N GLU B 372 -25.00 -33.40 5.33
CA GLU B 372 -26.03 -34.32 4.86
C GLU B 372 -26.50 -33.90 3.47
N GLU B 373 -26.44 -32.61 3.19
CA GLU B 373 -26.84 -32.12 1.88
C GLU B 373 -25.83 -32.62 0.84
N LEU B 374 -24.56 -32.73 1.24
CA LEU B 374 -23.54 -33.21 0.34
C LEU B 374 -23.76 -34.70 0.11
N LYS B 375 -24.20 -35.41 1.14
CA LYS B 375 -24.46 -36.84 1.00
C LYS B 375 -25.61 -37.07 0.02
N MET B 376 -26.70 -36.34 0.20
CA MET B 376 -27.84 -36.47 -0.70
C MET B 376 -27.36 -36.23 -2.13
N LEU B 377 -26.60 -35.16 -2.32
CA LEU B 377 -26.09 -34.77 -3.62
C LEU B 377 -25.25 -35.87 -4.26
N LYS B 378 -24.42 -36.52 -3.44
CA LYS B 378 -23.57 -37.59 -3.94
C LYS B 378 -24.40 -38.79 -4.42
N ASP B 379 -25.35 -39.22 -3.60
CA ASP B 379 -26.21 -40.35 -3.96
C ASP B 379 -27.01 -40.08 -5.24
N PHE B 380 -27.57 -38.88 -5.35
CA PHE B 380 -28.34 -38.52 -6.54
C PHE B 380 -27.45 -38.65 -7.78
N LEU B 381 -26.36 -37.88 -7.78
CA LEU B 381 -25.42 -37.88 -8.89
C LEU B 381 -24.92 -39.27 -9.29
N GLU B 382 -24.89 -40.21 -8.33
CA GLU B 382 -24.43 -41.56 -8.60
C GLU B 382 -25.53 -42.54 -9.02
N GLY B 383 -26.74 -42.03 -9.23
CA GLY B 383 -27.82 -42.91 -9.62
C GLY B 383 -28.25 -43.87 -8.53
N LYS B 384 -27.99 -43.51 -7.28
CA LYS B 384 -28.38 -44.34 -6.15
C LYS B 384 -29.72 -43.88 -5.59
N THR B 385 -30.19 -42.73 -6.07
CA THR B 385 -31.46 -42.15 -5.66
C THR B 385 -32.07 -41.34 -6.81
N LEU B 388 -34.51 -35.93 -4.54
CA LEU B 388 -34.16 -34.73 -3.80
C LEU B 388 -35.42 -33.91 -3.48
N PRO B 389 -35.55 -33.45 -2.21
CA PRO B 389 -36.71 -32.66 -1.77
C PRO B 389 -36.88 -31.34 -2.53
N ASN B 390 -38.09 -30.82 -2.53
CA ASN B 390 -38.39 -29.55 -3.20
C ASN B 390 -38.08 -28.39 -2.26
N VAL B 391 -37.37 -27.38 -2.78
CA VAL B 391 -37.00 -26.22 -1.97
C VAL B 391 -37.38 -24.91 -2.67
N SER B 392 -38.37 -24.22 -2.11
CA SER B 392 -38.85 -22.97 -2.67
C SER B 392 -39.59 -22.12 -1.64
N PHE B 393 -39.02 -20.99 -1.26
CA PHE B 393 -39.66 -20.12 -0.28
C PHE B 393 -39.47 -18.62 -0.56
N GLU B 394 -39.63 -18.23 -1.81
CA GLU B 394 -39.46 -16.82 -2.20
C GLU B 394 -40.38 -15.84 -1.47
N ASP B 395 -41.63 -16.22 -1.26
CA ASP B 395 -42.59 -15.35 -0.60
C ASP B 395 -42.59 -15.46 0.93
N PHE B 396 -41.92 -16.48 1.45
CA PHE B 396 -41.86 -16.70 2.89
C PHE B 396 -41.49 -15.45 3.69
N ALA B 397 -42.34 -15.10 4.65
CA ALA B 397 -42.14 -13.94 5.52
C ALA B 397 -41.86 -12.64 4.77
N VAL B 398 -42.39 -12.51 3.56
CA VAL B 398 -42.17 -11.30 2.79
C VAL B 398 -43.35 -10.33 2.96
N ASP B 399 -43.05 -9.16 3.47
CA ASP B 399 -44.04 -8.11 3.68
C ASP B 399 -43.97 -7.15 2.49
N LEU B 400 -44.84 -7.34 1.52
CA LEU B 400 -44.87 -6.52 0.31
C LEU B 400 -45.05 -5.03 0.57
N GLN B 401 -45.90 -4.68 1.52
CA GLN B 401 -46.13 -3.27 1.82
C GLN B 401 -44.86 -2.63 2.37
N ALA B 402 -44.03 -3.41 3.05
CA ALA B 402 -42.79 -2.89 3.62
C ALA B 402 -41.67 -2.86 2.57
N VAL B 403 -41.66 -3.85 1.68
CA VAL B 403 -40.66 -3.95 0.61
C VAL B 403 -40.77 -2.79 -0.38
N GLU B 404 -42.00 -2.50 -0.80
CA GLU B 404 -42.24 -1.42 -1.73
C GLU B 404 -41.95 -0.11 -1.02
N ARG B 405 -42.22 -0.09 0.28
CA ARG B 405 -41.96 1.10 1.08
C ARG B 405 -40.50 1.51 0.93
N VAL B 406 -39.61 0.52 0.80
CA VAL B 406 -38.20 0.80 0.64
C VAL B 406 -37.92 1.17 -0.81
N ARG B 407 -38.25 0.26 -1.73
CA ARG B 407 -38.04 0.47 -3.16
C ARG B 407 -38.55 1.82 -3.65
N ASN B 408 -39.52 2.39 -2.94
CA ASN B 408 -40.09 3.69 -3.31
C ASN B 408 -39.57 4.79 -2.39
N PRO B 410 -37.20 7.23 -2.76
CA PRO B 410 -37.18 8.67 -3.09
C PRO B 410 -35.79 9.13 -3.53
N GLU B 411 -35.17 9.94 -2.67
CA GLU B 411 -33.84 10.48 -2.92
C GLU B 411 -33.47 11.34 -1.72
N ASP B 412 -34.40 12.19 -1.31
CA ASP B 412 -34.19 13.08 -0.16
C ASP B 412 -34.14 12.27 1.13
N SER B 413 -34.39 10.96 1.01
CA SER B 413 -34.36 10.07 2.17
C SER B 413 -32.93 9.60 2.40
N PHE B 414 -32.03 9.96 1.49
CA PHE B 414 -30.63 9.58 1.59
C PHE B 414 -29.73 10.77 1.88
N ARG B 415 -30.27 11.98 1.75
CA ARG B 415 -29.51 13.20 2.00
C ARG B 415 -30.31 14.10 2.94
N ARG B 416 -29.70 14.47 4.06
CA ARG B 416 -30.35 15.32 5.04
C ARG B 416 -30.76 16.67 4.45
N GLU B 417 -31.76 17.30 5.05
CA GLU B 417 -32.29 18.57 4.56
C GLU B 417 -31.27 19.69 4.31
N LYS B 418 -30.34 19.90 5.23
CA LYS B 418 -29.35 20.95 5.02
C LYS B 418 -27.92 20.44 5.07
N GLU B 419 -27.02 21.14 4.39
CA GLU B 419 -25.60 20.78 4.34
C GLU B 419 -24.99 20.91 5.74
N TYR B 420 -23.85 20.28 5.94
CA TYR B 420 -23.17 20.31 7.25
C TYR B 420 -23.04 21.68 7.90
N THR B 421 -22.41 22.63 7.21
CA THR B 421 -22.21 23.96 7.77
C THR B 421 -23.48 24.54 8.38
N GLU B 422 -24.58 24.50 7.64
CA GLU B 422 -25.84 25.02 8.14
C GLU B 422 -26.30 24.24 9.39
N ARG B 423 -26.16 22.92 9.33
CA ARG B 423 -26.55 22.08 10.46
C ARG B 423 -25.69 22.41 11.68
N ASP B 424 -24.40 22.57 11.43
CA ASP B 424 -23.43 22.87 12.47
C ASP B 424 -23.85 24.08 13.31
N ARG B 425 -24.11 25.21 12.65
CA ARG B 425 -24.52 26.44 13.32
C ARG B 425 -25.69 26.19 14.27
N ILE B 426 -26.71 25.53 13.74
CA ILE B 426 -27.92 25.20 14.49
C ILE B 426 -27.66 24.32 15.71
N GLN B 427 -26.95 23.22 15.49
CA GLN B 427 -26.64 22.28 16.58
C GLN B 427 -25.82 22.99 17.66
N ARG B 428 -24.75 23.66 17.25
CA ARG B 428 -23.89 24.38 18.19
C ARG B 428 -24.74 25.22 19.14
N GLU B 429 -25.58 26.09 18.57
CA GLU B 429 -26.45 26.95 19.36
C GLU B 429 -27.42 26.14 20.23
N ARG B 430 -27.81 24.97 19.76
CA ARG B 430 -28.72 24.11 20.51
C ARG B 430 -28.05 23.43 21.70
N LEU B 431 -26.85 22.90 21.48
CA LEU B 431 -26.13 22.18 22.52
C LEU B 431 -25.43 23.05 23.57
N ASN B 432 -24.92 24.21 23.16
CA ASN B 432 -24.24 25.09 24.10
C ASN B 432 -23.10 24.38 24.81
N LEU B 433 -22.22 23.76 24.03
CA LEU B 433 -21.09 23.02 24.56
C LEU B 433 -19.82 23.88 24.51
N PRO B 434 -18.89 23.65 25.44
CA PRO B 434 -17.64 24.39 25.51
C PRO B 434 -16.64 23.91 24.46
N LEU B 435 -15.47 24.53 24.45
CA LEU B 435 -14.41 24.11 23.54
C LEU B 435 -13.97 22.73 24.02
N PHE B 436 -13.51 21.89 23.11
CA PHE B 436 -13.06 20.56 23.48
C PHE B 436 -14.02 19.82 24.41
N PRO B 437 -15.28 19.61 23.98
CA PRO B 437 -16.26 18.90 24.81
C PRO B 437 -15.87 17.45 25.10
N THR B 438 -16.25 16.96 26.27
CA THR B 438 -15.93 15.58 26.66
C THR B 438 -17.16 14.69 26.62
N THR B 439 -16.93 13.41 26.35
CA THR B 439 -18.01 12.44 26.30
C THR B 439 -17.37 11.06 26.27
N THR B 440 -18.21 10.02 26.23
CA THR B 440 -17.72 8.64 26.12
C THR B 440 -18.45 8.08 24.91
N ILE B 441 -17.98 6.96 24.39
CA ILE B 441 -18.60 6.46 23.19
C ILE B 441 -19.00 5.01 23.17
N GLY B 442 -19.44 4.49 24.31
CA GLY B 442 -19.85 3.09 24.37
C GLY B 442 -20.50 2.65 25.67
N SER B 443 -20.47 1.34 25.89
CA SER B 443 -21.05 0.75 27.10
C SER B 443 -20.16 1.02 28.31
N PHE B 444 -20.74 0.88 29.49
CA PHE B 444 -20.00 1.06 30.74
C PHE B 444 -19.74 -0.33 31.33
N PRO B 445 -18.85 -0.43 32.32
CA PRO B 445 -18.58 -1.74 32.92
C PRO B 445 -19.86 -2.40 33.41
N GLN B 446 -19.90 -3.73 33.35
CA GLN B 446 -21.06 -4.49 33.82
C GLN B 446 -20.68 -5.45 34.95
N THR B 447 -21.04 -5.07 36.17
CA THR B 447 -20.75 -5.88 37.36
C THR B 447 -21.45 -7.24 37.30
N PRO B 448 -21.07 -8.17 38.20
CA PRO B 448 -21.70 -9.49 38.18
C PRO B 448 -23.21 -9.33 38.39
N GLU B 449 -23.58 -8.42 39.29
CA GLU B 449 -24.98 -8.16 39.59
C GLU B 449 -25.76 -7.88 38.31
N VAL B 450 -25.25 -6.98 37.47
CA VAL B 450 -25.90 -6.64 36.22
C VAL B 450 -26.02 -7.87 35.33
N ARG B 451 -24.91 -8.59 35.20
CA ARG B 451 -24.86 -9.80 34.38
C ARG B 451 -25.86 -10.86 34.84
N LYS B 452 -25.92 -11.09 36.15
CA LYS B 452 -26.84 -12.09 36.71
C LYS B 452 -28.28 -11.66 36.55
N MET B 453 -28.54 -10.38 36.81
CA MET B 453 -29.88 -9.80 36.70
C MET B 453 -30.45 -10.00 35.29
N ARG B 454 -29.57 -9.92 34.29
CA ARG B 454 -29.99 -10.11 32.90
C ARG B 454 -30.30 -11.59 32.71
N SER B 455 -29.56 -12.45 33.41
CA SER B 455 -29.77 -13.89 33.32
C SER B 455 -31.14 -14.27 33.85
N LYS B 456 -31.40 -13.90 35.11
CA LYS B 456 -32.66 -14.18 35.77
C LYS B 456 -33.86 -13.69 34.94
N TYR B 457 -33.66 -12.61 34.18
CA TYR B 457 -34.72 -12.07 33.34
C TYR B 457 -34.88 -12.91 32.09
N ARG B 458 -33.79 -13.55 31.67
CA ARG B 458 -33.80 -14.40 30.48
C ARG B 458 -34.33 -15.80 30.82
N LYS B 459 -34.09 -16.24 32.04
CA LYS B 459 -34.56 -17.54 32.50
C LYS B 459 -36.04 -17.45 32.89
N GLY B 460 -36.49 -16.23 33.18
CA GLY B 460 -37.87 -16.01 33.56
C GLY B 460 -38.10 -15.93 35.06
N GLU B 461 -37.02 -15.87 35.82
CA GLU B 461 -37.10 -15.79 37.27
C GLU B 461 -37.37 -14.37 37.80
N ILE B 462 -37.41 -13.40 36.89
CA ILE B 462 -37.66 -12.01 37.26
C ILE B 462 -38.57 -11.38 36.21
N SER B 463 -39.54 -10.59 36.66
CA SER B 463 -40.47 -9.94 35.75
C SER B 463 -39.82 -8.83 34.94
N LYS B 464 -40.45 -8.47 33.83
CA LYS B 464 -39.92 -7.42 32.97
C LYS B 464 -39.93 -6.07 33.71
N GLU B 465 -40.94 -5.85 34.55
CA GLU B 465 -41.02 -4.60 35.29
C GLU B 465 -39.86 -4.51 36.28
N GLU B 466 -39.53 -5.62 36.92
CA GLU B 466 -38.43 -5.64 37.88
C GLU B 466 -37.10 -5.36 37.19
N TYR B 467 -36.87 -6.06 36.07
CA TYR B 467 -35.65 -5.91 35.31
C TYR B 467 -35.47 -4.45 34.90
N GLU B 468 -36.50 -3.87 34.30
CA GLU B 468 -36.42 -2.48 33.88
C GLU B 468 -36.14 -1.58 35.07
N ALA B 469 -36.74 -1.89 36.21
CA ALA B 469 -36.53 -1.09 37.41
C ALA B 469 -35.05 -1.16 37.79
N PHE B 470 -34.47 -2.36 37.74
CA PHE B 470 -33.06 -2.54 38.06
C PHE B 470 -32.25 -1.63 37.12
N ILE B 471 -32.50 -1.80 35.82
CA ILE B 471 -31.84 -1.04 34.79
C ILE B 471 -31.92 0.45 35.08
N LYS B 472 -33.13 0.93 35.39
CA LYS B 472 -33.32 2.34 35.67
C LYS B 472 -32.34 2.79 36.76
N GLU B 473 -32.14 1.94 37.75
CA GLU B 473 -31.24 2.25 38.86
C GLU B 473 -29.78 2.41 38.40
N GLN B 474 -29.32 1.53 37.52
CA GLN B 474 -27.93 1.63 37.04
C GLN B 474 -27.75 2.91 36.23
N ILE B 475 -28.72 3.21 35.38
CA ILE B 475 -28.67 4.40 34.57
C ILE B 475 -28.51 5.64 35.44
N LYS B 476 -29.30 5.73 36.51
CA LYS B 476 -29.22 6.87 37.41
C LYS B 476 -27.82 6.98 37.99
N LYS B 477 -27.31 5.86 38.51
CA LYS B 477 -25.97 5.83 39.08
C LYS B 477 -24.98 6.33 38.04
N ALA B 478 -25.00 5.71 36.86
CA ALA B 478 -24.13 6.08 35.77
C ALA B 478 -24.21 7.59 35.52
N ILE B 479 -25.43 8.09 35.34
CA ILE B 479 -25.66 9.51 35.11
C ILE B 479 -25.04 10.37 36.22
N GLU B 480 -25.44 10.12 37.46
CA GLU B 480 -24.91 10.87 38.59
C GLU B 480 -23.38 10.88 38.52
N LEU B 481 -22.80 9.71 38.33
CA LEU B 481 -21.36 9.57 38.24
C LEU B 481 -20.74 10.48 37.17
N GLN B 482 -21.31 10.42 35.97
CA GLN B 482 -20.81 11.24 34.87
C GLN B 482 -20.92 12.73 35.21
N GLU B 483 -22.02 13.13 35.85
CA GLU B 483 -22.20 14.54 36.23
C GLU B 483 -21.09 14.90 37.20
N GLU B 484 -20.82 14.01 38.14
CA GLU B 484 -19.78 14.24 39.14
C GLU B 484 -18.43 14.36 38.46
N ILE B 485 -18.11 13.44 37.56
CA ILE B 485 -16.85 13.47 36.85
C ILE B 485 -16.74 14.80 36.10
N GLY B 486 -17.86 15.26 35.55
CA GLY B 486 -17.86 16.51 34.83
C GLY B 486 -17.80 16.37 33.31
N LEU B 487 -18.42 15.32 32.79
CA LEU B 487 -18.45 15.09 31.35
C LEU B 487 -19.49 16.02 30.73
N ASP B 488 -19.30 16.37 29.45
CA ASP B 488 -20.21 17.28 28.75
C ASP B 488 -21.40 16.60 28.08
N VAL B 489 -21.17 15.47 27.41
CA VAL B 489 -22.25 14.74 26.75
C VAL B 489 -22.29 13.35 27.38
N LEU B 490 -23.46 12.95 27.90
CA LEU B 490 -23.56 11.66 28.59
C LEU B 490 -24.24 10.51 27.86
N VAL B 491 -24.03 9.30 28.40
CA VAL B 491 -24.59 8.07 27.85
C VAL B 491 -25.39 7.36 28.95
N HIS B 492 -26.30 6.48 28.57
CA HIS B 492 -27.10 5.76 29.56
C HIS B 492 -26.41 4.52 30.11
N GLY B 493 -25.33 4.10 29.47
CA GLY B 493 -24.60 2.95 29.95
C GLY B 493 -24.79 1.65 29.19
N GLU B 494 -25.95 1.47 28.58
CA GLU B 494 -26.23 0.24 27.83
C GLU B 494 -26.13 -1.01 28.70
N PHE B 495 -26.46 -0.89 29.98
CA PHE B 495 -26.39 -2.03 30.89
C PHE B 495 -27.40 -3.11 30.52
N GLU B 496 -28.43 -2.71 29.78
CA GLU B 496 -29.47 -3.65 29.38
C GLU B 496 -29.08 -4.42 28.11
N ARG B 497 -27.93 -4.07 27.53
CA ARG B 497 -27.51 -4.73 26.30
C ARG B 497 -26.42 -5.79 26.49
N THR B 498 -26.56 -6.88 25.74
CA THR B 498 -25.63 -8.01 25.77
C THR B 498 -24.63 -7.94 24.63
N ASP B 499 -25.04 -7.27 23.55
CA ASP B 499 -24.26 -7.16 22.34
C ASP B 499 -25.00 -6.12 21.48
N MET B 500 -24.25 -5.30 20.74
CA MET B 500 -24.88 -4.25 19.94
C MET B 500 -25.73 -4.67 18.73
N VAL B 501 -25.77 -5.96 18.42
CA VAL B 501 -26.58 -6.43 17.31
C VAL B 501 -27.73 -7.33 17.81
N GLU B 502 -27.41 -8.19 18.77
CA GLU B 502 -28.36 -9.11 19.36
C GLU B 502 -29.52 -8.33 19.98
N PHE B 503 -29.19 -7.25 20.68
CA PHE B 503 -30.19 -6.42 21.33
C PHE B 503 -31.23 -5.89 20.35
N PHE B 504 -30.80 -5.49 19.16
CA PHE B 504 -31.73 -4.96 18.17
C PHE B 504 -32.44 -6.03 17.36
N ALA B 505 -31.77 -7.14 17.10
CA ALA B 505 -32.37 -8.22 16.34
C ALA B 505 -33.63 -8.71 17.05
N GLU B 506 -33.57 -8.81 18.37
CA GLU B 506 -34.70 -9.28 19.16
C GLU B 506 -35.91 -8.35 19.09
N LYS B 507 -35.71 -7.13 18.59
CA LYS B 507 -36.78 -6.16 18.51
C LYS B 507 -37.25 -5.84 17.09
N LEU B 508 -36.65 -6.50 16.11
CA LEU B 508 -36.99 -6.26 14.71
C LEU B 508 -37.73 -7.44 14.07
N ASN B 509 -38.84 -7.16 13.39
CA ASN B 509 -39.56 -8.22 12.70
C ASN B 509 -38.72 -8.66 11.49
N GLY B 510 -38.81 -9.94 11.14
CA GLY B 510 -38.03 -10.46 10.03
C GLY B 510 -36.72 -11.05 10.49
N ILE B 511 -36.43 -10.88 11.78
CA ILE B 511 -35.19 -11.37 12.37
C ILE B 511 -35.44 -12.32 13.55
N ALA B 512 -34.88 -13.53 13.45
CA ALA B 512 -35.01 -14.52 14.51
C ALA B 512 -33.67 -14.74 15.21
N THR B 513 -33.71 -15.24 16.44
CA THR B 513 -32.51 -15.53 17.20
C THR B 513 -32.63 -17.00 17.62
N THR B 514 -31.53 -17.73 17.54
CA THR B 514 -31.50 -19.15 17.90
C THR B 514 -31.21 -19.36 19.38
N GLN B 515 -31.30 -20.61 19.81
CA GLN B 515 -31.03 -20.95 21.20
C GLN B 515 -29.62 -21.53 21.35
N ASN B 516 -29.21 -22.36 20.38
CA ASN B 516 -27.90 -22.99 20.44
C ASN B 516 -27.07 -22.75 19.18
N GLY B 517 -27.42 -21.73 18.41
CA GLY B 517 -26.69 -21.43 17.19
C GLY B 517 -25.35 -20.76 17.43
N TRP B 518 -24.47 -21.41 18.16
CA TRP B 518 -23.16 -20.85 18.48
C TRP B 518 -22.12 -21.01 17.38
N VAL B 519 -21.41 -19.92 17.10
CA VAL B 519 -20.37 -19.90 16.07
C VAL B 519 -19.09 -19.34 16.69
N LEU B 520 -17.97 -20.02 16.42
CA LEU B 520 -16.68 -19.61 16.97
C LEU B 520 -16.22 -18.27 16.40
N SER B 521 -15.85 -17.34 17.28
CA SER B 521 -15.33 -16.04 16.86
C SER B 521 -13.82 -16.05 16.90
N TYR B 522 -13.29 -16.57 18.02
CA TYR B 522 -11.85 -16.69 18.25
C TYR B 522 -11.63 -17.31 19.63
N GLY B 523 -10.55 -18.05 19.77
CA GLY B 523 -10.23 -18.67 21.04
C GLY B 523 -11.37 -19.51 21.58
N SER B 524 -11.89 -19.13 22.74
CA SER B 524 -12.99 -19.84 23.37
C SER B 524 -14.27 -19.02 23.29
N ARG B 525 -14.21 -17.84 22.68
CA ARG B 525 -15.40 -17.00 22.57
C ARG B 525 -16.27 -17.34 21.35
N CYS B 526 -17.57 -17.49 21.61
CA CYS B 526 -18.55 -17.81 20.58
C CYS B 526 -19.64 -16.76 20.49
N TYR B 527 -20.28 -16.67 19.32
CA TYR B 527 -21.34 -15.71 19.03
C TYR B 527 -22.52 -16.47 18.40
N ARG B 528 -23.74 -15.98 18.60
CA ARG B 528 -24.91 -16.59 18.00
C ARG B 528 -25.50 -15.62 17.00
N PRO B 529 -25.11 -15.74 15.72
CA PRO B 529 -25.66 -14.80 14.75
C PRO B 529 -27.16 -14.89 14.57
N PRO B 530 -27.83 -13.73 14.52
CA PRO B 530 -29.28 -13.66 14.33
C PRO B 530 -29.55 -14.18 12.92
N ILE B 531 -30.82 -14.37 12.59
CA ILE B 531 -31.15 -14.83 11.26
C ILE B 531 -32.20 -13.90 10.69
N ILE B 532 -31.84 -13.19 9.61
CA ILE B 532 -32.76 -12.28 8.94
C ILE B 532 -33.47 -13.13 7.89
N TYR B 533 -34.66 -13.63 8.24
CA TYR B 533 -35.41 -14.51 7.36
C TYR B 533 -36.46 -13.89 6.45
N GLY B 534 -36.75 -12.60 6.64
CA GLY B 534 -37.75 -11.95 5.81
C GLY B 534 -37.65 -10.44 5.89
N THR B 535 -38.69 -9.74 5.42
CA THR B 535 -38.68 -8.29 5.44
C THR B 535 -38.46 -7.78 6.85
N VAL B 536 -37.63 -6.75 6.99
CA VAL B 536 -37.35 -6.21 8.32
C VAL B 536 -38.07 -4.91 8.59
N THR B 537 -38.66 -4.84 9.78
CA THR B 537 -39.38 -3.65 10.22
C THR B 537 -39.28 -3.59 11.72
N ARG B 538 -39.54 -2.43 12.30
CA ARG B 538 -39.53 -2.31 13.74
C ARG B 538 -40.92 -1.84 14.15
N PRO B 539 -41.70 -2.76 14.74
CA PRO B 539 -43.06 -2.52 15.22
C PRO B 539 -43.18 -1.53 16.37
N GLU B 540 -42.22 -1.56 17.28
CA GLU B 540 -42.25 -0.67 18.44
C GLU B 540 -40.91 0.03 18.69
N PRO B 541 -40.95 1.15 19.44
CA PRO B 541 -39.71 1.88 19.75
C PRO B 541 -38.78 0.86 20.41
N MET B 542 -37.50 0.88 20.06
CA MET B 542 -36.58 -0.10 20.64
C MET B 542 -35.74 0.38 21.82
N THR B 543 -35.43 1.68 21.85
CA THR B 543 -34.58 2.22 22.91
C THR B 543 -35.12 3.45 23.66
N LEU B 544 -36.30 3.93 23.29
CA LEU B 544 -36.86 5.13 23.91
C LEU B 544 -36.93 5.19 25.44
N LYS B 545 -37.51 4.16 26.05
CA LYS B 545 -37.66 4.18 27.50
C LYS B 545 -36.38 4.43 28.26
N GLU B 546 -35.30 3.73 27.91
CA GLU B 546 -34.05 3.93 28.63
C GLU B 546 -33.36 5.26 28.30
N ILE B 547 -33.44 5.69 27.04
CA ILE B 547 -32.79 6.95 26.64
C ILE B 547 -33.53 8.14 27.24
N THR B 548 -34.86 8.14 27.10
CA THR B 548 -35.66 9.24 27.63
C THR B 548 -35.51 9.29 29.15
N TYR B 549 -35.44 8.13 29.79
CA TYR B 549 -35.29 8.11 31.24
C TYR B 549 -33.98 8.73 31.68
N ALA B 550 -32.91 8.48 30.93
CA ALA B 550 -31.61 9.04 31.26
C ALA B 550 -31.59 10.56 31.06
N GLN B 551 -32.20 11.00 29.97
CA GLN B 551 -32.24 12.42 29.65
C GLN B 551 -33.02 13.23 30.69
N SER B 552 -33.97 12.57 31.35
CA SER B 552 -34.78 13.24 32.37
C SER B 552 -33.99 13.49 33.66
N LEU B 553 -32.97 12.68 33.89
CA LEU B 553 -32.16 12.81 35.10
C LEU B 553 -31.08 13.88 35.02
N THR B 554 -31.01 14.61 33.93
CA THR B 554 -29.95 15.62 33.80
C THR B 554 -30.27 16.68 32.74
N GLU B 555 -29.58 17.81 32.83
CA GLU B 555 -29.76 18.90 31.88
C GLU B 555 -28.72 18.73 30.76
N LYS B 556 -27.72 17.91 31.02
CA LYS B 556 -26.69 17.65 30.02
C LYS B 556 -27.33 16.80 28.92
N PRO B 557 -26.82 16.90 27.69
CA PRO B 557 -27.43 16.07 26.63
C PRO B 557 -27.01 14.61 26.75
N VAL B 558 -27.97 13.71 26.59
CA VAL B 558 -27.72 12.29 26.65
C VAL B 558 -27.84 11.76 25.22
N LYS B 559 -26.88 10.94 24.83
CA LYS B 559 -26.84 10.35 23.49
C LYS B 559 -27.82 9.23 23.26
N GLY B 560 -28.37 9.18 22.06
CA GLY B 560 -29.21 8.06 21.69
C GLY B 560 -28.11 7.10 21.27
N MET B 561 -28.29 5.80 21.46
CA MET B 561 -27.23 4.86 21.11
C MET B 561 -27.70 3.76 20.18
N LEU B 562 -27.37 3.85 18.89
CA LEU B 562 -27.81 2.84 17.94
C LEU B 562 -26.69 2.17 17.18
N THR B 563 -27.04 1.07 16.51
CA THR B 563 -26.13 0.28 15.70
C THR B 563 -26.54 0.42 14.23
N GLY B 564 -25.57 0.69 13.37
CA GLY B 564 -25.83 0.86 11.95
C GLY B 564 -26.41 -0.35 11.23
N PRO B 565 -27.04 -0.15 10.06
CA PRO B 565 -27.65 -1.20 9.25
C PRO B 565 -26.72 -2.26 8.69
N VAL B 566 -25.58 -1.83 8.15
CA VAL B 566 -24.64 -2.79 7.59
C VAL B 566 -24.08 -3.68 8.69
N THR B 567 -23.92 -3.13 9.90
CA THR B 567 -23.40 -3.93 11.00
C THR B 567 -24.45 -4.97 11.43
N ILE B 568 -25.70 -4.55 11.61
CA ILE B 568 -26.76 -5.47 12.01
C ILE B 568 -26.86 -6.65 11.05
N MET B 569 -26.78 -6.38 9.74
CA MET B 569 -26.89 -7.46 8.77
C MET B 569 -25.59 -8.24 8.61
N SER B 570 -24.46 -7.56 8.82
CA SER B 570 -23.15 -8.17 8.70
C SER B 570 -22.84 -9.23 9.78
N TRP B 571 -23.42 -9.07 10.96
CA TRP B 571 -23.19 -10.01 12.05
C TRP B 571 -24.23 -11.11 12.05
N SER B 572 -25.16 -11.07 11.09
CA SER B 572 -26.22 -12.07 11.05
C SER B 572 -26.25 -12.82 9.73
N TYR B 573 -27.02 -13.89 9.70
CA TYR B 573 -27.22 -14.65 8.46
C TYR B 573 -28.39 -13.91 7.83
N TYR B 574 -28.55 -14.03 6.51
CA TYR B 574 -29.66 -13.34 5.85
C TYR B 574 -30.04 -14.01 4.55
N ARG B 575 -31.26 -13.72 4.08
CA ARG B 575 -31.78 -14.28 2.84
C ARG B 575 -30.89 -13.97 1.64
N GLU B 576 -30.76 -14.94 0.74
CA GLU B 576 -29.94 -14.75 -0.45
C GLU B 576 -30.77 -14.50 -1.70
N ASP B 577 -32.10 -14.59 -1.58
CA ASP B 577 -32.96 -14.37 -2.73
C ASP B 577 -33.24 -12.90 -3.06
N ILE B 578 -32.60 -11.99 -2.33
CA ILE B 578 -32.76 -10.57 -2.60
C ILE B 578 -31.41 -9.90 -2.45
N PRO B 579 -31.18 -8.81 -3.20
CA PRO B 579 -29.90 -8.10 -3.13
C PRO B 579 -29.58 -7.56 -1.73
N GLU B 580 -28.31 -7.68 -1.35
CA GLU B 580 -27.85 -7.22 -0.04
C GLU B 580 -28.28 -5.81 0.29
N ARG B 581 -28.10 -4.89 -0.65
CA ARG B 581 -28.46 -3.50 -0.40
C ARG B 581 -29.92 -3.34 -0.03
N GLU B 582 -30.75 -4.26 -0.50
CA GLU B 582 -32.16 -4.16 -0.18
C GLU B 582 -32.38 -4.50 1.29
N ILE B 583 -31.70 -5.54 1.76
CA ILE B 583 -31.83 -5.92 3.17
C ILE B 583 -31.31 -4.76 4.00
N ALA B 584 -30.16 -4.24 3.61
CA ALA B 584 -29.54 -3.12 4.30
C ALA B 584 -30.45 -1.89 4.35
N TYR B 585 -31.14 -1.57 3.26
CA TYR B 585 -32.03 -0.41 3.28
C TYR B 585 -33.24 -0.67 4.15
N GLN B 586 -33.72 -1.91 4.19
CA GLN B 586 -34.88 -2.24 5.03
C GLN B 586 -34.56 -1.98 6.49
N ILE B 587 -33.38 -2.45 6.91
CA ILE B 587 -32.93 -2.28 8.29
C ILE B 587 -32.71 -0.80 8.53
N ALA B 588 -32.11 -0.12 7.56
CA ALA B 588 -31.83 1.30 7.65
C ALA B 588 -33.11 2.11 7.89
N LEU B 589 -34.18 1.79 7.15
CA LEU B 589 -35.44 2.49 7.33
C LEU B 589 -35.95 2.29 8.74
N ALA B 590 -35.81 1.07 9.26
CA ALA B 590 -36.25 0.74 10.60
C ALA B 590 -35.47 1.54 11.64
N ILE B 591 -34.17 1.67 11.42
CA ILE B 591 -33.32 2.43 12.33
C ILE B 591 -33.67 3.92 12.28
N ASN B 592 -33.97 4.43 11.10
CA ASN B 592 -34.31 5.83 11.00
C ASN B 592 -35.62 6.16 11.72
N GLU B 593 -36.55 5.20 11.73
CA GLU B 593 -37.82 5.40 12.43
C GLU B 593 -37.52 5.52 13.92
N GLU B 594 -36.51 4.77 14.38
CA GLU B 594 -36.10 4.82 15.78
C GLU B 594 -35.49 6.20 16.03
N VAL B 595 -34.69 6.65 15.06
CA VAL B 595 -34.04 7.95 15.12
C VAL B 595 -35.09 9.05 15.23
N LYS B 596 -36.16 8.93 14.46
CA LYS B 596 -37.23 9.93 14.47
C LYS B 596 -37.95 9.97 15.81
N ASP B 597 -38.26 8.80 16.38
CA ASP B 597 -38.93 8.78 17.69
C ASP B 597 -38.00 9.45 18.71
N LEU B 598 -36.69 9.26 18.56
CA LEU B 598 -35.73 9.86 19.47
C LEU B 598 -35.80 11.38 19.39
N GLU B 599 -35.90 11.91 18.18
CA GLU B 599 -35.97 13.34 18.01
C GLU B 599 -37.27 13.85 18.61
N GLU B 600 -38.37 13.16 18.31
CA GLU B 600 -39.67 13.55 18.83
C GLU B 600 -39.63 13.61 20.35
N ALA B 601 -38.87 12.69 20.97
CA ALA B 601 -38.75 12.61 22.43
C ALA B 601 -37.80 13.66 22.99
N GLY B 602 -37.18 14.44 22.11
CA GLY B 602 -36.28 15.48 22.57
C GLY B 602 -34.80 15.11 22.65
N ILE B 603 -34.38 13.94 22.17
CA ILE B 603 -32.95 13.62 22.25
C ILE B 603 -32.27 14.49 21.21
N LYS B 604 -31.22 15.20 21.61
CA LYS B 604 -30.53 16.11 20.70
C LYS B 604 -29.34 15.51 19.95
N ILE B 605 -28.78 14.42 20.47
CA ILE B 605 -27.63 13.77 19.84
C ILE B 605 -27.86 12.28 19.71
N VAL B 606 -27.64 11.75 18.52
CA VAL B 606 -27.81 10.32 18.28
C VAL B 606 -26.55 9.71 17.68
N GLN B 607 -26.04 8.66 18.31
CA GLN B 607 -24.86 7.99 17.82
C GLN B 607 -25.24 6.68 17.12
N ILE B 608 -24.60 6.42 15.99
CA ILE B 608 -24.84 5.21 15.22
C ILE B 608 -23.50 4.51 14.97
N ASP B 609 -23.33 3.34 15.55
CA ASP B 609 -22.08 2.57 15.40
C ASP B 609 -22.14 1.66 14.17
N GLU B 610 -21.20 1.84 13.25
CA GLU B 610 -21.18 1.03 12.04
C GLU B 610 -19.81 0.37 11.81
N PRO B 611 -19.40 -0.52 12.72
CA PRO B 611 -18.09 -1.16 12.53
C PRO B 611 -17.96 -1.96 11.23
N ALA B 612 -19.06 -2.51 10.73
CA ALA B 612 -19.03 -3.29 9.50
C ALA B 612 -18.79 -2.46 8.25
N PHE B 613 -18.82 -1.14 8.36
CA PHE B 613 -18.61 -0.26 7.21
C PHE B 613 -17.38 -0.71 6.40
N ARG B 614 -16.29 -0.98 7.12
CA ARG B 614 -15.07 -1.45 6.49
C ARG B 614 -14.96 -2.98 6.60
N GLU B 615 -15.34 -3.52 7.75
CA GLU B 615 -15.24 -4.96 7.98
C GLU B 615 -16.04 -5.81 7.02
N LYS B 616 -17.13 -5.26 6.49
CA LYS B 616 -17.98 -5.99 5.58
C LYS B 616 -17.61 -5.77 4.10
N ALA B 617 -16.59 -4.96 3.85
CA ALA B 617 -16.17 -4.69 2.48
C ALA B 617 -15.61 -5.96 1.83
N PRO B 618 -15.77 -6.11 0.50
CA PRO B 618 -15.27 -7.30 -0.20
C PRO B 618 -13.76 -7.49 -0.02
N ILE B 619 -13.32 -8.75 -0.08
CA ILE B 619 -11.91 -9.07 0.05
C ILE B 619 -11.13 -8.36 -1.08
N LYS B 620 -11.74 -8.31 -2.25
CA LYS B 620 -11.15 -7.64 -3.40
C LYS B 620 -11.46 -6.14 -3.29
N LYS B 621 -10.42 -5.33 -3.15
CA LYS B 621 -10.60 -3.90 -3.06
C LYS B 621 -11.14 -3.39 -4.38
N SER B 622 -10.96 -4.18 -5.45
CA SER B 622 -11.45 -3.79 -6.77
C SER B 622 -12.97 -3.78 -6.80
N LYS B 623 -13.60 -4.39 -5.80
CA LYS B 623 -15.06 -4.43 -5.74
C LYS B 623 -15.61 -3.43 -4.74
N TRP B 624 -14.73 -2.62 -4.14
CA TRP B 624 -15.18 -1.64 -3.16
C TRP B 624 -16.12 -0.56 -3.67
N PRO B 625 -15.91 -0.08 -4.91
CA PRO B 625 -16.81 0.95 -5.44
C PRO B 625 -18.30 0.61 -5.32
N GLU B 626 -18.67 -0.59 -5.75
CA GLU B 626 -20.07 -1.02 -5.70
C GLU B 626 -20.52 -1.19 -4.26
N TYR B 627 -19.69 -1.82 -3.43
CA TYR B 627 -20.03 -2.04 -2.04
C TYR B 627 -20.28 -0.73 -1.29
N PHE B 628 -19.28 0.13 -1.26
CA PHE B 628 -19.42 1.39 -0.56
C PHE B 628 -20.57 2.24 -1.08
N GLU B 629 -20.99 2.00 -2.31
CA GLU B 629 -22.09 2.77 -2.86
C GLU B 629 -23.37 2.56 -2.03
N TRP B 630 -23.67 1.32 -1.65
CA TRP B 630 -24.87 1.06 -0.86
C TRP B 630 -24.64 1.08 0.64
N ALA B 631 -23.40 0.88 1.08
CA ALA B 631 -23.10 0.93 2.49
C ALA B 631 -23.29 2.39 2.91
N ILE B 632 -22.83 3.30 2.05
CA ILE B 632 -22.96 4.72 2.29
C ILE B 632 -24.45 5.08 2.33
N ASN B 633 -25.16 4.73 1.27
CA ASN B 633 -26.59 4.99 1.19
C ASN B 633 -27.33 4.43 2.40
N ALA B 634 -27.02 3.19 2.79
CA ALA B 634 -27.68 2.58 3.93
C ALA B 634 -27.42 3.39 5.20
N PHE B 635 -26.18 3.77 5.44
CA PHE B 635 -25.88 4.56 6.64
C PHE B 635 -26.65 5.87 6.63
N ASN B 636 -26.60 6.57 5.50
CA ASN B 636 -27.29 7.86 5.38
C ASN B 636 -28.79 7.74 5.52
N LEU B 637 -29.36 6.62 5.10
CA LEU B 637 -30.80 6.44 5.23
C LEU B 637 -31.09 6.38 6.72
N ALA B 638 -30.32 5.58 7.44
CA ALA B 638 -30.51 5.43 8.87
C ALA B 638 -30.26 6.76 9.59
N ALA B 639 -29.29 7.53 9.10
CA ALA B 639 -28.92 8.81 9.71
C ALA B 639 -29.61 10.04 9.12
N ASN B 640 -30.63 9.83 8.31
CA ASN B 640 -31.36 10.94 7.71
C ASN B 640 -32.12 11.63 8.84
N ALA B 641 -31.42 12.43 9.62
CA ALA B 641 -32.02 13.12 10.75
C ALA B 641 -32.22 14.60 10.48
N ARG B 642 -33.09 15.23 11.26
CA ARG B 642 -33.38 16.65 11.13
C ARG B 642 -32.09 17.44 11.37
N PRO B 643 -32.00 18.65 10.82
CA PRO B 643 -30.84 19.52 10.95
C PRO B 643 -30.33 19.71 12.39
N GLU B 644 -31.24 19.98 13.32
CA GLU B 644 -30.88 20.19 14.70
C GLU B 644 -30.42 18.96 15.47
N THR B 645 -30.48 17.79 14.83
CA THR B 645 -30.05 16.58 15.50
C THR B 645 -28.61 16.24 15.16
N GLN B 646 -27.73 16.26 16.16
CA GLN B 646 -26.33 15.97 15.91
C GLN B 646 -26.11 14.46 15.79
N ILE B 647 -25.60 14.05 14.63
CA ILE B 647 -25.34 12.65 14.34
C ILE B 647 -23.87 12.32 14.56
N HIS B 648 -23.62 11.33 15.42
CA HIS B 648 -22.26 10.88 15.72
C HIS B 648 -22.03 9.48 15.17
N ALA B 649 -20.95 9.31 14.41
CA ALA B 649 -20.62 8.01 13.85
C ALA B 649 -19.36 7.54 14.57
N HIS B 650 -19.33 6.27 14.94
CA HIS B 650 -18.19 5.73 15.67
C HIS B 650 -17.59 4.48 14.99
N MET B 651 -16.27 4.49 14.83
CA MET B 651 -15.56 3.36 14.22
C MET B 651 -14.18 3.24 14.87
N CYS B 652 -13.84 2.05 15.36
CA CYS B 652 -12.55 1.87 16.00
C CYS B 652 -11.48 1.21 15.11
N TYR B 653 -11.31 1.75 13.89
CA TYR B 653 -10.32 1.27 12.92
C TYR B 653 -8.95 1.90 13.25
N SER B 654 -7.88 1.19 12.93
CA SER B 654 -6.54 1.73 13.21
C SER B 654 -6.00 2.69 12.15
N ASP B 655 -6.68 2.77 11.00
CA ASP B 655 -6.26 3.67 9.93
C ASP B 655 -7.42 3.97 8.96
N PHE B 656 -7.44 5.17 8.40
CA PHE B 656 -8.51 5.56 7.48
C PHE B 656 -8.05 5.97 6.06
N ASN B 657 -6.77 5.79 5.74
CA ASN B 657 -6.28 6.19 4.42
C ASN B 657 -6.96 5.51 3.23
N GLU B 658 -7.33 4.24 3.40
CA GLU B 658 -7.96 3.51 2.31
C GLU B 658 -9.46 3.72 2.19
N ILE B 659 -10.09 4.26 3.22
CA ILE B 659 -11.53 4.46 3.18
C ILE B 659 -12.01 5.89 3.40
N ILE B 660 -11.08 6.80 3.65
CA ILE B 660 -11.39 8.20 3.92
C ILE B 660 -12.34 8.86 2.90
N GLU B 661 -12.20 8.51 1.63
CA GLU B 661 -13.05 9.09 0.62
C GLU B 661 -14.49 8.56 0.73
N TYR B 662 -14.66 7.41 1.37
CA TYR B 662 -16.01 6.85 1.56
C TYR B 662 -16.60 7.42 2.85
N ILE B 663 -15.74 7.55 3.87
CA ILE B 663 -16.18 8.12 5.15
C ILE B 663 -16.72 9.52 4.90
N HIS B 664 -16.03 10.30 4.09
CA HIS B 664 -16.43 11.67 3.78
C HIS B 664 -17.88 11.76 3.31
N GLN B 665 -18.34 10.76 2.56
CA GLN B 665 -19.71 10.75 2.03
C GLN B 665 -20.80 10.35 3.04
N LEU B 666 -20.40 10.06 4.28
CA LEU B 666 -21.37 9.70 5.31
C LEU B 666 -21.84 10.98 5.94
N GLU B 667 -23.16 11.19 5.99
CA GLU B 667 -23.69 12.41 6.55
C GLU B 667 -23.79 12.52 8.08
N PHE B 668 -22.70 12.21 8.77
CA PHE B 668 -22.67 12.33 10.22
C PHE B 668 -22.21 13.76 10.50
N ASP B 669 -22.23 14.18 11.75
CA ASP B 669 -21.79 15.53 12.09
C ASP B 669 -20.50 15.40 12.88
N VAL B 670 -20.36 14.30 13.58
CA VAL B 670 -19.17 14.04 14.39
C VAL B 670 -18.78 12.58 14.24
N ILE B 671 -17.51 12.33 13.99
CA ILE B 671 -17.02 10.96 13.88
C ILE B 671 -15.96 10.78 14.96
N SER B 672 -16.13 9.79 15.83
CA SER B 672 -15.16 9.51 16.88
C SER B 672 -14.23 8.41 16.41
N ILE B 673 -12.95 8.52 16.74
CA ILE B 673 -11.95 7.53 16.32
C ILE B 673 -11.00 7.18 17.45
N GLU B 674 -10.31 6.05 17.32
CA GLU B 674 -9.35 5.60 18.33
C GLU B 674 -7.97 6.13 17.94
N ALA B 675 -7.41 7.02 18.75
CA ALA B 675 -6.11 7.62 18.42
C ALA B 675 -4.98 7.41 19.43
N SER B 676 -5.22 6.65 20.49
CA SER B 676 -4.19 6.43 21.50
C SER B 676 -2.99 5.65 20.96
N ARG B 677 -3.24 4.47 20.38
CA ARG B 677 -2.17 3.64 19.85
C ARG B 677 -1.17 4.39 18.97
N SER B 678 -1.67 5.24 18.08
CA SER B 678 -0.79 6.00 17.19
C SER B 678 -0.40 7.34 17.79
N LYS B 679 -0.85 7.60 19.00
CA LYS B 679 -0.55 8.87 19.66
C LYS B 679 -0.97 10.05 18.77
N GLY B 680 -2.08 9.86 18.06
CA GLY B 680 -2.61 10.92 17.20
C GLY B 680 -2.25 10.90 15.73
N GLU B 681 -1.23 10.15 15.36
CA GLU B 681 -0.81 10.10 13.96
C GLU B 681 -1.91 9.60 13.03
N ILE B 682 -2.89 8.92 13.60
CA ILE B 682 -4.01 8.41 12.82
C ILE B 682 -4.78 9.59 12.21
N ILE B 683 -4.48 10.80 12.67
CA ILE B 683 -5.18 11.98 12.18
C ILE B 683 -4.73 12.38 10.77
N SER B 684 -3.61 11.81 10.33
CA SER B 684 -3.05 12.10 9.01
C SER B 684 -4.08 12.04 7.88
N ALA B 685 -4.83 10.94 7.81
CA ALA B 685 -5.84 10.77 6.77
C ALA B 685 -6.82 11.94 6.72
N PHE B 686 -7.10 12.53 7.88
CA PHE B 686 -8.02 13.64 7.96
C PHE B 686 -7.40 14.99 7.62
N GLU B 687 -6.20 15.28 8.14
CA GLU B 687 -5.56 16.55 7.85
C GLU B 687 -5.16 16.69 6.39
N ASN B 688 -5.00 15.56 5.71
CA ASN B 688 -4.63 15.58 4.29
C ASN B 688 -5.82 15.54 3.33
N PHE B 689 -7.02 15.48 3.89
CA PHE B 689 -8.21 15.45 3.04
C PHE B 689 -8.70 16.87 2.81
N LYS B 690 -8.47 17.38 1.60
CA LYS B 690 -8.87 18.74 1.26
C LYS B 690 -10.35 18.92 1.49
N GLY B 691 -10.70 19.97 2.23
CA GLY B 691 -12.10 20.24 2.48
C GLY B 691 -12.70 19.53 3.68
N TRP B 692 -11.88 18.87 4.50
CA TRP B 692 -12.45 18.20 5.66
C TRP B 692 -12.85 19.31 6.61
N ILE B 693 -14.10 19.30 7.05
CA ILE B 693 -14.57 20.35 7.91
C ILE B 693 -15.43 19.86 9.09
N LYS B 694 -15.62 18.55 9.19
CA LYS B 694 -16.44 17.98 10.25
C LYS B 694 -15.70 17.69 11.56
N GLN B 695 -16.47 17.62 12.65
CA GLN B 695 -15.93 17.37 13.98
C GLN B 695 -15.39 15.97 14.15
N ILE B 696 -14.38 15.85 15.00
CA ILE B 696 -13.74 14.57 15.27
C ILE B 696 -13.59 14.31 16.76
N GLY B 697 -14.09 13.15 17.20
CA GLY B 697 -13.99 12.79 18.59
C GLY B 697 -12.72 12.00 18.78
N VAL B 698 -11.69 12.67 19.27
CA VAL B 698 -10.38 12.03 19.47
C VAL B 698 -10.23 11.14 20.71
N GLY B 699 -9.94 9.86 20.48
CA GLY B 699 -9.75 8.93 21.59
C GLY B 699 -8.34 9.11 22.14
N VAL B 700 -8.24 9.36 23.44
CA VAL B 700 -6.95 9.57 24.08
C VAL B 700 -6.61 8.51 25.12
N TRP B 701 -7.43 7.47 25.18
CA TRP B 701 -7.21 6.42 26.16
C TRP B 701 -7.48 5.03 25.59
N ASP B 702 -6.46 4.18 25.67
CA ASP B 702 -6.54 2.82 25.19
C ASP B 702 -7.34 1.96 26.17
N ILE B 703 -8.59 1.67 25.81
CA ILE B 703 -9.50 0.90 26.64
C ILE B 703 -9.25 -0.61 26.65
N HIS B 704 -8.15 -1.03 26.03
CA HIS B 704 -7.78 -2.44 26.00
C HIS B 704 -6.65 -2.59 27.00
N SER B 705 -6.47 -1.56 27.82
CA SER B 705 -5.45 -1.54 28.84
C SER B 705 -6.03 -1.15 30.19
N PRO B 706 -5.60 -1.83 31.27
CA PRO B 706 -6.06 -1.57 32.64
C PRO B 706 -5.43 -0.30 33.20
N ALA B 707 -4.30 0.07 32.64
CA ALA B 707 -3.55 1.25 33.08
C ALA B 707 -4.36 2.53 32.97
N VAL B 708 -4.04 3.49 33.83
CA VAL B 708 -4.70 4.77 33.86
C VAL B 708 -3.84 5.80 33.12
N PRO B 709 -4.31 6.28 31.96
CA PRO B 709 -3.58 7.26 31.16
C PRO B 709 -3.30 8.50 31.97
N SER B 710 -2.08 9.04 31.84
CA SER B 710 -1.71 10.24 32.56
C SER B 710 -2.19 11.44 31.75
N ILE B 711 -2.39 12.56 32.44
CA ILE B 711 -2.84 13.77 31.77
C ILE B 711 -1.89 14.12 30.63
N ASN B 712 -0.59 14.01 30.89
CA ASN B 712 0.41 14.32 29.87
C ASN B 712 0.37 13.35 28.71
N GLU B 713 0.01 12.10 28.97
CA GLU B 713 -0.07 11.12 27.91
C GLU B 713 -1.16 11.52 26.94
N MET B 714 -2.32 11.90 27.48
CA MET B 714 -3.44 12.31 26.64
C MET B 714 -3.15 13.62 25.93
N ARG B 715 -2.45 14.52 26.62
CA ARG B 715 -2.11 15.82 26.07
C ARG B 715 -1.34 15.69 24.76
N GLU B 716 -0.36 14.78 24.73
CA GLU B 716 0.42 14.58 23.50
C GLU B 716 -0.51 14.29 22.32
N ILE B 717 -1.51 13.46 22.55
CA ILE B 717 -2.46 13.08 21.52
C ILE B 717 -3.28 14.28 21.03
N VAL B 718 -3.88 15.03 21.94
CA VAL B 718 -4.68 16.18 21.54
C VAL B 718 -3.84 17.21 20.77
N GLU B 719 -2.62 17.45 21.23
CA GLU B 719 -1.75 18.42 20.56
C GLU B 719 -1.37 18.00 19.14
N ARG B 720 -1.17 16.70 18.94
CA ARG B 720 -0.83 16.22 17.60
C ARG B 720 -2.01 16.47 16.67
N VAL B 721 -3.21 16.18 17.17
CA VAL B 721 -4.42 16.37 16.37
C VAL B 721 -4.66 17.85 16.07
N LEU B 722 -4.17 18.73 16.95
CA LEU B 722 -4.33 20.17 16.76
C LEU B 722 -3.23 20.81 15.91
N ARG B 723 -2.39 19.99 15.28
CA ARG B 723 -1.33 20.51 14.44
C ARG B 723 -1.85 21.30 13.24
N VAL B 724 -2.86 20.76 12.55
CA VAL B 724 -3.41 21.42 11.38
C VAL B 724 -4.90 21.73 11.46
N LEU B 725 -5.67 20.83 12.06
CA LEU B 725 -7.12 21.01 12.17
C LEU B 725 -7.57 22.03 13.22
N PRO B 726 -8.58 22.85 12.87
CA PRO B 726 -9.12 23.87 13.77
C PRO B 726 -9.60 23.27 15.08
N LYS B 727 -9.25 23.92 16.19
CA LYS B 727 -9.61 23.45 17.52
C LYS B 727 -11.09 23.19 17.76
N GLU B 728 -11.96 23.98 17.13
CA GLU B 728 -13.40 23.80 17.31
C GLU B 728 -13.96 22.50 16.72
N LEU B 729 -13.11 21.70 16.09
CA LEU B 729 -13.55 20.43 15.50
C LEU B 729 -13.34 19.26 16.46
N ILE B 730 -12.47 19.46 17.45
CA ILE B 730 -12.11 18.40 18.38
C ILE B 730 -12.97 18.13 19.61
N TRP B 731 -13.24 16.85 19.82
CA TRP B 731 -13.97 16.36 20.97
C TRP B 731 -12.94 15.43 21.65
N ILE B 732 -13.06 15.22 22.95
CA ILE B 732 -12.13 14.31 23.64
C ILE B 732 -12.94 13.19 24.27
N ASN B 733 -12.54 11.95 24.00
CA ASN B 733 -13.25 10.78 24.51
C ASN B 733 -12.34 9.56 24.63
N PRO B 734 -12.88 8.46 25.17
CA PRO B 734 -12.08 7.24 25.30
C PRO B 734 -11.97 6.66 23.90
N ASP B 735 -11.10 5.68 23.71
CA ASP B 735 -10.92 5.08 22.38
C ASP B 735 -12.17 4.38 21.85
N CYS B 736 -12.63 3.36 22.56
CA CYS B 736 -13.82 2.61 22.13
C CYS B 736 -14.71 2.30 23.35
N GLY B 737 -15.37 1.14 23.34
CA GLY B 737 -16.23 0.79 24.47
C GLY B 737 -15.49 0.58 25.77
N LEU B 738 -16.21 0.61 26.90
CA LEU B 738 -15.61 0.43 28.23
C LEU B 738 -16.13 -0.80 28.98
N LYS B 739 -16.99 -1.58 28.33
CA LYS B 739 -17.56 -2.76 28.97
C LYS B 739 -16.56 -3.83 29.42
N THR B 740 -15.37 -3.85 28.83
CA THR B 740 -14.37 -4.83 29.21
C THR B 740 -13.57 -4.42 30.45
N ARG B 741 -13.55 -3.12 30.74
CA ARG B 741 -12.81 -2.61 31.90
C ARG B 741 -13.62 -2.69 33.21
N ASN B 742 -12.98 -2.30 34.31
CA ASN B 742 -13.62 -2.29 35.63
C ASN B 742 -13.79 -0.83 36.05
N TRP B 743 -14.78 -0.55 36.89
CA TRP B 743 -15.02 0.81 37.32
C TRP B 743 -13.78 1.43 37.99
N ASP B 744 -13.01 0.61 38.70
CA ASP B 744 -11.81 1.07 39.39
C ASP B 744 -10.84 1.75 38.44
N GLU B 745 -10.82 1.29 37.20
CA GLU B 745 -9.93 1.82 36.18
C GLU B 745 -10.59 2.96 35.39
N VAL B 746 -11.88 2.77 35.09
CA VAL B 746 -12.64 3.74 34.32
C VAL B 746 -12.75 5.13 34.96
N ILE B 747 -13.14 5.17 36.23
CA ILE B 747 -13.32 6.44 36.94
C ILE B 747 -12.09 7.35 36.96
N PRO B 748 -10.93 6.86 37.46
CA PRO B 748 -9.74 7.73 37.48
C PRO B 748 -9.26 8.17 36.09
N SER B 749 -9.44 7.32 35.08
CA SER B 749 -9.02 7.65 33.72
C SER B 749 -9.92 8.77 33.19
N LEU B 750 -11.21 8.63 33.47
CA LEU B 750 -12.21 9.61 33.05
C LEU B 750 -11.95 10.98 33.70
N ARG B 751 -11.59 10.97 34.99
CA ARG B 751 -11.31 12.22 35.68
C ARG B 751 -10.15 12.92 35.00
N ASN B 752 -9.14 12.14 34.61
CA ASN B 752 -7.97 12.68 33.94
C ASN B 752 -8.34 13.23 32.57
N MET B 753 -9.26 12.57 31.89
CA MET B 753 -9.69 13.02 30.58
C MET B 753 -10.32 14.40 30.71
N VAL B 754 -11.14 14.58 31.74
CA VAL B 754 -11.79 15.86 31.98
C VAL B 754 -10.75 16.92 32.33
N ALA B 755 -9.84 16.57 33.24
CA ALA B 755 -8.77 17.50 33.66
C ALA B 755 -8.03 18.03 32.45
N LEU B 756 -7.67 17.12 31.56
CA LEU B 756 -6.95 17.47 30.36
C LEU B 756 -7.77 18.45 29.53
N ALA B 757 -9.00 18.09 29.23
CA ALA B 757 -9.88 18.95 28.44
C ALA B 757 -9.89 20.36 29.02
N LYS B 758 -10.04 20.44 30.35
CA LYS B 758 -10.06 21.73 31.02
C LYS B 758 -8.76 22.48 30.72
N GLU B 759 -7.63 21.80 30.86
CA GLU B 759 -6.33 22.41 30.58
C GLU B 759 -6.26 22.93 29.15
N MET B 760 -6.63 22.09 28.18
CA MET B 760 -6.59 22.51 26.78
C MET B 760 -7.43 23.75 26.53
N ARG B 761 -8.60 23.82 27.17
CA ARG B 761 -9.46 24.97 26.99
C ARG B 761 -8.74 26.24 27.44
N GLU B 762 -7.92 26.11 28.48
CA GLU B 762 -7.16 27.24 28.99
C GLU B 762 -6.03 27.57 28.02
N LYS B 763 -5.29 26.54 27.59
CA LYS B 763 -4.19 26.74 26.66
C LYS B 763 -4.68 27.45 25.40
S SO4 C . 27.25 -4.67 9.95
O1 SO4 C . 27.27 -5.13 11.36
O2 SO4 C . 25.92 -4.95 9.38
O3 SO4 C . 27.51 -3.23 9.89
O4 SO4 C . 28.27 -5.37 9.16
N1 C2F D . 19.75 14.10 -7.90
C2 C2F D . 19.19 12.89 -7.83
NA2 C2F D . 18.79 12.41 -6.65
N3 C2F D . 19.02 12.15 -8.95
C4 C2F D . 19.41 12.62 -10.14
O4 C2F D . 19.19 11.86 -11.25
C4A C2F D . 19.99 13.87 -10.26
N5 C2F D . 20.24 14.43 -11.45
C6 C2F D . 20.52 15.87 -11.53
C7 C2F D . 21.42 16.31 -10.37
N8 C2F D . 20.85 15.82 -9.09
C8A C2F D . 20.16 14.61 -9.08
C9 C2F D . 19.19 16.61 -11.53
N10 C2F D . 19.27 17.94 -10.90
C11 C2F D . 20.88 13.56 -12.45
C12 C2F D . 20.76 21.40 -12.61
C13 C2F D . 20.25 21.40 -11.31
C14 C2F D . 19.75 20.22 -10.75
C15 C2F D . 19.75 19.04 -11.49
C16 C2F D . 20.25 19.05 -12.78
C17 C2F D . 20.75 20.21 -13.34
C C2F D . 21.32 22.70 -13.19
O C2F D . 21.18 23.76 -12.58
N C2F D . 21.94 22.58 -14.36
CA C2F D . 22.53 23.74 -15.04
CB C2F D . 24.02 23.53 -15.28
CG C2F D . 24.78 23.45 -13.95
CD C2F D . 26.29 23.28 -14.18
OE1 C2F D . 26.98 24.33 -14.17
OE2 C2F D . 26.72 22.13 -14.37
CT C2F D . 21.82 23.98 -16.38
O1 C2F D . 22.35 24.80 -17.16
O2 C2F D . 20.76 23.34 -16.59
OAB MRY E . 6.38 1.87 -10.59
CAA MRY E . 6.86 3.15 -10.97
CAC MRY E . 6.30 4.21 -10.02
OAD MRY E . 6.70 3.89 -8.68
CAE MRY E . 6.78 5.62 -10.37
OAF MRY E . 8.21 5.66 -10.31
CAG MRY E . 6.32 6.07 -11.75
OAH MRY E . 6.79 7.40 -12.01
S SO4 F . -23.07 16.52 4.42
O1 SO4 F . -24.48 16.35 4.04
O2 SO4 F . -22.21 15.74 3.50
O3 SO4 F . -22.68 17.95 4.33
O4 SO4 F . -22.87 16.06 5.80
OAB MRY G . -7.27 -8.68 1.18
CAA MRY G . -7.69 -9.45 2.32
CAC MRY G . -6.94 -8.96 3.56
OAD MRY G . -7.19 -7.56 3.76
CAE MRY G . -7.34 -9.72 4.82
OAF MRY G . -8.75 -9.60 5.02
CAG MRY G . -6.97 -11.20 4.75
OAH MRY G . -7.36 -11.85 5.97
N1 C2F H . -17.00 -6.70 16.72
C2 C2F H . -16.67 -6.45 15.45
NA2 C2F H . -16.06 -5.30 15.15
N3 C2F H . -16.95 -7.34 14.48
C4 C2F H . -17.57 -8.49 14.77
O4 C2F H . -17.82 -9.37 13.75
C4A C2F H . -17.93 -8.80 16.07
N5 C2F H . -18.36 -10.02 16.42
C6 C2F H . -18.36 -10.42 17.84
C7 C2F H . -18.80 -9.26 18.72
N8 C2F H . -18.03 -8.04 18.37
C8A C2F H . -17.62 -7.85 17.05
C9 C2F H . -16.94 -10.89 18.19
N10 C2F H . -16.62 -10.63 19.60
C11 C2F H . -19.41 -10.59 15.55
C12 C2F H . -17.88 -12.81 22.87
C13 C2F H . -17.05 -11.70 23.03
C14 C2F H . -16.62 -10.99 21.91
C15 C2F H . -17.02 -11.38 20.63
C16 C2F H . -17.84 -12.50 20.47
C17 C2F H . -18.27 -13.20 21.60
C C2F H . -18.40 -13.52 24.12
O C2F H . -18.03 -13.17 25.24
N C2F H . -19.25 -14.52 23.91
CA C2F H . -19.84 -15.29 25.02
CB C2F H . -21.36 -15.17 24.98
CG C2F H . -21.80 -13.72 25.22
CD C2F H . -23.32 -13.57 25.15
OE1 C2F H . -23.99 -14.09 26.08
OE2 C2F H . -23.78 -12.91 24.20
CT C2F H . -19.41 -16.76 24.95
O1 C2F H . -20.10 -17.59 25.59
O2 C2F H . -18.39 -17.02 24.27
#